data_2FTY
#
_entry.id   2FTY
#
_cell.length_a   91.428
_cell.length_b   73.320
_cell.length_c   162.181
_cell.angle_alpha   90.00
_cell.angle_beta   91.59
_cell.angle_gamma   90.00
#
_symmetry.space_group_name_H-M   'P 1 21 1'
#
loop_
_entity.id
_entity.type
_entity.pdbx_description
1 polymer dihydropyrimidinase
2 non-polymer 'ZINC ION'
3 water water
#
_entity_poly.entity_id   1
_entity_poly.type   'polypeptide(L)'
_entity_poly.pdbx_seq_one_letter_code
;PIYDLIIKNGIICTASDIYAAEIAVNNGKVQLIAASIDPSLGSEVIDAEGAFITPGGIDAHVHVDEPLKLLGDVVDTMEH
ATRSAVAGGTTTVVAFSTQDVSKKGPSALAESVKLDVDEYSEQTLYCDYGLHLILFQIEKPSVEARELLDVQLQAAYNDY
GVSSV(KCX)MFMTYPGLQISDYDIMSAMYATRKNGFTTMLHAENGDMVKWMIEALEEQGLTDAYYHGVSRPSIVEGEAT
NRAITLATTMDTPILFVHVSSPQAAEVIKQAQTKGLKVYAETCPQYALLSDAITRCHHHGEVESYGVGIDLSSISESPFT
NPDDRFIGSKYICSPPIRPEGTQKSIWKGMNNGTFTIVGSDHCSYNYYEKTSTASKHRAFDPENNKNGEFRYIPNGLPGV
CTRMPLLYDYGYLRGNLTSMMKLVEIQCTNPAKVYGMYPQKGSILPGVSDADLVIWYPDDSKKEYNSKPKLITNKLMEHN
CDYTPFEGIEIKNWPRYTIVKGKIVYKEGEILKENADGKYLKRGKSFMCTPKNEWVTEWRPKYESPGDDDDKHHHHHHHH
SGD
;
_entity_poly.pdbx_strand_id   A,B,C,D
#
# COMPACT_ATOMS: atom_id res chain seq x y z
N PRO A 1 -15.88 -59.10 -2.35
CA PRO A 1 -17.25 -58.73 -2.57
C PRO A 1 -18.01 -58.21 -1.34
N ILE A 2 -17.35 -57.43 -0.50
CA ILE A 2 -18.04 -56.48 0.35
C ILE A 2 -17.90 -55.09 -0.29
N TYR A 3 -16.77 -54.87 -0.95
CA TYR A 3 -16.46 -53.62 -1.64
C TYR A 3 -16.22 -53.88 -3.12
N ASP A 4 -16.67 -52.92 -3.94
CA ASP A 4 -16.47 -52.93 -5.38
C ASP A 4 -15.00 -52.72 -5.73
N LEU A 5 -14.32 -51.84 -4.99
CA LEU A 5 -12.94 -51.45 -5.32
C LEU A 5 -12.10 -51.14 -4.08
N ILE A 6 -10.86 -51.63 -4.11
CA ILE A 6 -9.87 -51.34 -3.08
C ILE A 6 -8.61 -50.75 -3.73
N ILE A 7 -8.18 -49.58 -3.25
CA ILE A 7 -6.92 -48.98 -3.71
C ILE A 7 -5.84 -49.11 -2.64
N LYS A 8 -4.83 -49.91 -2.95
CA LYS A 8 -3.77 -50.22 -2.00
C LYS A 8 -2.45 -49.52 -2.35
N ASN A 9 -1.56 -49.41 -1.35
CA ASN A 9 -0.18 -48.94 -1.52
C ASN A 9 -0.03 -47.52 -2.09
N GLY A 10 -1.05 -46.69 -1.92
CA GLY A 10 -1.03 -45.33 -2.44
C GLY A 10 -0.93 -44.29 -1.34
N ILE A 11 -0.65 -43.04 -1.72
CA ILE A 11 -0.54 -41.93 -0.77
C ILE A 11 -1.68 -40.98 -1.01
N ILE A 12 -2.54 -40.86 -0.01
CA ILE A 12 -3.72 -40.01 -0.10
C ILE A 12 -3.33 -38.56 0.07
N CYS A 13 -3.73 -37.72 -0.89
CA CYS A 13 -3.58 -36.27 -0.81
CA CYS A 13 -3.58 -36.29 -0.74
C CYS A 13 -4.93 -35.58 -0.68
N THR A 14 -5.05 -34.71 0.32
CA THR A 14 -6.23 -33.88 0.49
C THR A 14 -5.79 -32.43 0.49
N ALA A 15 -6.75 -31.53 0.70
CA ALA A 15 -6.47 -30.11 0.82
C ALA A 15 -5.65 -29.77 2.06
N SER A 16 -5.58 -30.69 3.03
CA SER A 16 -4.91 -30.42 4.30
C SER A 16 -3.95 -31.52 4.78
N ASP A 17 -3.95 -32.69 4.13
CA ASP A 17 -3.15 -33.84 4.59
C ASP A 17 -2.50 -34.60 3.44
N ILE A 18 -1.32 -35.17 3.70
CA ILE A 18 -0.68 -36.14 2.81
C ILE A 18 -0.24 -37.32 3.68
N TYR A 19 -0.72 -38.52 3.35
CA TYR A 19 -0.41 -39.72 4.14
C TYR A 19 -0.70 -41.00 3.39
N ALA A 20 0.10 -42.03 3.70
CA ALA A 20 -0.06 -43.38 3.16
C ALA A 20 -1.22 -44.06 3.88
N ALA A 21 -2.22 -44.48 3.10
CA ALA A 21 -3.36 -45.24 3.62
C ALA A 21 -4.10 -45.84 2.44
N GLU A 22 -5.08 -46.70 2.72
CA GLU A 22 -5.81 -47.40 1.66
C GLU A 22 -7.30 -47.07 1.68
N ILE A 23 -7.95 -47.23 0.53
CA ILE A 23 -9.34 -46.83 0.37
C ILE A 23 -10.21 -47.99 -0.13
N ALA A 24 -11.36 -48.17 0.52
CA ALA A 24 -12.43 -49.05 0.02
C ALA A 24 -13.56 -48.22 -0.60
N VAL A 25 -14.05 -48.69 -1.74
CA VAL A 25 -15.12 -48.05 -2.49
C VAL A 25 -16.26 -49.05 -2.73
N ASN A 26 -17.49 -48.58 -2.52
CA ASN A 26 -18.69 -49.35 -2.82
C ASN A 26 -19.96 -48.52 -3.06
N ASN A 27 -20.75 -48.94 -4.04
CA ASN A 27 -22.02 -48.29 -4.43
C ASN A 27 -21.81 -46.82 -4.82
N GLY A 28 -20.70 -46.58 -5.51
CA GLY A 28 -20.36 -45.26 -6.05
C GLY A 28 -19.72 -44.27 -5.09
N LYS A 29 -19.41 -44.73 -3.89
CA LYS A 29 -18.96 -43.86 -2.81
C LYS A 29 -17.73 -44.40 -2.08
N VAL A 30 -16.94 -43.49 -1.51
CA VAL A 30 -15.86 -43.87 -0.59
C VAL A 30 -16.52 -44.43 0.67
N GLN A 31 -16.05 -45.59 1.12
CA GLN A 31 -16.63 -46.30 2.25
C GLN A 31 -15.75 -46.29 3.50
N LEU A 32 -14.43 -46.23 3.28
CA LEU A 32 -13.48 -46.60 4.31
C LEU A 32 -12.07 -46.09 3.98
N ILE A 33 -11.43 -45.45 4.96
CA ILE A 33 -9.99 -45.24 4.92
C ILE A 33 -9.36 -46.00 6.10
N ALA A 34 -8.36 -46.84 5.80
CA ALA A 34 -7.60 -47.56 6.82
C ALA A 34 -6.14 -47.79 6.38
N ALA A 35 -5.28 -48.18 7.32
CA ALA A 35 -3.86 -48.47 7.02
C ALA A 35 -3.70 -49.57 5.97
N SER A 36 -4.51 -50.62 6.10
CA SER A 36 -4.44 -51.78 5.25
C SER A 36 -5.83 -52.39 5.16
N ILE A 37 -6.21 -52.79 3.96
CA ILE A 37 -7.49 -53.47 3.74
C ILE A 37 -7.23 -54.79 3.03
N ASP A 38 -7.76 -55.86 3.59
CA ASP A 38 -7.65 -57.19 3.01
C ASP A 38 -8.18 -57.21 1.57
N PRO A 39 -7.29 -57.47 0.59
CA PRO A 39 -7.66 -57.51 -0.83
C PRO A 39 -8.77 -58.52 -1.19
N SER A 40 -8.99 -59.54 -0.35
CA SER A 40 -10.10 -60.47 -0.59
C SER A 40 -11.47 -59.82 -0.35
N LEU A 41 -11.47 -58.64 0.28
CA LEU A 41 -12.71 -57.93 0.61
C LEU A 41 -13.25 -57.08 -0.55
N GLY A 42 -12.47 -56.94 -1.62
CA GLY A 42 -12.84 -56.13 -2.77
C GLY A 42 -12.97 -56.94 -4.06
N SER A 43 -13.88 -56.52 -4.95
CA SER A 43 -14.07 -57.15 -6.26
C SER A 43 -12.88 -56.86 -7.14
N GLU A 44 -12.37 -55.65 -7.02
CA GLU A 44 -11.27 -55.18 -7.84
C GLU A 44 -10.27 -54.48 -6.93
N VAL A 45 -9.00 -54.83 -7.09
CA VAL A 45 -7.91 -54.25 -6.31
C VAL A 45 -6.93 -53.53 -7.24
N ILE A 46 -6.69 -52.26 -6.91
CA ILE A 46 -5.69 -51.43 -7.59
C ILE A 46 -4.47 -51.23 -6.68
N ASP A 47 -3.28 -51.55 -7.21
CA ASP A 47 -2.02 -51.31 -6.55
C ASP A 47 -1.48 -49.99 -7.10
N ALA A 48 -1.48 -48.97 -6.24
CA ALA A 48 -1.08 -47.62 -6.64
C ALA A 48 0.44 -47.46 -6.76
N GLU A 49 1.20 -48.44 -6.26
CA GLU A 49 2.67 -48.49 -6.35
C GLU A 49 3.38 -47.26 -5.75
N GLY A 50 2.90 -46.77 -4.61
CA GLY A 50 3.50 -45.61 -3.95
C GLY A 50 3.11 -44.25 -4.50
N ALA A 51 2.20 -44.22 -5.47
CA ALA A 51 1.82 -42.96 -6.11
C ALA A 51 0.75 -42.19 -5.31
N PHE A 52 0.63 -40.89 -5.59
CA PHE A 52 -0.42 -40.05 -5.02
C PHE A 52 -1.81 -40.46 -5.53
N ILE A 53 -2.76 -40.47 -4.61
CA ILE A 53 -4.17 -40.55 -4.91
C ILE A 53 -4.75 -39.19 -4.57
N THR A 54 -5.39 -38.56 -5.54
CA THR A 54 -6.04 -37.28 -5.29
C THR A 54 -7.56 -37.43 -5.51
N PRO A 55 -8.37 -36.54 -4.90
CA PRO A 55 -9.78 -36.49 -5.32
C PRO A 55 -9.79 -36.16 -6.81
N GLY A 56 -10.91 -36.43 -7.48
CA GLY A 56 -11.03 -36.02 -8.87
C GLY A 56 -11.05 -34.50 -8.98
N GLY A 57 -10.48 -33.97 -10.05
CA GLY A 57 -10.56 -32.54 -10.30
C GLY A 57 -11.97 -32.08 -10.60
N ILE A 58 -12.24 -30.81 -10.28
CA ILE A 58 -13.54 -30.21 -10.56
C ILE A 58 -13.28 -28.94 -11.32
N ASP A 59 -13.72 -28.91 -12.58
CA ASP A 59 -13.49 -27.77 -13.47
C ASP A 59 -14.79 -27.01 -13.69
N ALA A 60 -14.89 -25.89 -13.00
CA ALA A 60 -16.13 -25.13 -12.92
C ALA A 60 -16.18 -24.00 -13.96
N HIS A 61 -15.36 -24.11 -14.99
CA HIS A 61 -15.37 -23.14 -16.05
C HIS A 61 -15.13 -23.80 -17.40
N VAL A 62 -16.16 -24.48 -17.90
CA VAL A 62 -16.09 -25.25 -19.16
C VAL A 62 -17.19 -24.80 -20.12
N HIS A 63 -16.82 -24.49 -21.36
CA HIS A 63 -17.81 -24.09 -22.37
C HIS A 63 -18.05 -25.22 -23.38
N VAL A 64 -19.31 -25.62 -23.47
CA VAL A 64 -19.75 -26.72 -24.31
C VAL A 64 -20.73 -26.18 -25.34
N ASP A 65 -20.84 -26.86 -26.48
CA ASP A 65 -21.87 -26.51 -27.46
C ASP A 65 -23.28 -26.52 -26.85
N GLU A 66 -23.96 -25.38 -26.91
CA GLU A 66 -25.32 -25.26 -26.36
C GLU A 66 -26.32 -24.66 -27.37
N PRO A 67 -27.63 -24.99 -27.21
CA PRO A 67 -28.65 -24.71 -28.22
C PRO A 67 -28.76 -23.23 -28.62
N LEU A 68 -28.58 -22.32 -27.67
CA LEU A 68 -28.67 -20.88 -28.00
C LEU A 68 -27.42 -20.33 -28.72
N LYS A 69 -26.35 -21.14 -28.76
CA LYS A 69 -25.11 -20.83 -29.47
C LYS A 69 -24.60 -19.43 -29.13
N LEU A 70 -24.48 -19.13 -27.84
CA LEU A 70 -24.01 -17.84 -27.36
C LEU A 70 -22.61 -17.51 -27.87
N LEU A 71 -21.72 -18.50 -27.82
CA LEU A 71 -20.35 -18.34 -28.28
C LEU A 71 -20.20 -18.89 -29.68
N GLY A 72 -21.27 -18.79 -30.47
CA GLY A 72 -21.36 -19.46 -31.76
C GLY A 72 -21.26 -20.96 -31.57
N ASP A 73 -20.94 -21.67 -32.65
CA ASP A 73 -20.76 -23.11 -32.55
C ASP A 73 -19.41 -23.46 -31.92
N VAL A 74 -19.46 -24.32 -30.91
CA VAL A 74 -18.28 -24.85 -30.22
C VAL A 74 -18.16 -26.32 -30.63
N VAL A 75 -16.93 -26.82 -30.76
CA VAL A 75 -16.70 -28.19 -31.27
C VAL A 75 -17.07 -29.33 -30.31
N ASP A 76 -16.90 -29.10 -29.01
CA ASP A 76 -17.19 -30.12 -27.99
C ASP A 76 -18.64 -30.07 -27.52
N THR A 77 -19.31 -31.21 -27.58
CA THR A 77 -20.56 -31.42 -26.83
C THR A 77 -20.19 -31.74 -25.39
N MET A 78 -21.20 -31.98 -24.57
CA MET A 78 -20.97 -32.40 -23.20
C MET A 78 -20.32 -33.79 -23.18
N GLU A 79 -20.70 -34.64 -24.13
CA GLU A 79 -20.06 -35.96 -24.33
C GLU A 79 -18.55 -35.81 -24.49
N HIS A 80 -18.14 -34.93 -25.39
CA HIS A 80 -16.73 -34.74 -25.71
C HIS A 80 -15.95 -34.15 -24.55
N ALA A 81 -16.55 -33.14 -23.88
CA ALA A 81 -15.84 -32.42 -22.84
C ALA A 81 -15.63 -33.28 -21.60
N THR A 82 -16.63 -34.08 -21.24
CA THR A 82 -16.53 -34.99 -20.10
C THR A 82 -15.57 -36.15 -20.40
N ARG A 83 -15.56 -36.65 -21.63
CA ARG A 83 -14.56 -37.64 -22.07
C ARG A 83 -13.15 -37.11 -21.92
N SER A 84 -12.93 -35.87 -22.36
CA SER A 84 -11.63 -35.21 -22.29
C SER A 84 -11.25 -34.91 -20.84
N ALA A 85 -12.21 -34.42 -20.06
CA ALA A 85 -12.01 -34.12 -18.64
C ALA A 85 -11.47 -35.34 -17.94
N VAL A 86 -12.14 -36.47 -18.12
CA VAL A 86 -11.81 -37.73 -17.46
C VAL A 86 -10.41 -38.27 -17.83
N ALA A 87 -10.01 -38.10 -19.08
CA ALA A 87 -8.67 -38.50 -19.54
C ALA A 87 -7.57 -37.64 -18.89
N GLY A 88 -7.97 -36.52 -18.30
CA GLY A 88 -7.02 -35.63 -17.65
C GLY A 88 -7.24 -35.49 -16.16
N GLY A 89 -8.03 -36.40 -15.58
CA GLY A 89 -8.21 -36.46 -14.14
C GLY A 89 -9.29 -35.56 -13.57
N THR A 90 -10.06 -34.93 -14.44
CA THR A 90 -11.18 -34.10 -13.99
C THR A 90 -12.47 -34.95 -13.99
N THR A 91 -13.19 -34.95 -12.88
CA THR A 91 -14.34 -35.86 -12.72
C THR A 91 -15.69 -35.14 -12.53
N THR A 92 -15.65 -33.80 -12.49
CA THR A 92 -16.86 -32.98 -12.49
C THR A 92 -16.58 -31.71 -13.25
N VAL A 93 -17.42 -31.42 -14.25
CA VAL A 93 -17.36 -30.14 -14.95
C VAL A 93 -18.62 -29.32 -14.70
N VAL A 94 -18.48 -28.01 -14.71
CA VAL A 94 -19.62 -27.12 -14.67
C VAL A 94 -19.57 -26.21 -15.88
N ALA A 95 -20.59 -26.32 -16.73
CA ALA A 95 -20.72 -25.49 -17.92
C ALA A 95 -21.74 -24.39 -17.70
N PHE A 96 -22.20 -23.78 -18.80
CA PHE A 96 -22.97 -22.56 -18.72
C PHE A 96 -24.30 -22.64 -19.42
N SER A 97 -25.34 -22.21 -18.71
CA SER A 97 -26.69 -22.13 -19.26
C SER A 97 -26.98 -20.66 -19.65
N THR A 98 -27.30 -20.45 -20.92
CA THR A 98 -27.52 -19.10 -21.43
C THR A 98 -28.97 -18.70 -21.21
N GLN A 99 -29.17 -17.58 -20.54
CA GLN A 99 -30.49 -16.95 -20.41
C GLN A 99 -31.17 -16.87 -21.79
N ASP A 100 -32.40 -17.38 -21.88
CA ASP A 100 -33.20 -17.33 -23.10
C ASP A 100 -34.20 -16.19 -23.02
N VAL A 101 -33.94 -15.13 -23.77
CA VAL A 101 -34.74 -13.90 -23.70
C VAL A 101 -36.15 -14.03 -24.29
N SER A 102 -36.40 -15.11 -25.02
CA SER A 102 -37.74 -15.35 -25.58
C SER A 102 -38.71 -15.87 -24.52
N LYS A 103 -38.20 -16.43 -23.42
CA LYS A 103 -39.10 -16.97 -22.39
C LYS A 103 -39.31 -15.91 -21.31
N LYS A 104 -40.57 -15.71 -20.91
CA LYS A 104 -40.94 -14.70 -19.90
C LYS A 104 -41.55 -15.28 -18.62
N GLY A 105 -41.67 -14.45 -17.60
CA GLY A 105 -42.35 -14.84 -16.37
C GLY A 105 -41.44 -15.54 -15.35
N PRO A 106 -42.04 -16.07 -14.27
CA PRO A 106 -41.35 -16.69 -13.14
C PRO A 106 -40.44 -17.87 -13.52
N SER A 107 -40.82 -18.59 -14.57
CA SER A 107 -40.06 -19.77 -14.99
C SER A 107 -39.00 -19.51 -16.07
N ALA A 108 -38.80 -18.24 -16.44
CA ALA A 108 -37.91 -17.87 -17.55
C ALA A 108 -36.48 -18.42 -17.47
N LEU A 109 -35.89 -18.42 -16.28
CA LEU A 109 -34.51 -18.88 -16.12
C LEU A 109 -34.40 -20.41 -15.93
N ALA A 110 -35.38 -21.00 -15.25
CA ALA A 110 -35.49 -22.45 -15.15
C ALA A 110 -35.63 -23.08 -16.53
N GLU A 111 -36.47 -22.46 -17.37
CA GLU A 111 -36.66 -22.88 -18.75
C GLU A 111 -35.36 -22.80 -19.58
N SER A 112 -34.52 -21.79 -19.31
CA SER A 112 -33.20 -21.67 -19.95
C SER A 112 -32.27 -22.85 -19.60
N VAL A 113 -32.29 -23.26 -18.33
CA VAL A 113 -31.51 -24.40 -17.85
C VAL A 113 -32.02 -25.70 -18.46
N LYS A 114 -33.35 -25.84 -18.52
CA LYS A 114 -34.03 -26.98 -19.12
C LYS A 114 -33.60 -27.28 -20.58
N LEU A 115 -33.28 -26.24 -21.34
CA LEU A 115 -32.80 -26.41 -22.72
C LEU A 115 -31.52 -27.25 -22.78
N ASP A 116 -30.61 -26.97 -21.84
CA ASP A 116 -29.30 -27.62 -21.79
C ASP A 116 -29.42 -29.02 -21.22
N VAL A 117 -30.09 -29.16 -20.07
CA VAL A 117 -30.32 -30.45 -19.43
C VAL A 117 -30.92 -31.46 -20.43
N ASP A 118 -31.96 -31.04 -21.14
CA ASP A 118 -32.62 -31.88 -22.15
C ASP A 118 -31.70 -32.26 -23.32
N GLU A 119 -30.93 -31.29 -23.81
CA GLU A 119 -29.98 -31.54 -24.89
C GLU A 119 -28.93 -32.58 -24.51
N TYR A 120 -28.37 -32.45 -23.31
CA TYR A 120 -27.28 -33.32 -22.88
C TYR A 120 -27.74 -34.68 -22.40
N SER A 121 -29.04 -34.80 -22.11
CA SER A 121 -29.61 -36.02 -21.58
C SER A 121 -29.50 -37.19 -22.56
N GLU A 122 -29.41 -36.87 -23.85
CA GLU A 122 -29.31 -37.88 -24.90
C GLU A 122 -27.87 -38.35 -25.18
N GLN A 123 -26.90 -37.63 -24.64
CA GLN A 123 -25.50 -37.88 -24.93
C GLN A 123 -24.87 -38.82 -23.89
N THR A 124 -23.77 -39.47 -24.25
CA THR A 124 -23.04 -40.29 -23.31
C THR A 124 -22.11 -39.39 -22.48
N LEU A 125 -22.33 -39.41 -21.17
CA LEU A 125 -21.58 -38.58 -20.24
C LEU A 125 -20.60 -39.41 -19.41
N TYR A 126 -19.33 -39.01 -19.46
CA TYR A 126 -18.24 -39.74 -18.83
C TYR A 126 -18.08 -39.36 -17.37
N CYS A 127 -18.54 -38.17 -17.02
CA CYS A 127 -18.65 -37.73 -15.63
C CYS A 127 -19.82 -36.79 -15.42
N ASP A 128 -20.10 -36.46 -14.17
CA ASP A 128 -21.19 -35.54 -13.81
C ASP A 128 -20.88 -34.14 -14.28
N TYR A 129 -21.94 -33.38 -14.56
CA TYR A 129 -21.82 -31.97 -14.92
C TYR A 129 -22.90 -31.16 -14.21
N GLY A 130 -22.56 -29.92 -13.89
CA GLY A 130 -23.52 -28.95 -13.35
C GLY A 130 -23.59 -27.80 -14.33
N LEU A 131 -24.46 -26.83 -14.04
CA LEU A 131 -24.56 -25.61 -14.87
C LEU A 131 -24.57 -24.32 -14.06
N HIS A 132 -23.84 -23.33 -14.56
CA HIS A 132 -23.96 -21.94 -14.14
C HIS A 132 -25.04 -21.30 -15.00
N LEU A 133 -25.63 -20.21 -14.51
CA LEU A 133 -26.52 -19.42 -15.36
C LEU A 133 -25.81 -18.15 -15.83
N ILE A 134 -25.88 -17.86 -17.14
CA ILE A 134 -25.35 -16.61 -17.69
C ILE A 134 -26.46 -15.56 -17.81
N LEU A 135 -26.27 -14.40 -17.18
CA LEU A 135 -27.24 -13.31 -17.24
C LEU A 135 -26.70 -12.11 -18.02
N PHE A 136 -27.47 -11.66 -19.00
CA PHE A 136 -27.09 -10.48 -19.81
C PHE A 136 -28.27 -9.54 -20.11
N GLN A 137 -29.47 -9.93 -19.71
CA GLN A 137 -30.66 -9.07 -19.84
C GLN A 137 -31.35 -8.87 -18.50
N ILE A 138 -31.18 -7.67 -17.94
CA ILE A 138 -31.75 -7.32 -16.64
C ILE A 138 -32.81 -6.26 -16.85
N GLU A 139 -34.00 -6.50 -16.30
CA GLU A 139 -35.13 -5.57 -16.44
C GLU A 139 -34.86 -4.30 -15.63
N LYS A 140 -35.33 -3.18 -16.16
CA LYS A 140 -35.16 -1.88 -15.53
C LYS A 140 -36.52 -1.23 -15.43
N PRO A 141 -36.72 -0.35 -14.43
CA PRO A 141 -35.82 0.02 -13.33
C PRO A 141 -35.73 -1.01 -12.19
N SER A 142 -34.71 -0.82 -11.35
CA SER A 142 -34.35 -1.69 -10.21
C SER A 142 -35.49 -2.23 -9.32
N VAL A 143 -36.13 -1.34 -8.57
CA VAL A 143 -37.15 -1.71 -7.59
C VAL A 143 -38.29 -2.54 -8.19
N GLU A 144 -38.95 -1.97 -9.21
CA GLU A 144 -40.08 -2.59 -9.91
C GLU A 144 -39.80 -4.00 -10.43
N ALA A 145 -38.53 -4.29 -10.70
CA ALA A 145 -38.13 -5.56 -11.31
C ALA A 145 -37.78 -6.64 -10.28
N ARG A 146 -37.51 -6.22 -9.04
CA ARG A 146 -36.94 -7.08 -8.01
C ARG A 146 -37.77 -8.34 -7.73
N GLU A 147 -39.09 -8.20 -7.68
CA GLU A 147 -40.00 -9.32 -7.40
C GLU A 147 -39.87 -10.51 -8.35
N LEU A 148 -39.83 -10.23 -9.65
CA LEU A 148 -39.73 -11.28 -10.67
C LEU A 148 -38.35 -11.92 -10.72
N LEU A 149 -37.29 -11.12 -10.78
CA LEU A 149 -35.94 -11.67 -10.85
C LEU A 149 -35.65 -12.63 -9.69
N ASP A 150 -36.03 -12.21 -8.48
CA ASP A 150 -35.87 -13.00 -7.27
C ASP A 150 -36.65 -14.30 -7.40
N VAL A 151 -37.90 -14.17 -7.84
CA VAL A 151 -38.78 -15.30 -8.13
C VAL A 151 -38.20 -16.22 -9.22
N GLN A 152 -37.46 -15.63 -10.17
CA GLN A 152 -36.83 -16.40 -11.26
C GLN A 152 -35.61 -17.20 -10.81
N LEU A 153 -34.83 -16.65 -9.87
CA LEU A 153 -33.65 -17.35 -9.33
C LEU A 153 -34.09 -18.53 -8.45
N GLN A 154 -35.13 -18.29 -7.65
CA GLN A 154 -35.69 -19.33 -6.80
C GLN A 154 -36.10 -20.52 -7.65
N ALA A 155 -36.75 -20.25 -8.78
CA ALA A 155 -37.27 -21.31 -9.64
C ALA A 155 -36.16 -22.07 -10.35
N ALA A 156 -35.10 -21.38 -10.74
CA ALA A 156 -33.92 -22.03 -11.33
C ALA A 156 -33.21 -22.91 -10.29
N TYR A 157 -33.14 -22.44 -9.05
CA TYR A 157 -32.61 -23.24 -7.95
C TYR A 157 -33.54 -24.42 -7.61
N ASN A 158 -34.83 -24.13 -7.38
CA ASN A 158 -35.76 -25.18 -6.93
C ASN A 158 -35.94 -26.28 -7.97
N ASP A 159 -36.06 -25.90 -9.24
CA ASP A 159 -36.28 -26.89 -10.28
C ASP A 159 -35.01 -27.65 -10.67
N TYR A 160 -33.86 -26.97 -10.68
CA TYR A 160 -32.65 -27.52 -11.30
C TYR A 160 -31.36 -27.42 -10.47
N GLY A 161 -31.45 -26.84 -9.28
CA GLY A 161 -30.29 -26.70 -8.41
C GLY A 161 -29.18 -25.88 -9.03
N VAL A 162 -29.55 -24.79 -9.69
CA VAL A 162 -28.59 -23.83 -10.19
C VAL A 162 -28.47 -22.78 -9.11
N SER A 163 -27.25 -22.56 -8.64
CA SER A 163 -26.99 -21.69 -7.50
C SER A 163 -25.85 -20.72 -7.75
N SER A 164 -25.50 -20.55 -9.03
CA SER A 164 -24.49 -19.57 -9.43
C SER A 164 -24.90 -18.80 -10.68
N VAL A 165 -24.58 -17.51 -10.70
CA VAL A 165 -24.94 -16.62 -11.82
C VAL A 165 -23.71 -15.88 -12.34
N MET A 167 -22.00 -13.06 -14.88
CA MET A 167 -22.20 -11.82 -15.61
C MET A 167 -20.91 -11.25 -16.23
N PHE A 168 -21.09 -10.45 -17.27
CA PHE A 168 -19.98 -9.90 -18.05
C PHE A 168 -19.96 -8.38 -17.96
N MET A 169 -18.77 -7.81 -17.89
CA MET A 169 -18.59 -6.37 -17.93
C MET A 169 -17.95 -5.96 -19.25
N THR A 170 -17.84 -6.93 -20.15
CA THR A 170 -17.32 -6.73 -21.51
C THR A 170 -18.09 -7.60 -22.54
N TYR A 171 -17.67 -7.47 -23.80
CA TYR A 171 -18.32 -8.14 -24.96
CA TYR A 171 -18.30 -8.10 -24.97
C TYR A 171 -19.67 -7.52 -25.34
N PRO A 172 -19.82 -7.07 -26.59
CA PRO A 172 -21.11 -6.56 -27.10
C PRO A 172 -22.23 -7.62 -27.03
N GLY A 173 -23.33 -7.28 -26.35
CA GLY A 173 -24.47 -8.19 -26.22
C GLY A 173 -24.46 -8.95 -24.91
N LEU A 174 -23.31 -8.93 -24.23
CA LEU A 174 -23.17 -9.57 -22.92
C LEU A 174 -22.91 -8.55 -21.83
N GLN A 175 -22.13 -7.52 -22.15
CA GLN A 175 -21.76 -6.47 -21.19
C GLN A 175 -22.98 -5.87 -20.53
N ILE A 176 -22.95 -5.74 -19.21
CA ILE A 176 -24.02 -5.01 -18.51
C ILE A 176 -23.53 -3.86 -17.64
N SER A 177 -24.38 -2.84 -17.52
CA SER A 177 -24.08 -1.65 -16.73
C SER A 177 -23.90 -2.00 -15.26
N ASP A 178 -23.27 -1.10 -14.51
CA ASP A 178 -23.11 -1.24 -13.06
C ASP A 178 -24.48 -1.28 -12.38
N TYR A 179 -25.39 -0.44 -12.86
CA TYR A 179 -26.78 -0.39 -12.38
C TYR A 179 -27.45 -1.78 -12.39
N ASP A 180 -27.32 -2.48 -13.51
CA ASP A 180 -27.89 -3.82 -13.67
C ASP A 180 -27.19 -4.88 -12.82
N ILE A 181 -25.86 -4.78 -12.70
CA ILE A 181 -25.11 -5.67 -11.81
C ILE A 181 -25.61 -5.56 -10.37
N MET A 182 -25.79 -4.33 -9.89
CA MET A 182 -26.36 -4.08 -8.55
C MET A 182 -27.72 -4.75 -8.38
N SER A 183 -28.61 -4.59 -9.36
CA SER A 183 -29.90 -5.29 -9.37
C SER A 183 -29.75 -6.81 -9.23
N ALA A 184 -28.80 -7.38 -9.98
CA ALA A 184 -28.51 -8.83 -9.88
C ALA A 184 -27.96 -9.22 -8.53
N MET A 185 -27.02 -8.44 -8.02
CA MET A 185 -26.42 -8.70 -6.70
C MET A 185 -27.48 -8.65 -5.59
N TYR A 186 -28.48 -7.80 -5.78
CA TYR A 186 -29.57 -7.69 -4.83
C TYR A 186 -30.30 -9.04 -4.76
N ALA A 187 -30.56 -9.62 -5.93
CA ALA A 187 -31.27 -10.90 -6.01
C ALA A 187 -30.40 -12.08 -5.59
N THR A 188 -29.13 -12.08 -5.98
CA THR A 188 -28.27 -13.22 -5.68
C THR A 188 -27.94 -13.32 -4.19
N ARG A 189 -27.61 -12.18 -3.57
CA ARG A 189 -27.34 -12.15 -2.13
C ARG A 189 -28.53 -12.67 -1.33
N LYS A 190 -29.73 -12.21 -1.68
CA LYS A 190 -30.98 -12.64 -1.04
C LYS A 190 -31.21 -14.16 -1.18
N ASN A 191 -30.75 -14.72 -2.30
CA ASN A 191 -30.92 -16.15 -2.57
C ASN A 191 -29.69 -17.00 -2.25
N GLY A 192 -28.65 -16.38 -1.69
CA GLY A 192 -27.42 -17.10 -1.38
C GLY A 192 -26.72 -17.72 -2.59
N PHE A 193 -26.98 -17.16 -3.78
CA PHE A 193 -26.32 -17.60 -5.01
C PHE A 193 -24.85 -17.21 -5.00
N THR A 194 -24.04 -17.94 -5.76
CA THR A 194 -22.67 -17.57 -6.03
C THR A 194 -22.71 -16.59 -7.20
N THR A 195 -22.15 -15.41 -7.00
CA THR A 195 -22.15 -14.36 -8.02
C THR A 195 -20.80 -14.34 -8.71
N MET A 196 -20.78 -14.54 -10.03
CA MET A 196 -19.52 -14.61 -10.80
C MET A 196 -19.41 -13.45 -11.76
N LEU A 197 -18.24 -12.84 -11.84
CA LEU A 197 -17.99 -11.74 -12.78
C LEU A 197 -16.78 -11.93 -13.70
N HIS A 198 -17.00 -11.64 -14.99
CA HIS A 198 -15.94 -11.46 -15.97
C HIS A 198 -15.61 -9.96 -15.97
N ALA A 199 -14.51 -9.59 -15.33
CA ALA A 199 -14.17 -8.19 -15.12
C ALA A 199 -13.11 -7.63 -16.11
N GLU A 200 -13.59 -7.10 -17.23
CA GLU A 200 -12.79 -6.25 -18.12
C GLU A 200 -13.64 -5.03 -18.43
N ASN A 201 -13.04 -3.85 -18.52
CA ASN A 201 -13.81 -2.65 -18.91
C ASN A 201 -14.14 -2.71 -20.40
N GLY A 202 -15.41 -3.01 -20.70
CA GLY A 202 -15.88 -3.19 -22.07
C GLY A 202 -15.74 -1.97 -22.95
N ASP A 203 -15.98 -0.78 -22.38
CA ASP A 203 -15.89 0.47 -23.15
C ASP A 203 -14.44 0.71 -23.60
N MET A 204 -13.47 0.44 -22.73
CA MET A 204 -12.06 0.63 -23.06
C MET A 204 -11.62 -0.33 -24.15
N VAL A 205 -12.02 -1.59 -24.03
CA VAL A 205 -11.71 -2.61 -25.04
C VAL A 205 -12.28 -2.21 -26.40
N LYS A 206 -13.56 -1.84 -26.43
CA LYS A 206 -14.23 -1.37 -27.65
C LYS A 206 -13.51 -0.18 -28.31
N TRP A 207 -13.20 0.84 -27.51
CA TRP A 207 -12.50 2.03 -28.02
C TRP A 207 -11.13 1.68 -28.58
N MET A 208 -10.34 0.91 -27.84
CA MET A 208 -8.99 0.53 -28.28
C MET A 208 -8.96 -0.43 -29.48
N ILE A 209 -9.95 -1.33 -29.61
CA ILE A 209 -10.07 -2.14 -30.82
C ILE A 209 -10.27 -1.27 -32.06
N GLU A 210 -11.15 -0.29 -31.96
CA GLU A 210 -11.43 0.64 -33.06
C GLU A 210 -10.21 1.48 -33.41
N ALA A 211 -9.45 1.89 -32.39
CA ALA A 211 -8.21 2.63 -32.59
C ALA A 211 -7.16 1.82 -33.31
N LEU A 212 -7.05 0.54 -32.96
CA LEU A 212 -6.08 -0.35 -33.58
C LEU A 212 -6.43 -0.70 -35.03
N GLU A 213 -7.68 -1.03 -35.28
CA GLU A 213 -8.17 -1.31 -36.64
C GLU A 213 -8.00 -0.10 -37.56
N GLU A 214 -8.24 1.08 -37.03
CA GLU A 214 -8.06 2.34 -37.76
C GLU A 214 -6.62 2.49 -38.26
N GLN A 215 -5.68 1.90 -37.51
CA GLN A 215 -4.27 1.89 -37.91
C GLN A 215 -3.90 0.65 -38.74
N GLY A 216 -4.87 -0.23 -38.95
CA GLY A 216 -4.64 -1.50 -39.65
C GLY A 216 -3.93 -2.54 -38.79
N LEU A 217 -3.96 -2.38 -37.47
CA LEU A 217 -3.27 -3.30 -36.57
C LEU A 217 -4.22 -4.41 -36.13
N THR A 218 -4.41 -5.37 -37.03
CA THR A 218 -5.50 -6.35 -36.93
C THR A 218 -5.08 -7.81 -36.69
N ASP A 219 -3.78 -8.10 -36.82
CA ASP A 219 -3.26 -9.44 -36.56
C ASP A 219 -3.54 -9.91 -35.13
N ALA A 220 -3.56 -11.23 -34.94
CA ALA A 220 -3.96 -11.85 -33.68
C ALA A 220 -3.24 -11.29 -32.44
N TYR A 221 -1.97 -10.93 -32.59
CA TYR A 221 -1.16 -10.36 -31.49
C TYR A 221 -1.77 -9.10 -30.88
N TYR A 222 -2.44 -8.30 -31.70
CA TYR A 222 -3.01 -7.03 -31.23
C TYR A 222 -4.28 -7.18 -30.37
N HIS A 223 -4.72 -8.42 -30.22
CA HIS A 223 -5.80 -8.77 -29.28
C HIS A 223 -5.37 -8.44 -27.83
N GLY A 224 -4.15 -8.81 -27.48
CA GLY A 224 -3.56 -8.51 -26.20
C GLY A 224 -3.36 -7.01 -26.02
N VAL A 225 -2.83 -6.36 -27.06
CA VAL A 225 -2.60 -4.91 -27.05
C VAL A 225 -3.91 -4.11 -26.83
N SER A 226 -5.02 -4.63 -27.35
CA SER A 226 -6.33 -3.99 -27.26
C SER A 226 -6.88 -3.94 -25.82
N ARG A 227 -6.35 -4.78 -24.95
CA ARG A 227 -6.84 -4.90 -23.58
C ARG A 227 -5.73 -5.24 -22.56
N PRO A 228 -4.82 -4.29 -22.30
CA PRO A 228 -3.74 -4.51 -21.33
C PRO A 228 -4.26 -4.69 -19.89
N SER A 229 -3.42 -5.24 -19.02
CA SER A 229 -3.81 -5.69 -17.66
C SER A 229 -4.54 -4.65 -16.80
N ILE A 230 -4.25 -3.37 -17.06
CA ILE A 230 -4.83 -2.24 -16.32
C ILE A 230 -6.37 -2.13 -16.53
N VAL A 231 -6.83 -2.65 -17.66
CA VAL A 231 -8.24 -2.70 -18.02
C VAL A 231 -8.97 -3.73 -17.14
N GLU A 232 -8.38 -4.91 -17.01
CA GLU A 232 -8.87 -5.93 -16.09
C GLU A 232 -8.77 -5.47 -14.63
N GLY A 233 -7.72 -4.71 -14.31
CA GLY A 233 -7.57 -4.13 -12.98
C GLY A 233 -8.66 -3.16 -12.60
N GLU A 234 -8.98 -2.21 -13.48
CA GLU A 234 -10.05 -1.25 -13.27
C GLU A 234 -11.42 -1.92 -13.04
N ALA A 235 -11.77 -2.86 -13.91
CA ALA A 235 -13.08 -3.50 -13.85
C ALA A 235 -13.26 -4.32 -12.57
N THR A 236 -12.22 -5.06 -12.19
CA THR A 236 -12.17 -5.80 -10.93
C THR A 236 -12.38 -4.87 -9.73
N ASN A 237 -11.66 -3.75 -9.73
CA ASN A 237 -11.80 -2.76 -8.67
C ASN A 237 -13.24 -2.25 -8.58
N ARG A 238 -13.84 -1.95 -9.73
CA ARG A 238 -15.22 -1.46 -9.79
C ARG A 238 -16.21 -2.51 -9.28
N ALA A 239 -16.02 -3.76 -9.71
CA ALA A 239 -16.86 -4.87 -9.27
C ALA A 239 -16.75 -5.16 -7.75
N ILE A 240 -15.54 -5.01 -7.18
CA ILE A 240 -15.36 -5.11 -5.72
C ILE A 240 -16.15 -4.03 -5.00
N THR A 241 -16.00 -2.77 -5.45
CA THR A 241 -16.78 -1.64 -4.90
C THR A 241 -18.29 -1.89 -4.95
N LEU A 242 -18.80 -2.44 -6.07
CA LEU A 242 -20.22 -2.79 -6.16
C LEU A 242 -20.59 -3.87 -5.14
N ALA A 243 -19.75 -4.91 -5.05
CA ALA A 243 -20.00 -6.02 -4.11
C ALA A 243 -19.94 -5.56 -2.65
N THR A 244 -19.04 -4.62 -2.35
CA THR A 244 -18.95 -4.05 -1.00
C THR A 244 -20.22 -3.27 -0.63
N THR A 245 -20.66 -2.37 -1.50
CA THR A 245 -21.92 -1.61 -1.35
C THR A 245 -23.11 -2.53 -1.16
N MET A 246 -23.08 -3.68 -1.83
CA MET A 246 -24.20 -4.61 -1.84
C MET A 246 -24.02 -5.78 -0.87
N ASP A 247 -22.90 -5.78 -0.13
CA ASP A 247 -22.57 -6.85 0.82
C ASP A 247 -22.80 -8.23 0.19
N THR A 248 -22.31 -8.39 -1.04
CA THR A 248 -22.53 -9.61 -1.79
C THR A 248 -21.21 -10.31 -2.06
N PRO A 249 -21.09 -11.58 -1.62
CA PRO A 249 -19.92 -12.36 -1.98
C PRO A 249 -19.73 -12.37 -3.51
N ILE A 250 -18.49 -12.35 -3.95
CA ILE A 250 -18.20 -12.27 -5.38
C ILE A 250 -17.00 -13.12 -5.79
N LEU A 251 -17.15 -13.81 -6.91
CA LEU A 251 -16.06 -14.57 -7.50
C LEU A 251 -15.66 -13.97 -8.86
N PHE A 252 -14.38 -13.69 -9.03
CA PHE A 252 -13.83 -13.27 -10.31
C PHE A 252 -13.27 -14.44 -11.10
N VAL A 253 -13.76 -14.59 -12.33
CA VAL A 253 -13.35 -15.71 -13.19
C VAL A 253 -12.11 -15.34 -14.00
N HIS A 254 -11.39 -16.36 -14.47
CA HIS A 254 -10.14 -16.22 -15.25
C HIS A 254 -9.37 -14.90 -15.04
N VAL A 255 -8.73 -14.76 -13.88
CA VAL A 255 -7.99 -13.55 -13.52
C VAL A 255 -6.55 -13.70 -14.01
N SER A 256 -6.02 -12.68 -14.66
CA SER A 256 -4.69 -12.79 -15.30
C SER A 256 -3.85 -11.51 -15.18
N SER A 257 -4.43 -10.50 -14.54
CA SER A 257 -3.80 -9.20 -14.36
C SER A 257 -3.26 -9.04 -12.94
N PRO A 258 -1.99 -8.61 -12.82
CA PRO A 258 -1.39 -8.27 -11.52
C PRO A 258 -2.21 -7.21 -10.75
N GLN A 259 -2.73 -6.20 -11.45
CA GLN A 259 -3.49 -5.13 -10.80
C GLN A 259 -4.81 -5.64 -10.26
N ALA A 260 -5.39 -6.62 -10.94
CA ALA A 260 -6.60 -7.28 -10.48
C ALA A 260 -6.32 -8.15 -9.24
N ALA A 261 -5.25 -8.95 -9.32
CA ALA A 261 -4.76 -9.72 -8.17
C ALA A 261 -4.48 -8.85 -6.94
N GLU A 262 -3.92 -7.65 -7.15
CA GLU A 262 -3.66 -6.71 -6.07
C GLU A 262 -4.94 -6.26 -5.35
N VAL A 263 -5.91 -5.72 -6.09
CA VAL A 263 -7.14 -5.24 -5.48
C VAL A 263 -7.94 -6.39 -4.86
N ILE A 264 -7.82 -7.58 -5.45
CA ILE A 264 -8.44 -8.78 -4.90
C ILE A 264 -7.83 -9.15 -3.56
N LYS A 265 -6.50 -9.13 -3.48
CA LYS A 265 -5.76 -9.41 -2.23
C LYS A 265 -6.13 -8.42 -1.12
N GLN A 266 -6.21 -7.13 -1.44
CA GLN A 266 -6.53 -6.10 -0.46
C GLN A 266 -7.91 -6.33 0.15
N ALA A 267 -8.86 -6.75 -0.69
CA ALA A 267 -10.23 -6.98 -0.23
C ALA A 267 -10.29 -8.18 0.73
N GLN A 268 -9.60 -9.25 0.35
CA GLN A 268 -9.48 -10.46 1.14
C GLN A 268 -8.81 -10.19 2.49
N THR A 269 -7.75 -9.37 2.49
CA THR A 269 -7.08 -8.94 3.71
C THR A 269 -8.08 -8.19 4.63
N LYS A 270 -8.94 -7.38 4.02
CA LYS A 270 -10.00 -6.66 4.76
C LYS A 270 -11.09 -7.60 5.29
N GLY A 271 -11.11 -8.83 4.80
CA GLY A 271 -12.10 -9.82 5.22
C GLY A 271 -13.36 -9.86 4.35
N LEU A 272 -13.35 -9.13 3.24
CA LEU A 272 -14.48 -9.13 2.33
C LEU A 272 -14.54 -10.47 1.60
N LYS A 273 -15.75 -10.93 1.29
CA LYS A 273 -15.89 -12.20 0.62
C LYS A 273 -15.72 -12.04 -0.88
N VAL A 274 -14.46 -12.02 -1.27
CA VAL A 274 -14.04 -11.92 -2.64
C VAL A 274 -13.22 -13.16 -2.97
N TYR A 275 -13.69 -13.92 -3.95
CA TYR A 275 -12.99 -15.11 -4.38
C TYR A 275 -12.52 -14.89 -5.80
N ALA A 276 -11.60 -15.73 -6.24
CA ALA A 276 -10.99 -15.57 -7.56
C ALA A 276 -10.57 -16.91 -8.16
N GLU A 277 -10.72 -17.01 -9.47
CA GLU A 277 -10.32 -18.16 -10.24
C GLU A 277 -9.24 -17.71 -11.23
N THR A 278 -8.21 -18.54 -11.42
CA THR A 278 -7.27 -18.36 -12.52
C THR A 278 -7.14 -19.64 -13.33
N CYS A 279 -6.38 -19.56 -14.43
CA CYS A 279 -6.26 -20.66 -15.38
C CYS A 279 -4.80 -20.93 -15.71
N PRO A 280 -4.46 -22.21 -15.97
CA PRO A 280 -3.08 -22.64 -16.23
C PRO A 280 -2.35 -21.80 -17.28
N GLN A 281 -3.04 -21.50 -18.38
CA GLN A 281 -2.48 -20.69 -19.45
C GLN A 281 -1.93 -19.32 -19.02
N TYR A 282 -2.48 -18.76 -17.95
CA TYR A 282 -1.98 -17.46 -17.45
C TYR A 282 -0.70 -17.59 -16.63
N ALA A 283 -0.44 -18.81 -16.15
CA ALA A 283 0.77 -19.12 -15.42
C ALA A 283 1.88 -19.65 -16.34
N LEU A 284 1.47 -20.24 -17.47
CA LEU A 284 2.38 -21.04 -18.29
C LEU A 284 2.75 -20.41 -19.62
N LEU A 285 1.86 -19.57 -20.13
CA LEU A 285 2.05 -18.96 -21.44
C LEU A 285 2.23 -17.45 -21.34
N SER A 286 3.04 -16.91 -22.24
CA SER A 286 3.16 -15.46 -22.42
C SER A 286 2.77 -15.12 -23.86
N ASP A 287 2.46 -13.84 -24.10
CA ASP A 287 1.90 -13.40 -25.38
C ASP A 287 2.86 -13.48 -26.57
N ALA A 288 4.13 -13.82 -26.33
CA ALA A 288 5.07 -14.04 -27.44
C ALA A 288 4.64 -15.22 -28.32
N ILE A 289 3.86 -16.15 -27.75
CA ILE A 289 3.32 -17.30 -28.48
C ILE A 289 2.23 -16.89 -29.48
N THR A 290 1.76 -15.65 -29.39
CA THR A 290 0.72 -15.15 -30.28
C THR A 290 1.27 -14.55 -31.58
N ARG A 291 2.59 -14.46 -31.71
CA ARG A 291 3.23 -14.07 -32.98
C ARG A 291 4.64 -14.63 -33.13
N CYS A 292 5.17 -14.64 -34.35
CA CYS A 292 6.50 -15.18 -34.57
C CYS A 292 7.59 -14.15 -34.28
N HIS A 293 8.85 -14.58 -34.38
CA HIS A 293 10.03 -13.72 -34.28
C HIS A 293 9.95 -12.70 -33.13
N GLY A 302 12.32 -19.67 -16.48
CA GLY A 302 12.04 -21.08 -16.18
C GLY A 302 10.63 -21.35 -15.68
N VAL A 303 10.01 -20.36 -15.04
CA VAL A 303 8.73 -20.52 -14.32
C VAL A 303 7.62 -21.22 -15.09
N GLY A 304 7.56 -20.99 -16.41
CA GLY A 304 6.52 -21.58 -17.23
C GLY A 304 7.06 -22.56 -18.26
N ILE A 305 6.30 -22.68 -19.35
CA ILE A 305 6.63 -23.59 -20.42
C ILE A 305 7.65 -22.94 -21.35
N ASP A 306 8.69 -23.70 -21.68
CA ASP A 306 9.60 -23.34 -22.75
C ASP A 306 8.79 -23.24 -24.04
N LEU A 307 8.58 -22.01 -24.51
CA LEU A 307 7.68 -21.77 -25.66
C LEU A 307 8.19 -22.35 -26.97
N SER A 308 9.51 -22.51 -27.08
CA SER A 308 10.11 -23.08 -28.28
C SER A 308 9.83 -24.59 -28.40
N SER A 309 9.39 -25.20 -27.32
CA SER A 309 9.10 -26.63 -27.29
C SER A 309 7.67 -26.98 -27.75
N ILE A 310 6.82 -25.96 -27.84
CA ILE A 310 5.46 -26.10 -28.36
C ILE A 310 5.50 -26.28 -29.86
N SER A 311 4.78 -27.29 -30.37
CA SER A 311 4.73 -27.57 -31.81
C SER A 311 3.56 -26.87 -32.47
N GLU A 312 3.68 -26.61 -33.77
CA GLU A 312 2.62 -25.99 -34.58
C GLU A 312 2.20 -24.62 -34.02
N SER A 313 3.20 -23.77 -33.85
CA SER A 313 3.00 -22.43 -33.31
C SER A 313 3.60 -21.43 -34.32
N PRO A 314 3.45 -20.11 -34.06
CA PRO A 314 4.12 -19.11 -34.91
C PRO A 314 5.63 -19.29 -35.05
N PHE A 315 6.25 -19.94 -34.05
CA PHE A 315 7.68 -20.20 -34.01
C PHE A 315 8.06 -21.25 -35.04
N THR A 316 7.28 -22.33 -35.06
CA THR A 316 7.51 -23.50 -35.92
C THR A 316 6.97 -23.25 -37.33
N ASN A 317 5.91 -22.44 -37.42
CA ASN A 317 5.21 -22.15 -38.68
C ASN A 317 5.10 -20.64 -39.01
N PRO A 318 6.25 -19.96 -39.19
CA PRO A 318 6.24 -18.49 -39.41
C PRO A 318 5.37 -18.02 -40.58
N ASP A 319 5.26 -18.85 -41.62
CA ASP A 319 4.49 -18.56 -42.83
C ASP A 319 2.99 -18.37 -42.57
N ASP A 320 2.45 -19.16 -41.65
CA ASP A 320 1.02 -19.11 -41.36
C ASP A 320 0.74 -17.97 -40.39
N ARG A 321 0.24 -16.87 -40.94
CA ARG A 321 0.08 -15.64 -40.18
C ARG A 321 -1.13 -15.66 -39.23
N PHE A 322 -2.01 -16.66 -39.42
CA PHE A 322 -3.24 -16.78 -38.63
C PHE A 322 -3.12 -17.78 -37.47
N ILE A 323 -1.96 -18.42 -37.35
CA ILE A 323 -1.75 -19.49 -36.37
C ILE A 323 -1.73 -19.01 -34.91
N GLY A 324 -1.55 -17.70 -34.73
CA GLY A 324 -1.66 -17.05 -33.41
C GLY A 324 -3.04 -17.16 -32.79
N SER A 325 -4.05 -17.35 -33.64
CA SER A 325 -5.44 -17.51 -33.23
C SER A 325 -5.67 -18.70 -32.29
N LYS A 326 -4.78 -19.70 -32.41
CA LYS A 326 -4.78 -20.85 -31.49
C LYS A 326 -4.66 -20.44 -30.01
N TYR A 327 -4.05 -19.30 -29.74
CA TYR A 327 -3.79 -18.87 -28.36
C TYR A 327 -4.55 -17.60 -27.97
N ILE A 328 -5.57 -17.27 -28.76
CA ILE A 328 -6.40 -16.10 -28.50
C ILE A 328 -7.52 -16.46 -27.54
N CYS A 329 -7.52 -15.80 -26.38
CA CYS A 329 -8.60 -15.97 -25.41
C CYS A 329 -8.88 -14.68 -24.67
N SER A 330 -9.85 -14.71 -23.76
CA SER A 330 -10.27 -13.54 -23.00
C SER A 330 -10.41 -13.85 -21.51
N PRO A 331 -9.65 -13.13 -20.66
CA PRO A 331 -8.68 -12.09 -21.01
C PRO A 331 -7.48 -12.68 -21.73
N PRO A 332 -6.68 -11.84 -22.41
CA PRO A 332 -5.61 -12.43 -23.22
C PRO A 332 -4.48 -12.98 -22.36
N ILE A 333 -3.72 -13.91 -22.96
CA ILE A 333 -2.44 -14.34 -22.43
C ILE A 333 -1.49 -13.13 -22.38
N ARG A 334 -0.86 -12.93 -21.23
CA ARG A 334 -0.18 -11.67 -20.91
C ARG A 334 1.28 -11.63 -21.31
N PRO A 335 1.87 -10.42 -21.37
CA PRO A 335 3.28 -10.30 -21.75
C PRO A 335 4.20 -11.02 -20.74
N GLU A 336 5.44 -11.26 -21.16
CA GLU A 336 6.45 -11.88 -20.30
C GLU A 336 6.66 -11.09 -19.01
N GLY A 337 6.78 -11.81 -17.89
CA GLY A 337 7.02 -11.20 -16.58
C GLY A 337 5.80 -11.14 -15.67
N THR A 338 4.63 -11.43 -16.23
CA THR A 338 3.36 -11.44 -15.51
C THR A 338 3.09 -12.79 -14.82
N GLN A 339 3.63 -13.86 -15.38
CA GLN A 339 3.24 -15.23 -15.03
C GLN A 339 3.64 -15.67 -13.63
N LYS A 340 4.73 -15.11 -13.12
CA LYS A 340 5.17 -15.33 -11.73
C LYS A 340 4.12 -14.89 -10.71
N SER A 341 3.50 -13.73 -10.97
CA SER A 341 2.42 -13.20 -10.12
C SER A 341 1.22 -14.15 -10.01
N ILE A 342 1.02 -14.98 -11.03
CA ILE A 342 -0.07 -15.96 -11.04
C ILE A 342 0.17 -17.10 -10.04
N TRP A 343 1.36 -17.72 -10.12
CA TRP A 343 1.79 -18.74 -9.15
C TRP A 343 1.77 -18.20 -7.71
N LYS A 344 2.33 -17.01 -7.54
CA LYS A 344 2.36 -16.35 -6.24
C LYS A 344 0.94 -16.27 -5.66
N GLY A 345 -0.02 -15.87 -6.50
CA GLY A 345 -1.42 -15.73 -6.10
C GLY A 345 -2.07 -17.05 -5.77
N MET A 346 -1.67 -18.09 -6.50
CA MET A 346 -2.11 -19.47 -6.24
C MET A 346 -1.63 -19.98 -4.89
N ASN A 347 -0.40 -19.62 -4.53
CA ASN A 347 0.18 -20.01 -3.25
C ASN A 347 -0.25 -19.18 -2.06
N ASN A 348 -0.42 -17.87 -2.26
CA ASN A 348 -0.67 -16.98 -1.14
C ASN A 348 -2.17 -16.77 -0.80
N GLY A 349 -3.04 -17.50 -1.46
CA GLY A 349 -4.48 -17.46 -1.12
C GLY A 349 -5.38 -16.55 -1.94
N THR A 350 -4.81 -15.80 -2.89
CA THR A 350 -5.56 -14.92 -3.82
C THR A 350 -6.50 -15.71 -4.72
N PHE A 351 -5.99 -16.80 -5.31
CA PHE A 351 -6.79 -17.66 -6.13
C PHE A 351 -7.34 -18.85 -5.32
N THR A 352 -8.64 -18.79 -5.10
CA THR A 352 -9.40 -19.78 -4.38
C THR A 352 -9.42 -21.09 -5.20
N ILE A 353 -9.60 -20.95 -6.51
CA ILE A 353 -9.78 -22.07 -7.42
C ILE A 353 -9.02 -21.90 -8.73
N VAL A 354 -8.87 -23.00 -9.48
CA VAL A 354 -8.25 -23.01 -10.80
C VAL A 354 -9.18 -23.72 -11.80
N GLY A 355 -9.57 -23.02 -12.87
CA GLY A 355 -10.40 -23.61 -13.92
C GLY A 355 -9.65 -23.60 -15.25
N SER A 356 -10.22 -24.17 -16.30
CA SER A 356 -9.54 -24.12 -17.58
C SER A 356 -10.04 -23.01 -18.55
N ASP A 357 -11.28 -22.55 -18.38
CA ASP A 357 -11.93 -21.68 -19.37
C ASP A 357 -11.92 -22.40 -20.72
N HIS A 358 -12.28 -23.68 -20.68
CA HIS A 358 -12.25 -24.56 -21.84
C HIS A 358 -13.22 -24.09 -22.91
N CYS A 359 -12.69 -23.75 -24.08
CA CYS A 359 -13.53 -23.29 -25.18
C CYS A 359 -12.89 -23.60 -26.51
N SER A 360 -13.48 -24.56 -27.22
CA SER A 360 -12.80 -25.24 -28.31
C SER A 360 -13.31 -24.88 -29.71
N TYR A 361 -12.37 -24.48 -30.57
CA TYR A 361 -12.64 -24.15 -31.97
C TYR A 361 -11.52 -24.74 -32.82
N ASN A 362 -11.87 -25.38 -33.93
CA ASN A 362 -10.87 -26.02 -34.79
C ASN A 362 -9.95 -25.02 -35.46
N TYR A 363 -8.74 -25.47 -35.78
CA TYR A 363 -7.82 -24.68 -36.57
C TYR A 363 -7.51 -25.35 -37.90
N TYR A 364 -7.59 -26.67 -37.95
CA TYR A 364 -7.16 -27.42 -39.14
C TYR A 364 -8.28 -27.79 -40.10
N GLU A 365 -9.50 -27.39 -39.75
CA GLU A 365 -10.56 -27.26 -40.75
C GLU A 365 -11.06 -25.80 -40.73
N LYS A 366 -11.29 -25.26 -41.93
CA LYS A 366 -11.52 -23.83 -42.13
C LYS A 366 -12.97 -23.51 -42.52
N THR A 367 -13.76 -24.55 -42.72
CA THR A 367 -15.08 -24.47 -43.35
C THR A 367 -16.23 -24.28 -42.37
N SER A 368 -16.12 -24.93 -41.21
CA SER A 368 -17.27 -25.10 -40.32
C SER A 368 -17.54 -23.88 -39.46
N THR A 369 -18.78 -23.79 -38.99
CA THR A 369 -19.21 -22.71 -38.10
C THR A 369 -18.46 -22.71 -36.77
N ALA A 370 -17.76 -23.81 -36.47
CA ALA A 370 -17.00 -23.95 -35.23
C ALA A 370 -15.47 -23.87 -35.45
N SER A 371 -15.05 -23.20 -36.52
CA SER A 371 -13.64 -23.02 -36.84
C SER A 371 -13.13 -21.69 -36.31
N LYS A 372 -11.82 -21.58 -36.15
CA LYS A 372 -11.21 -20.29 -35.85
C LYS A 372 -11.27 -19.38 -37.09
N HIS A 373 -11.20 -20.02 -38.26
CA HIS A 373 -11.20 -19.34 -39.55
C HIS A 373 -12.58 -18.76 -39.91
N ARG A 374 -13.53 -18.94 -39.00
CA ARG A 374 -14.79 -18.21 -38.94
C ARG A 374 -14.57 -16.68 -38.98
N ALA A 375 -13.36 -16.26 -38.59
CA ALA A 375 -12.93 -14.87 -38.67
C ALA A 375 -12.79 -14.37 -40.12
N PHE A 376 -12.65 -15.32 -41.05
CA PHE A 376 -12.63 -15.03 -42.49
C PHE A 376 -14.00 -15.31 -43.09
N ASP A 377 -14.75 -14.24 -43.33
CA ASP A 377 -16.09 -14.31 -43.91
C ASP A 377 -16.30 -13.05 -44.76
N PRO A 378 -15.70 -13.02 -45.97
CA PRO A 378 -15.71 -11.84 -46.85
C PRO A 378 -17.09 -11.23 -47.02
N GLU A 379 -18.09 -12.09 -47.16
CA GLU A 379 -19.48 -11.70 -47.38
C GLU A 379 -20.03 -10.90 -46.20
N ASN A 380 -19.79 -11.40 -45.00
CA ASN A 380 -20.19 -10.74 -43.76
C ASN A 380 -19.23 -9.63 -43.31
N ASN A 381 -18.46 -9.09 -44.26
CA ASN A 381 -17.46 -8.07 -43.93
C ASN A 381 -16.52 -8.46 -42.77
N LYS A 382 -15.97 -9.68 -42.87
CA LYS A 382 -14.98 -10.20 -41.92
C LYS A 382 -13.77 -10.69 -42.71
N ASN A 383 -12.59 -10.17 -42.37
CA ASN A 383 -11.39 -10.48 -43.14
C ASN A 383 -10.22 -10.99 -42.29
N GLY A 384 -10.55 -11.65 -41.18
CA GLY A 384 -9.54 -12.28 -40.32
C GLY A 384 -9.02 -11.44 -39.16
N GLU A 385 -9.59 -10.25 -38.99
CA GLU A 385 -9.23 -9.33 -37.90
C GLU A 385 -9.42 -9.99 -36.53
N PHE A 386 -8.52 -9.69 -35.59
CA PHE A 386 -8.57 -10.35 -34.27
C PHE A 386 -9.95 -10.25 -33.62
N ARG A 387 -10.62 -9.13 -33.85
CA ARG A 387 -12.00 -8.89 -33.41
C ARG A 387 -12.91 -10.09 -33.70
N TYR A 388 -12.77 -10.64 -34.91
CA TYR A 388 -13.63 -11.71 -35.39
C TYR A 388 -13.14 -13.12 -35.08
N ILE A 389 -11.99 -13.23 -34.42
CA ILE A 389 -11.46 -14.54 -34.01
C ILE A 389 -12.20 -15.06 -32.77
N PRO A 390 -12.83 -16.24 -32.88
CA PRO A 390 -13.49 -16.83 -31.72
C PRO A 390 -12.50 -17.08 -30.58
N ASN A 391 -12.82 -16.58 -29.39
CA ASN A 391 -11.93 -16.63 -28.23
C ASN A 391 -12.06 -17.93 -27.46
N GLY A 392 -10.91 -18.51 -27.16
CA GLY A 392 -10.87 -19.71 -26.34
C GLY A 392 -9.77 -20.70 -26.68
N LEU A 393 -9.41 -21.47 -25.65
CA LEU A 393 -8.44 -22.56 -25.74
C LEU A 393 -9.08 -23.82 -25.19
N PRO A 394 -8.78 -24.98 -25.79
CA PRO A 394 -9.07 -26.27 -25.14
C PRO A 394 -8.14 -26.43 -23.94
N GLY A 395 -8.68 -26.81 -22.80
CA GLY A 395 -7.88 -26.96 -21.60
C GLY A 395 -8.38 -27.87 -20.51
N VAL A 396 -9.59 -28.43 -20.67
CA VAL A 396 -10.19 -29.29 -19.62
C VAL A 396 -9.34 -30.54 -19.30
N CYS A 397 -8.67 -31.08 -20.32
CA CYS A 397 -7.89 -32.28 -20.13
C CYS A 397 -6.54 -32.00 -19.45
N THR A 398 -5.84 -30.95 -19.88
CA THR A 398 -4.47 -30.70 -19.41
C THR A 398 -4.38 -29.92 -18.08
N ARG A 399 -5.51 -29.41 -17.59
CA ARG A 399 -5.52 -28.59 -16.37
C ARG A 399 -4.80 -29.25 -15.17
N MET A 400 -5.21 -30.47 -14.81
CA MET A 400 -4.64 -31.18 -13.66
C MET A 400 -3.17 -31.61 -13.85
N PRO A 401 -2.86 -32.29 -14.98
CA PRO A 401 -1.47 -32.66 -15.21
C PRO A 401 -0.51 -31.48 -15.29
N LEU A 402 -0.92 -30.37 -15.90
CA LEU A 402 -0.09 -29.17 -15.95
C LEU A 402 0.25 -28.60 -14.58
N LEU A 403 -0.72 -28.68 -13.67
CA LEU A 403 -0.50 -28.21 -12.30
C LEU A 403 0.38 -29.19 -11.54
N TYR A 404 0.16 -30.47 -11.77
CA TYR A 404 0.94 -31.50 -11.10
C TYR A 404 2.43 -31.32 -11.44
N ASP A 405 2.73 -31.25 -12.73
CA ASP A 405 4.08 -31.07 -13.24
C ASP A 405 4.65 -29.67 -12.89
N TYR A 406 4.14 -28.63 -13.56
CA TYR A 406 4.72 -27.28 -13.48
C TYR A 406 4.47 -26.64 -12.12
N GLY A 407 3.38 -27.04 -11.46
CA GLY A 407 3.07 -26.57 -10.13
C GLY A 407 3.82 -27.33 -9.07
N TYR A 408 3.44 -28.58 -8.82
CA TYR A 408 4.01 -29.35 -7.73
C TYR A 408 5.46 -29.79 -7.95
N LEU A 409 5.72 -30.55 -9.02
CA LEU A 409 7.04 -31.14 -9.27
C LEU A 409 8.12 -30.10 -9.51
N ARG A 410 7.77 -29.01 -10.19
CA ARG A 410 8.73 -27.99 -10.57
C ARG A 410 8.88 -26.90 -9.51
N GLY A 411 8.05 -27.00 -8.48
CA GLY A 411 8.21 -26.17 -7.28
C GLY A 411 7.45 -24.86 -7.26
N ASN A 412 6.59 -24.63 -8.26
CA ASN A 412 5.89 -23.36 -8.39
C ASN A 412 4.70 -23.28 -7.43
N LEU A 413 4.17 -24.45 -7.05
CA LEU A 413 3.24 -24.55 -5.92
C LEU A 413 3.96 -25.17 -4.72
N THR A 414 3.55 -24.76 -3.52
CA THR A 414 4.22 -25.17 -2.28
C THR A 414 4.06 -26.66 -1.97
N SER A 415 2.90 -27.22 -2.27
CA SER A 415 2.62 -28.62 -1.96
C SER A 415 1.50 -29.22 -2.83
N MET A 416 1.38 -30.55 -2.75
CA MET A 416 0.25 -31.30 -3.30
C MET A 416 -1.08 -30.95 -2.62
N MET A 417 -1.01 -30.55 -1.35
CA MET A 417 -2.19 -30.13 -0.60
C MET A 417 -2.82 -28.85 -1.16
N LYS A 418 -1.97 -27.92 -1.58
CA LYS A 418 -2.39 -26.69 -2.25
C LYS A 418 -2.99 -26.99 -3.61
N LEU A 419 -2.40 -27.96 -4.32
CA LEU A 419 -2.93 -28.39 -5.61
C LEU A 419 -4.37 -28.90 -5.45
N VAL A 420 -4.55 -29.87 -4.56
CA VAL A 420 -5.88 -30.42 -4.28
C VAL A 420 -6.87 -29.34 -3.82
N GLU A 421 -6.43 -28.45 -2.92
CA GLU A 421 -7.28 -27.35 -2.43
C GLU A 421 -7.91 -26.57 -3.58
N ILE A 422 -7.09 -26.10 -4.52
CA ILE A 422 -7.53 -25.22 -5.59
C ILE A 422 -8.16 -25.93 -6.79
N GLN A 423 -7.78 -27.18 -7.03
CA GLN A 423 -8.22 -27.93 -8.20
C GLN A 423 -9.46 -28.78 -7.96
N CYS A 424 -9.67 -29.14 -6.70
CA CYS A 424 -10.67 -30.15 -6.33
C CYS A 424 -11.61 -29.65 -5.26
N THR A 425 -11.08 -29.35 -4.08
CA THR A 425 -11.90 -29.13 -2.88
C THR A 425 -12.58 -27.76 -2.83
N ASN A 426 -11.81 -26.68 -3.05
CA ASN A 426 -12.41 -25.34 -3.10
C ASN A 426 -13.50 -25.15 -4.18
N PRO A 427 -13.28 -25.63 -5.44
CA PRO A 427 -14.36 -25.60 -6.45
C PRO A 427 -15.66 -26.28 -5.99
N ALA A 428 -15.56 -27.37 -5.24
CA ALA A 428 -16.75 -28.05 -4.71
C ALA A 428 -17.45 -27.20 -3.67
N LYS A 429 -16.65 -26.61 -2.77
CA LYS A 429 -17.19 -25.80 -1.68
C LYS A 429 -17.82 -24.52 -2.18
N VAL A 430 -17.18 -23.88 -3.16
CA VAL A 430 -17.65 -22.58 -3.64
C VAL A 430 -18.88 -22.68 -4.56
N TYR A 431 -19.02 -23.83 -5.23
CA TYR A 431 -20.17 -24.05 -6.12
C TYR A 431 -21.21 -25.05 -5.61
N GLY A 432 -21.23 -25.27 -4.30
CA GLY A 432 -22.32 -26.03 -3.67
C GLY A 432 -22.36 -27.52 -3.98
N MET A 433 -21.21 -28.10 -4.28
CA MET A 433 -21.12 -29.53 -4.55
C MET A 433 -20.45 -30.27 -3.39
N TYR A 434 -20.20 -29.56 -2.30
CA TYR A 434 -19.52 -30.11 -1.15
C TYR A 434 -20.55 -30.52 -0.08
N PRO A 435 -20.37 -31.68 0.58
CA PRO A 435 -19.25 -32.64 0.56
C PRO A 435 -19.32 -33.78 -0.46
N GLN A 436 -20.41 -33.89 -1.21
CA GLN A 436 -20.57 -34.94 -2.22
C GLN A 436 -19.36 -35.07 -3.16
N LYS A 437 -18.80 -33.94 -3.54
CA LYS A 437 -17.64 -33.86 -4.43
C LYS A 437 -16.48 -33.11 -3.77
N GLY A 438 -15.28 -33.34 -4.27
CA GLY A 438 -14.11 -32.54 -3.87
C GLY A 438 -13.12 -33.13 -2.89
N SER A 439 -13.54 -34.18 -2.18
CA SER A 439 -12.68 -34.81 -1.17
C SER A 439 -12.79 -36.32 -1.16
N ILE A 440 -12.21 -36.91 -0.11
CA ILE A 440 -12.18 -38.35 0.08
C ILE A 440 -12.70 -38.62 1.50
N LEU A 441 -14.03 -38.61 1.63
CA LEU A 441 -14.72 -38.73 2.91
C LEU A 441 -15.59 -39.99 2.95
N PRO A 442 -15.23 -40.98 3.80
CA PRO A 442 -15.96 -42.25 3.83
C PRO A 442 -17.43 -42.07 4.14
N GLY A 443 -18.27 -42.78 3.38
CA GLY A 443 -19.73 -42.69 3.52
C GLY A 443 -20.35 -41.40 3.00
N VAL A 444 -19.54 -40.49 2.51
CA VAL A 444 -20.00 -39.16 2.11
C VAL A 444 -19.62 -38.83 0.66
N SER A 445 -18.35 -39.03 0.32
CA SER A 445 -17.83 -38.69 -1.00
C SER A 445 -18.27 -39.66 -2.10
N ASP A 446 -18.81 -39.11 -3.18
CA ASP A 446 -18.79 -39.82 -4.46
C ASP A 446 -17.34 -40.25 -4.71
N ALA A 447 -17.15 -41.53 -5.06
CA ALA A 447 -15.82 -42.07 -5.29
C ALA A 447 -15.24 -41.55 -6.60
N ASP A 448 -14.91 -40.26 -6.60
CA ASP A 448 -14.29 -39.59 -7.74
C ASP A 448 -12.80 -39.39 -7.41
N LEU A 449 -11.94 -40.21 -8.00
CA LEU A 449 -10.54 -40.33 -7.59
C LEU A 449 -9.59 -40.46 -8.76
N VAL A 450 -8.38 -39.95 -8.56
CA VAL A 450 -7.33 -40.07 -9.55
C VAL A 450 -6.12 -40.74 -8.92
N ILE A 451 -5.61 -41.76 -9.59
CA ILE A 451 -4.36 -42.40 -9.22
C ILE A 451 -3.32 -42.02 -10.28
N TRP A 452 -2.26 -41.35 -9.82
CA TRP A 452 -1.17 -40.92 -10.68
C TRP A 452 -0.12 -42.03 -10.84
N TYR A 453 0.92 -41.76 -11.63
CA TYR A 453 2.08 -42.65 -11.72
C TYR A 453 3.05 -42.30 -10.60
N PRO A 454 3.88 -43.27 -10.15
CA PRO A 454 4.90 -42.92 -9.15
C PRO A 454 5.97 -41.96 -9.69
N ASP A 455 6.43 -41.05 -8.84
CA ASP A 455 7.41 -40.03 -9.24
C ASP A 455 8.88 -40.45 -9.20
N ASP A 456 9.26 -41.24 -8.19
CA ASP A 456 10.67 -41.56 -7.96
C ASP A 456 11.10 -42.92 -8.51
N SER A 457 10.22 -43.55 -9.28
CA SER A 457 10.41 -44.91 -9.75
C SER A 457 11.33 -45.00 -10.96
N LYS A 458 12.09 -46.09 -11.04
CA LYS A 458 12.89 -46.37 -12.21
C LYS A 458 12.14 -47.30 -13.16
N LYS A 459 10.97 -47.77 -12.72
CA LYS A 459 10.12 -48.67 -13.50
C LYS A 459 9.60 -47.97 -14.74
N GLU A 460 9.41 -48.74 -15.81
CA GLU A 460 8.96 -48.20 -17.09
C GLU A 460 7.46 -48.42 -17.28
N TYR A 461 6.77 -47.36 -17.69
CA TYR A 461 5.34 -47.41 -17.96
C TYR A 461 5.07 -46.99 -19.39
N ASN A 462 4.96 -47.96 -20.29
CA ASN A 462 4.77 -47.64 -21.71
C ASN A 462 3.48 -46.87 -22.02
N SER A 463 2.55 -46.85 -21.06
CA SER A 463 1.29 -46.14 -21.20
C SER A 463 1.37 -44.70 -20.70
N LYS A 464 2.40 -44.41 -19.90
CA LYS A 464 2.60 -43.06 -19.38
C LYS A 464 3.19 -42.17 -20.46
N PRO A 465 2.46 -41.11 -20.83
CA PRO A 465 2.89 -40.24 -21.92
C PRO A 465 4.04 -39.31 -21.52
N LYS A 466 4.97 -39.10 -22.45
CA LYS A 466 6.10 -38.21 -22.23
C LYS A 466 5.76 -36.77 -22.67
N LEU A 467 4.87 -36.66 -23.65
CA LEU A 467 4.53 -35.40 -24.28
C LEU A 467 3.02 -35.22 -24.40
N ILE A 468 2.57 -33.97 -24.45
CA ILE A 468 1.18 -33.66 -24.72
C ILE A 468 0.95 -33.67 -26.24
N THR A 469 -0.05 -34.47 -26.64
CA THR A 469 -0.48 -34.54 -28.03
C THR A 469 -1.99 -34.34 -28.08
N ASN A 470 -2.50 -34.05 -29.27
CA ASN A 470 -3.94 -33.89 -29.49
C ASN A 470 -4.73 -35.18 -29.26
N LYS A 471 -4.18 -36.31 -29.70
CA LYS A 471 -4.78 -37.64 -29.46
C LYS A 471 -4.99 -37.95 -27.96
N LEU A 472 -4.01 -37.57 -27.14
CA LEU A 472 -4.06 -37.72 -25.69
C LEU A 472 -5.26 -37.02 -25.04
N MET A 473 -5.75 -35.97 -25.69
CA MET A 473 -6.80 -35.13 -25.13
C MET A 473 -8.18 -35.77 -25.16
N GLU A 474 -8.37 -36.74 -26.06
CA GLU A 474 -9.64 -37.48 -26.20
C GLU A 474 -10.84 -36.54 -26.41
N HIS A 475 -10.61 -35.42 -27.10
CA HIS A 475 -11.66 -34.41 -27.33
C HIS A 475 -12.06 -34.32 -28.80
N ASN A 476 -12.97 -33.41 -29.13
CA ASN A 476 -13.43 -33.26 -30.50
C ASN A 476 -12.66 -32.16 -31.26
N CYS A 477 -11.79 -31.44 -30.56
CA CYS A 477 -10.95 -30.41 -31.19
C CYS A 477 -9.80 -31.00 -32.03
N ASP A 478 -9.33 -30.27 -33.03
CA ASP A 478 -8.20 -30.76 -33.84
C ASP A 478 -6.83 -30.21 -33.44
N TYR A 479 -6.77 -29.52 -32.29
CA TYR A 479 -5.51 -28.99 -31.76
C TYR A 479 -5.60 -28.81 -30.26
N THR A 480 -4.43 -28.80 -29.61
CA THR A 480 -4.25 -28.38 -28.21
C THR A 480 -3.08 -27.40 -28.14
N PRO A 481 -3.24 -26.30 -27.39
CA PRO A 481 -2.19 -25.28 -27.33
C PRO A 481 -0.84 -25.77 -26.77
N PHE A 482 -0.88 -26.80 -25.92
CA PHE A 482 0.33 -27.35 -25.31
C PHE A 482 0.92 -28.55 -26.09
N GLU A 483 0.56 -28.68 -27.37
CA GLU A 483 1.10 -29.76 -28.23
C GLU A 483 2.62 -29.76 -28.20
N GLY A 484 3.19 -30.95 -27.97
CA GLY A 484 4.64 -31.17 -28.07
C GLY A 484 5.45 -30.97 -26.81
N ILE A 485 4.85 -30.41 -25.77
CA ILE A 485 5.58 -30.13 -24.51
C ILE A 485 5.71 -31.37 -23.65
N GLU A 486 6.83 -31.46 -22.92
CA GLU A 486 7.07 -32.53 -21.95
C GLU A 486 6.10 -32.44 -20.75
N ILE A 487 5.51 -33.59 -20.41
CA ILE A 487 4.63 -33.69 -19.26
C ILE A 487 5.15 -34.81 -18.36
N LYS A 488 5.29 -34.53 -17.06
CA LYS A 488 6.05 -35.43 -16.18
C LYS A 488 5.21 -36.40 -15.36
N ASN A 489 3.89 -36.25 -15.44
CA ASN A 489 2.96 -37.20 -14.87
C ASN A 489 1.59 -37.07 -15.53
N TRP A 490 0.81 -38.13 -15.46
CA TRP A 490 -0.49 -38.20 -16.09
C TRP A 490 -1.37 -39.11 -15.21
N PRO A 491 -2.69 -38.87 -15.19
CA PRO A 491 -3.53 -39.87 -14.56
C PRO A 491 -3.29 -41.27 -15.11
N ARG A 492 -3.12 -42.23 -14.21
CA ARG A 492 -2.97 -43.63 -14.56
C ARG A 492 -4.34 -44.30 -14.46
N TYR A 493 -5.12 -43.87 -13.47
CA TYR A 493 -6.50 -44.30 -13.31
C TYR A 493 -7.35 -43.10 -12.98
N THR A 494 -8.47 -42.95 -13.67
CA THR A 494 -9.49 -42.00 -13.27
C THR A 494 -10.77 -42.77 -12.89
N ILE A 495 -11.16 -42.64 -11.64
CA ILE A 495 -12.33 -43.36 -11.11
C ILE A 495 -13.47 -42.37 -10.94
N VAL A 496 -14.61 -42.67 -11.55
CA VAL A 496 -15.77 -41.80 -11.50
C VAL A 496 -16.92 -42.59 -10.90
N LYS A 497 -17.36 -42.13 -9.73
CA LYS A 497 -18.44 -42.75 -8.97
C LYS A 497 -18.23 -44.24 -8.79
N GLY A 498 -17.02 -44.59 -8.34
CA GLY A 498 -16.65 -45.97 -8.06
C GLY A 498 -16.19 -46.83 -9.23
N LYS A 499 -16.29 -46.30 -10.45
CA LYS A 499 -15.95 -47.07 -11.64
C LYS A 499 -14.77 -46.48 -12.40
N ILE A 500 -13.90 -47.35 -12.90
CA ILE A 500 -12.75 -46.97 -13.71
C ILE A 500 -13.22 -46.56 -15.10
N VAL A 501 -13.09 -45.28 -15.40
CA VAL A 501 -13.53 -44.78 -16.70
C VAL A 501 -12.33 -44.50 -17.58
N TYR A 502 -11.16 -44.42 -16.96
CA TYR A 502 -9.89 -44.19 -17.64
C TYR A 502 -8.78 -45.01 -16.99
N LYS A 503 -8.13 -45.84 -17.79
CA LYS A 503 -7.00 -46.62 -17.33
C LYS A 503 -5.87 -46.69 -18.36
N GLU A 504 -4.73 -46.12 -17.97
CA GLU A 504 -3.46 -46.23 -18.73
C GLU A 504 -3.61 -45.89 -20.21
N GLY A 505 -4.20 -44.72 -20.47
CA GLY A 505 -4.38 -44.23 -21.83
C GLY A 505 -5.73 -44.56 -22.48
N GLU A 506 -6.47 -45.50 -21.89
CA GLU A 506 -7.75 -45.94 -22.45
C GLU A 506 -8.99 -45.42 -21.69
N ILE A 507 -9.96 -44.92 -22.45
CA ILE A 507 -11.28 -44.56 -21.95
C ILE A 507 -12.15 -45.81 -21.96
N LEU A 508 -12.81 -46.11 -20.84
CA LEU A 508 -13.71 -47.27 -20.77
C LEU A 508 -15.18 -46.80 -20.85
N LYS A 509 -15.68 -46.63 -22.06
CA LYS A 509 -17.03 -46.07 -22.33
C LYS A 509 -18.16 -46.82 -21.62
N GLU A 510 -18.05 -48.14 -21.49
CA GLU A 510 -19.05 -48.96 -20.80
C GLU A 510 -19.29 -48.50 -19.36
N ASN A 511 -18.29 -47.86 -18.77
CA ASN A 511 -18.38 -47.34 -17.40
C ASN A 511 -18.76 -45.87 -17.32
N ALA A 512 -19.11 -45.27 -18.45
CA ALA A 512 -19.61 -43.89 -18.49
C ALA A 512 -21.04 -43.82 -17.99
N ASP A 513 -21.26 -43.10 -16.89
CA ASP A 513 -22.59 -42.96 -16.32
C ASP A 513 -22.83 -41.59 -15.68
N GLY A 514 -22.23 -40.56 -16.25
CA GLY A 514 -22.39 -39.19 -15.77
C GLY A 514 -23.81 -38.68 -15.83
N LYS A 515 -24.14 -37.79 -14.89
CA LYS A 515 -25.48 -37.22 -14.80
C LYS A 515 -25.42 -35.73 -14.55
N TYR A 516 -26.52 -35.05 -14.85
CA TYR A 516 -26.69 -33.69 -14.44
C TYR A 516 -26.65 -33.59 -12.92
N LEU A 517 -25.97 -32.57 -12.43
CA LEU A 517 -25.80 -32.39 -11.00
C LEU A 517 -26.59 -31.21 -10.44
N LYS A 518 -27.60 -31.48 -9.62
CA LYS A 518 -28.24 -30.42 -8.85
C LYS A 518 -27.29 -30.02 -7.73
N ARG A 519 -27.11 -28.72 -7.55
CA ARG A 519 -26.17 -28.22 -6.56
C ARG A 519 -26.90 -27.48 -5.41
N GLY A 520 -26.24 -27.37 -4.27
CA GLY A 520 -26.79 -26.61 -3.15
C GLY A 520 -26.27 -25.18 -3.13
N LYS A 521 -26.63 -24.46 -2.07
CA LYS A 521 -26.09 -23.14 -1.82
C LYS A 521 -24.73 -23.31 -1.14
N SER A 522 -23.74 -22.52 -1.58
CA SER A 522 -22.44 -22.58 -0.95
C SER A 522 -22.42 -21.93 0.44
N PHE A 523 -21.73 -22.57 1.37
CA PHE A 523 -21.51 -22.03 2.70
C PHE A 523 -20.50 -20.88 2.69
N MET A 524 -19.74 -20.75 1.60
CA MET A 524 -18.79 -19.67 1.46
C MET A 524 -19.42 -18.38 0.94
N CYS A 525 -20.66 -18.48 0.46
CA CYS A 525 -21.33 -17.37 -0.18
C CYS A 525 -22.48 -16.77 0.64
N THR A 526 -22.51 -17.08 1.94
CA THR A 526 -23.34 -16.39 2.90
C THR A 526 -22.73 -14.98 3.09
N PRO A 527 -23.58 -13.96 3.36
CA PRO A 527 -23.01 -12.61 3.40
C PRO A 527 -22.29 -12.31 4.70
N LYS A 528 -21.30 -11.42 4.63
CA LYS A 528 -20.57 -10.94 5.80
C LYS A 528 -21.48 -10.14 6.76
N ASN A 529 -22.57 -9.60 6.22
CA ASN A 529 -23.43 -8.65 6.95
C ASN A 529 -22.71 -7.36 7.35
N GLU A 530 -21.88 -6.89 6.45
CA GLU A 530 -21.11 -5.67 6.64
C GLU A 530 -21.53 -4.62 5.62
N TRP A 531 -21.75 -3.39 6.08
CA TRP A 531 -22.28 -2.36 5.23
C TRP A 531 -21.46 -1.09 5.27
N VAL A 532 -21.51 -0.33 4.17
CA VAL A 532 -20.85 0.94 4.02
C VAL A 532 -21.65 2.08 4.67
N THR A 533 -22.97 1.99 4.59
CA THR A 533 -23.86 3.00 5.17
C THR A 533 -24.92 2.31 6.02
N GLU A 534 -25.85 3.11 6.55
CA GLU A 534 -26.99 2.62 7.34
C GLU A 534 -28.06 1.91 6.49
N TRP A 535 -28.03 2.09 5.17
CA TRP A 535 -28.96 1.41 4.26
C TRP A 535 -28.90 -0.13 4.39
N ARG A 536 -30.08 -0.74 4.45
CA ARG A 536 -30.24 -2.20 4.41
C ARG A 536 -31.32 -2.56 3.38
N PRO A 537 -31.17 -3.72 2.71
CA PRO A 537 -32.22 -4.21 1.82
C PRO A 537 -33.50 -4.45 2.59
N LYS A 538 -34.64 -4.15 1.95
CA LYS A 538 -35.96 -4.32 2.57
C LYS A 538 -36.15 -5.61 3.37
N TYR A 539 -35.59 -6.72 2.88
CA TYR A 539 -35.85 -8.04 3.48
C TYR A 539 -35.02 -8.39 4.73
N GLU A 540 -34.24 -7.43 5.23
CA GLU A 540 -33.15 -7.77 6.16
C GLU A 540 -33.55 -8.27 7.56
N PRO B 1 2.95 61.71 -9.90
CA PRO B 1 3.63 60.55 -9.34
C PRO B 1 3.88 59.50 -10.40
N ILE B 2 4.99 58.78 -10.27
CA ILE B 2 5.36 57.79 -11.27
C ILE B 2 4.60 56.48 -11.11
N TYR B 3 4.14 56.21 -9.89
CA TYR B 3 3.33 55.03 -9.63
C TYR B 3 1.94 55.41 -9.13
N ASP B 4 0.93 54.66 -9.60
CA ASP B 4 -0.45 54.83 -9.15
C ASP B 4 -0.62 54.44 -7.67
N LEU B 5 0.10 53.41 -7.24
CA LEU B 5 -0.12 52.82 -5.91
C LEU B 5 1.17 52.28 -5.28
N ILE B 6 1.40 52.62 -4.01
CA ILE B 6 2.50 52.06 -3.24
C ILE B 6 1.98 51.41 -1.96
N ILE B 7 2.34 50.13 -1.75
CA ILE B 7 2.00 49.44 -0.51
C ILE B 7 3.22 49.29 0.40
N LYS B 8 3.18 49.98 1.54
CA LYS B 8 4.29 50.03 2.46
C LYS B 8 4.03 49.19 3.72
N ASN B 9 5.12 48.84 4.40
CA ASN B 9 5.10 48.22 5.74
C ASN B 9 4.38 46.87 5.83
N GLY B 10 4.30 46.17 4.71
CA GLY B 10 3.61 44.89 4.67
C GLY B 10 4.56 43.73 4.48
N ILE B 11 4.05 42.51 4.65
CA ILE B 11 4.85 41.28 4.50
C ILE B 11 4.33 40.53 3.27
N ILE B 12 5.16 40.43 2.25
CA ILE B 12 4.77 39.77 1.01
C ILE B 12 4.81 38.26 1.21
N CYS B 13 3.71 37.61 0.85
CA CYS B 13 3.59 36.16 0.86
CA CYS B 13 3.64 36.17 0.85
C CYS B 13 3.46 35.62 -0.57
N THR B 14 4.31 34.68 -0.96
CA THR B 14 4.18 34.00 -2.25
C THR B 14 4.08 32.51 -1.99
N ALA B 15 4.03 31.72 -3.06
CA ALA B 15 3.96 30.27 -2.93
C ALA B 15 5.28 29.67 -2.41
N SER B 16 6.34 30.47 -2.37
CA SER B 16 7.67 29.98 -1.95
C SER B 16 8.43 30.91 -0.99
N ASP B 17 7.94 32.13 -0.76
CA ASP B 17 8.63 33.12 0.07
C ASP B 17 7.69 33.90 1.00
N ILE B 18 8.18 34.24 2.19
CA ILE B 18 7.54 35.22 3.06
C ILE B 18 8.63 36.22 3.48
N TYR B 19 8.40 37.50 3.21
CA TYR B 19 9.36 38.56 3.55
C TYR B 19 8.74 39.95 3.56
N ALA B 20 9.31 40.80 4.41
CA ALA B 20 8.94 42.21 4.48
C ALA B 20 9.59 42.97 3.33
N ALA B 21 8.76 43.61 2.52
CA ALA B 21 9.20 44.42 1.37
C ALA B 21 8.02 45.25 0.89
N GLU B 22 8.28 46.23 0.04
CA GLU B 22 7.23 47.14 -0.43
C GLU B 22 6.98 47.00 -1.93
N ILE B 23 5.79 47.38 -2.37
CA ILE B 23 5.38 47.18 -3.77
C ILE B 23 4.89 48.49 -4.41
N ALA B 24 5.38 48.75 -5.63
CA ALA B 24 4.87 49.82 -6.48
C ALA B 24 4.02 49.25 -7.63
N VAL B 25 2.87 49.90 -7.84
CA VAL B 25 1.90 49.50 -8.85
C VAL B 25 1.64 50.65 -9.81
N ASN B 26 1.59 50.32 -11.11
CA ASN B 26 1.28 51.29 -12.16
C ASN B 26 0.73 50.64 -13.42
N ASN B 27 -0.26 51.27 -14.03
CA ASN B 27 -0.89 50.82 -15.27
C ASN B 27 -1.45 49.41 -15.17
N GLY B 28 -2.01 49.11 -13.99
CA GLY B 28 -2.70 47.85 -13.76
C GLY B 28 -1.81 46.67 -13.38
N LYS B 29 -0.52 46.93 -13.23
CA LYS B 29 0.48 45.89 -13.03
C LYS B 29 1.46 46.19 -11.88
N VAL B 30 2.01 45.10 -11.32
CA VAL B 30 3.12 45.21 -10.37
C VAL B 30 4.33 45.72 -11.14
N GLN B 31 4.97 46.77 -10.63
CA GLN B 31 6.10 47.38 -11.32
C GLN B 31 7.44 47.14 -10.63
N LEU B 32 7.39 46.94 -9.31
CA LEU B 32 8.57 47.06 -8.48
C LEU B 32 8.38 46.41 -7.11
N ILE B 33 9.37 45.61 -6.70
CA ILE B 33 9.50 45.22 -5.30
C ILE B 33 10.85 45.72 -4.78
N ALA B 34 10.81 46.45 -3.66
CA ALA B 34 12.01 46.97 -2.99
C ALA B 34 11.85 47.04 -1.46
N ALA B 35 12.94 47.22 -0.74
CA ALA B 35 12.91 47.32 0.73
C ALA B 35 12.08 48.49 1.22
N SER B 36 12.22 49.60 0.50
CA SER B 36 11.52 50.85 0.81
C SER B 36 11.30 51.61 -0.48
N ILE B 37 10.11 52.20 -0.60
CA ILE B 37 9.77 53.04 -1.73
C ILE B 37 9.31 54.41 -1.21
N ASP B 38 9.93 55.47 -1.72
CA ASP B 38 9.59 56.83 -1.31
C ASP B 38 8.11 57.12 -1.62
N PRO B 39 7.31 57.40 -0.57
CA PRO B 39 5.85 57.59 -0.71
C PRO B 39 5.47 58.77 -1.62
N SER B 40 6.39 59.71 -1.83
CA SER B 40 6.16 60.80 -2.79
C SER B 40 6.11 60.32 -4.24
N LEU B 41 6.56 59.09 -4.49
CA LEU B 41 6.61 58.54 -5.85
C LEU B 41 5.29 57.90 -6.30
N GLY B 42 4.35 57.75 -5.36
CA GLY B 42 3.04 57.14 -5.63
C GLY B 42 1.87 58.10 -5.44
N SER B 43 0.82 57.90 -6.24
CA SER B 43 -0.40 58.72 -6.14
C SER B 43 -1.17 58.38 -4.87
N GLU B 44 -1.16 57.09 -4.53
CA GLU B 44 -1.87 56.57 -3.38
C GLU B 44 -0.91 55.65 -2.64
N VAL B 45 -0.82 55.85 -1.33
CA VAL B 45 0.03 55.04 -0.47
C VAL B 45 -0.84 54.32 0.55
N ILE B 46 -0.67 52.99 0.60
CA ILE B 46 -1.30 52.14 1.61
C ILE B 46 -0.25 51.68 2.63
N ASP B 47 -0.55 51.88 3.91
CA ASP B 47 0.24 51.37 5.02
C ASP B 47 -0.41 50.07 5.47
N ALA B 48 0.28 48.95 5.20
CA ALA B 48 -0.25 47.62 5.54
C ALA B 48 -0.16 47.27 7.04
N GLU B 49 0.58 48.07 7.80
CA GLU B 49 0.73 47.93 9.26
C GLU B 49 1.26 46.56 9.72
N GLY B 50 2.22 46.02 9.00
CA GLY B 50 2.81 44.72 9.35
C GLY B 50 2.01 43.49 8.91
N ALA B 51 0.94 43.72 8.15
CA ALA B 51 0.07 42.62 7.73
C ALA B 51 0.59 41.90 6.48
N PHE B 52 0.11 40.69 6.25
CA PHE B 52 0.46 39.95 5.04
C PHE B 52 -0.18 40.58 3.81
N ILE B 53 0.59 40.58 2.72
CA ILE B 53 0.11 40.92 1.39
C ILE B 53 0.16 39.61 0.60
N THR B 54 -0.97 39.16 0.09
CA THR B 54 -0.98 37.97 -0.76
C THR B 54 -1.39 38.35 -2.17
N PRO B 55 -1.06 37.50 -3.17
CA PRO B 55 -1.67 37.72 -4.49
C PRO B 55 -3.17 37.56 -4.32
N GLY B 56 -3.95 38.03 -5.28
CA GLY B 56 -5.39 37.79 -5.23
C GLY B 56 -5.67 36.32 -5.40
N GLY B 57 -6.71 35.84 -4.73
CA GLY B 57 -7.18 34.48 -4.96
C GLY B 57 -7.72 34.28 -6.37
N ILE B 58 -7.62 33.05 -6.86
CA ILE B 58 -8.15 32.66 -8.16
C ILE B 58 -9.05 31.47 -7.91
N ASP B 59 -10.35 31.64 -8.17
CA ASP B 59 -11.33 30.58 -7.92
C ASP B 59 -11.82 30.01 -9.25
N ALA B 60 -11.33 28.83 -9.56
CA ALA B 60 -11.54 28.25 -10.87
C ALA B 60 -12.72 27.28 -10.91
N HIS B 61 -13.58 27.35 -9.89
CA HIS B 61 -14.79 26.53 -9.86
C HIS B 61 -15.97 27.34 -9.32
N VAL B 62 -16.51 28.22 -10.16
CA VAL B 62 -17.64 29.10 -9.82
C VAL B 62 -18.80 28.91 -10.81
N HIS B 63 -19.99 28.66 -10.29
CA HIS B 63 -21.17 28.53 -11.16
C HIS B 63 -22.04 29.79 -11.08
N VAL B 64 -22.29 30.36 -12.26
CA VAL B 64 -23.01 31.61 -12.41
C VAL B 64 -24.23 31.34 -13.31
N ASP B 65 -25.27 32.16 -13.17
CA ASP B 65 -26.42 32.09 -14.05
C ASP B 65 -26.00 32.18 -15.52
N GLU B 66 -26.32 31.14 -16.31
CA GLU B 66 -25.99 31.13 -17.74
C GLU B 66 -27.20 30.82 -18.64
N PRO B 67 -27.20 31.33 -19.89
CA PRO B 67 -28.35 31.29 -20.81
C PRO B 67 -28.99 29.90 -21.00
N LEU B 68 -28.16 28.86 -21.07
CA LEU B 68 -28.69 27.50 -21.27
C LEU B 68 -29.25 26.86 -20.00
N LYS B 69 -29.07 27.54 -18.86
CA LYS B 69 -29.66 27.12 -17.57
C LYS B 69 -29.42 25.64 -17.29
N LEU B 70 -28.16 25.21 -17.40
CA LEU B 70 -27.80 23.81 -17.18
C LEU B 70 -28.13 23.34 -15.75
N LEU B 71 -27.82 24.18 -14.77
CA LEU B 71 -28.13 23.86 -13.37
C LEU B 71 -29.41 24.59 -12.94
N GLY B 72 -30.36 24.69 -13.87
CA GLY B 72 -31.54 25.53 -13.69
C GLY B 72 -31.14 26.98 -13.44
N ASP B 73 -32.05 27.75 -12.89
CA ASP B 73 -31.75 29.14 -12.53
C ASP B 73 -30.87 29.24 -11.28
N VAL B 74 -29.77 29.96 -11.42
CA VAL B 74 -28.87 30.27 -10.29
C VAL B 74 -29.06 31.75 -9.91
N VAL B 75 -28.91 32.08 -8.63
CA VAL B 75 -29.20 33.46 -8.16
C VAL B 75 -28.16 34.51 -8.59
N ASP B 76 -26.90 34.11 -8.68
CA ASP B 76 -25.81 35.04 -8.98
C ASP B 76 -25.54 35.14 -10.48
N THR B 77 -25.53 36.37 -10.99
CA THR B 77 -24.98 36.65 -12.30
C THR B 77 -23.46 36.74 -12.14
N MET B 78 -22.76 37.02 -13.23
CA MET B 78 -21.33 37.26 -13.17
C MET B 78 -21.03 38.53 -12.36
N GLU B 79 -21.91 39.53 -12.47
CA GLU B 79 -21.84 40.75 -11.66
C GLU B 79 -21.80 40.42 -10.16
N HIS B 80 -22.75 39.58 -9.73
CA HIS B 80 -22.90 39.24 -8.32
C HIS B 80 -21.71 38.44 -7.81
N ALA B 81 -21.28 37.47 -8.62
CA ALA B 81 -20.25 36.54 -8.20
C ALA B 81 -18.87 37.19 -8.10
N THR B 82 -18.57 38.11 -9.02
CA THR B 82 -17.31 38.86 -8.98
C THR B 82 -17.32 39.90 -7.86
N ARG B 83 -18.48 40.49 -7.58
CA ARG B 83 -18.61 41.38 -6.43
C ARG B 83 -18.33 40.66 -5.11
N SER B 84 -18.88 39.45 -4.98
CA SER B 84 -18.73 38.62 -3.79
C SER B 84 -17.30 38.11 -3.69
N ALA B 85 -16.75 37.66 -4.81
CA ALA B 85 -15.37 37.21 -4.90
C ALA B 85 -14.44 38.26 -4.32
N VAL B 86 -14.56 39.49 -4.83
CA VAL B 86 -13.70 40.61 -4.45
C VAL B 86 -13.78 40.96 -2.95
N ALA B 87 -14.98 40.85 -2.39
CA ALA B 87 -15.20 41.11 -0.95
C ALA B 87 -14.52 40.07 -0.07
N GLY B 88 -14.15 38.94 -0.66
CA GLY B 88 -13.48 37.89 0.06
C GLY B 88 -12.05 37.62 -0.40
N GLY B 89 -11.47 38.55 -1.16
CA GLY B 89 -10.09 38.46 -1.58
C GLY B 89 -9.80 37.71 -2.86
N THR B 90 -10.84 37.26 -3.56
CA THR B 90 -10.67 36.56 -4.82
C THR B 90 -10.78 37.55 -5.99
N THR B 91 -9.79 37.53 -6.89
CA THR B 91 -9.68 38.57 -7.91
C THR B 91 -9.73 38.01 -9.36
N THR B 92 -9.81 36.68 -9.48
CA THR B 92 -10.15 36.05 -10.76
C THR B 92 -11.05 34.86 -10.50
N VAL B 93 -12.15 34.78 -11.23
CA VAL B 93 -13.05 33.64 -11.17
C VAL B 93 -13.10 32.94 -12.53
N VAL B 94 -13.27 31.63 -12.53
CA VAL B 94 -13.49 30.89 -13.75
C VAL B 94 -14.81 30.11 -13.65
N ALA B 95 -15.74 30.46 -14.53
CA ALA B 95 -17.05 29.80 -14.56
C ALA B 95 -17.13 28.82 -15.71
N PHE B 96 -18.34 28.38 -16.01
CA PHE B 96 -18.55 27.28 -16.95
C PHE B 96 -19.41 27.63 -18.15
N SER B 97 -18.92 27.28 -19.33
CA SER B 97 -19.68 27.43 -20.56
C SER B 97 -20.30 26.08 -20.96
N THR B 98 -21.62 26.06 -21.09
CA THR B 98 -22.29 24.81 -21.42
C THR B 98 -22.37 24.61 -22.93
N GLN B 99 -21.89 23.45 -23.38
CA GLN B 99 -22.02 23.01 -24.76
C GLN B 99 -23.48 23.16 -25.19
N ASP B 100 -23.67 23.81 -26.34
CA ASP B 100 -25.00 24.06 -26.89
C ASP B 100 -25.23 23.06 -28.02
N VAL B 101 -26.07 22.06 -27.78
CA VAL B 101 -26.26 20.96 -28.73
C VAL B 101 -27.02 21.35 -30.01
N SER B 102 -27.62 22.54 -30.00
CA SER B 102 -28.28 23.08 -31.19
C SER B 102 -27.29 23.61 -32.24
N LYS B 103 -26.07 23.93 -31.80
CA LYS B 103 -25.03 24.43 -32.69
C LYS B 103 -24.26 23.26 -33.32
N LYS B 104 -23.97 23.37 -34.61
CA LYS B 104 -23.31 22.29 -35.34
C LYS B 104 -22.04 22.75 -36.08
N GLY B 105 -21.21 21.79 -36.47
CA GLY B 105 -20.01 22.09 -37.24
C GLY B 105 -18.80 22.53 -36.43
N PRO B 106 -17.74 22.98 -37.13
CA PRO B 106 -16.45 23.35 -36.55
C PRO B 106 -16.51 24.45 -35.48
N SER B 107 -17.51 25.32 -35.57
CA SER B 107 -17.63 26.45 -34.62
C SER B 107 -18.58 26.18 -33.44
N ALA B 108 -19.10 24.95 -33.34
CA ALA B 108 -20.15 24.62 -32.35
C ALA B 108 -19.80 24.96 -30.89
N LEU B 109 -18.54 24.73 -30.50
CA LEU B 109 -18.15 24.97 -29.11
C LEU B 109 -17.72 26.42 -28.85
N ALA B 110 -17.08 27.04 -29.84
CA ALA B 110 -16.81 28.50 -29.80
C ALA B 110 -18.13 29.28 -29.67
N GLU B 111 -19.13 28.89 -30.45
CA GLU B 111 -20.47 29.47 -30.37
C GLU B 111 -21.11 29.34 -28.98
N SER B 112 -20.86 28.22 -28.29
CA SER B 112 -21.35 28.00 -26.91
C SER B 112 -20.68 28.97 -25.92
N VAL B 113 -19.39 29.25 -26.13
CA VAL B 113 -18.65 30.20 -25.30
C VAL B 113 -19.16 31.62 -25.56
N LYS B 114 -19.38 31.92 -26.83
CA LYS B 114 -19.92 33.22 -27.27
C LYS B 114 -21.22 33.63 -26.55
N LEU B 115 -22.08 32.66 -26.24
CA LEU B 115 -23.33 32.93 -25.55
C LEU B 115 -23.10 33.55 -24.19
N ASP B 116 -22.11 33.02 -23.47
CA ASP B 116 -21.80 33.50 -22.12
C ASP B 116 -21.04 34.82 -22.14
N VAL B 117 -20.02 34.94 -22.98
CA VAL B 117 -19.23 36.16 -23.09
C VAL B 117 -20.13 37.36 -23.41
N ASP B 118 -21.01 37.17 -24.40
CA ASP B 118 -21.97 38.20 -24.78
C ASP B 118 -22.96 38.56 -23.67
N GLU B 119 -23.44 37.56 -22.93
CA GLU B 119 -24.36 37.82 -21.81
C GLU B 119 -23.71 38.62 -20.68
N TYR B 120 -22.46 38.29 -20.35
CA TYR B 120 -21.76 38.96 -19.27
C TYR B 120 -21.14 40.31 -19.64
N SER B 121 -21.05 40.59 -20.94
CA SER B 121 -20.41 41.81 -21.42
C SER B 121 -21.23 43.04 -21.04
N GLU B 122 -22.51 42.83 -20.75
CA GLU B 122 -23.42 43.91 -20.42
C GLU B 122 -23.49 44.20 -18.91
N GLN B 123 -22.90 43.32 -18.13
CA GLN B 123 -22.93 43.42 -16.66
C GLN B 123 -21.71 44.17 -16.11
N THR B 124 -21.82 44.68 -14.88
CA THR B 124 -20.69 45.28 -14.19
C THR B 124 -19.85 44.16 -13.59
N LEU B 125 -18.58 44.08 -13.99
CA LEU B 125 -17.68 43.05 -13.48
C LEU B 125 -16.63 43.65 -12.55
N TYR B 126 -16.55 43.09 -11.36
CA TYR B 126 -15.67 43.61 -10.32
C TYR B 126 -14.27 43.03 -10.41
N CYS B 127 -14.15 41.89 -11.08
CA CYS B 127 -12.86 41.31 -11.43
C CYS B 127 -12.94 40.53 -12.74
N ASP B 128 -11.79 40.08 -13.22
CA ASP B 128 -11.72 39.30 -14.47
C ASP B 128 -12.37 37.93 -14.29
N TYR B 129 -12.84 37.37 -15.39
CA TYR B 129 -13.38 36.01 -15.37
C TYR B 129 -12.92 35.26 -16.61
N GLY B 130 -12.69 33.96 -16.44
CA GLY B 130 -12.48 33.07 -17.57
C GLY B 130 -13.61 32.04 -17.65
N LEU B 131 -13.58 31.20 -18.67
CA LEU B 131 -14.56 30.11 -18.80
C LEU B 131 -13.94 28.73 -19.07
N HIS B 132 -14.47 27.73 -18.38
CA HIS B 132 -14.28 26.32 -18.71
C HIS B 132 -15.37 25.93 -19.71
N LEU B 133 -15.11 24.87 -20.47
CA LEU B 133 -16.17 24.32 -21.32
C LEU B 133 -16.70 23.02 -20.71
N ILE B 134 -18.03 22.89 -20.64
CA ILE B 134 -18.67 21.66 -20.18
C ILE B 134 -19.10 20.79 -21.36
N LEU B 135 -18.63 19.55 -21.38
CA LEU B 135 -18.95 18.61 -22.45
C LEU B 135 -19.81 17.45 -21.95
N PHE B 136 -20.94 17.23 -22.61
CA PHE B 136 -21.84 16.11 -22.26
C PHE B 136 -22.42 15.38 -23.48
N GLN B 137 -22.16 15.89 -24.68
CA GLN B 137 -22.57 15.21 -25.91
C GLN B 137 -21.37 14.94 -26.82
N ILE B 138 -20.95 13.68 -26.87
CA ILE B 138 -19.81 13.28 -27.70
C ILE B 138 -20.31 12.40 -28.83
N GLU B 139 -19.90 12.73 -30.07
CA GLU B 139 -20.30 11.97 -31.25
C GLU B 139 -19.62 10.61 -31.24
N LYS B 140 -20.30 9.60 -31.80
CA LYS B 140 -19.79 8.23 -31.82
C LYS B 140 -20.01 7.63 -33.20
N PRO B 141 -19.19 6.65 -33.62
CA PRO B 141 -17.96 6.08 -33.05
C PRO B 141 -16.79 7.07 -32.98
N SER B 142 -15.76 6.73 -32.22
CA SER B 142 -14.68 7.66 -31.86
C SER B 142 -13.81 8.11 -33.03
N VAL B 143 -13.41 7.16 -33.88
CA VAL B 143 -12.52 7.43 -35.00
C VAL B 143 -13.11 8.43 -36.00
N GLU B 144 -14.35 8.17 -36.42
CA GLU B 144 -15.09 9.02 -37.38
C GLU B 144 -15.26 10.44 -36.86
N ALA B 145 -15.45 10.56 -35.56
CA ALA B 145 -15.80 11.83 -34.92
C ALA B 145 -14.57 12.69 -34.56
N ARG B 146 -13.38 12.15 -34.78
CA ARG B 146 -12.16 12.76 -34.26
C ARG B 146 -11.84 14.15 -34.80
N GLU B 147 -11.68 14.25 -36.13
CA GLU B 147 -11.26 15.52 -36.73
C GLU B 147 -12.15 16.71 -36.35
N LEU B 148 -13.46 16.48 -36.27
CA LEU B 148 -14.42 17.53 -35.88
C LEU B 148 -14.22 18.01 -34.45
N LEU B 149 -14.16 17.08 -33.50
CA LEU B 149 -13.98 17.43 -32.09
C LEU B 149 -12.65 18.16 -31.83
N ASP B 150 -11.59 17.72 -32.50
CA ASP B 150 -10.29 18.37 -32.44
C ASP B 150 -10.39 19.76 -33.10
N VAL B 151 -11.06 19.81 -34.25
CA VAL B 151 -11.35 21.07 -34.96
C VAL B 151 -12.21 22.03 -34.11
N GLN B 152 -13.14 21.48 -33.33
CA GLN B 152 -14.00 22.28 -32.45
C GLN B 152 -13.28 22.85 -31.21
N LEU B 153 -12.34 22.09 -30.64
CA LEU B 153 -11.57 22.58 -29.49
C LEU B 153 -10.60 23.68 -29.92
N GLN B 154 -10.00 23.49 -31.10
CA GLN B 154 -9.10 24.49 -31.66
C GLN B 154 -9.82 25.82 -31.80
N ALA B 155 -11.06 25.75 -32.28
CA ALA B 155 -11.86 26.93 -32.54
C ALA B 155 -12.26 27.63 -31.26
N ALA B 156 -12.58 26.86 -30.22
CA ALA B 156 -12.90 27.43 -28.89
C ALA B 156 -11.66 28.07 -28.27
N TYR B 157 -10.50 27.46 -28.50
CA TYR B 157 -9.25 28.04 -28.04
C TYR B 157 -8.87 29.29 -28.83
N ASN B 158 -8.90 29.18 -30.16
CA ASN B 158 -8.44 30.25 -31.03
C ASN B 158 -9.32 31.50 -30.93
N ASP B 159 -10.64 31.29 -30.87
CA ASP B 159 -11.56 32.41 -30.83
C ASP B 159 -11.67 33.02 -29.42
N TYR B 160 -11.62 32.18 -28.38
CA TYR B 160 -11.98 32.64 -27.02
C TYR B 160 -10.99 32.27 -25.92
N GLY B 161 -9.91 31.59 -26.26
CA GLY B 161 -8.90 31.19 -25.26
C GLY B 161 -9.46 30.29 -24.16
N VAL B 162 -10.34 29.38 -24.56
CA VAL B 162 -10.82 28.36 -23.65
C VAL B 162 -9.88 27.18 -23.83
N SER B 163 -9.24 26.76 -22.74
CA SER B 163 -8.22 25.73 -22.79
C SER B 163 -8.46 24.62 -21.76
N SER B 164 -9.67 24.54 -21.24
CA SER B 164 -10.05 23.51 -20.27
C SER B 164 -11.43 22.95 -20.55
N VAL B 165 -11.60 21.65 -20.37
CA VAL B 165 -12.87 20.98 -20.65
C VAL B 165 -13.30 20.14 -19.46
N MET B 167 -15.93 17.37 -17.72
CA MET B 167 -16.87 16.27 -17.95
C MET B 167 -17.34 15.63 -16.65
N PHE B 168 -18.52 15.00 -16.73
CA PHE B 168 -19.19 14.38 -15.57
C PHE B 168 -19.30 12.86 -15.76
N MET B 169 -19.04 12.12 -14.69
CA MET B 169 -19.26 10.67 -14.68
C MET B 169 -20.55 10.36 -13.90
N THR B 170 -21.28 11.41 -13.54
CA THR B 170 -22.58 11.31 -12.86
C THR B 170 -23.58 12.38 -13.34
N TYR B 171 -24.80 12.33 -12.78
CA TYR B 171 -25.90 13.24 -13.15
CA TYR B 171 -25.95 13.15 -13.12
C TYR B 171 -26.58 12.82 -14.46
N PRO B 172 -27.92 12.55 -14.44
CA PRO B 172 -28.65 12.29 -15.69
C PRO B 172 -28.57 13.47 -16.67
N GLY B 173 -28.13 13.18 -17.90
CA GLY B 173 -28.05 14.22 -18.95
C GLY B 173 -26.67 14.81 -19.05
N LEU B 174 -25.82 14.55 -18.05
CA LEU B 174 -24.45 15.03 -18.06
C LEU B 174 -23.46 13.89 -18.06
N GLN B 175 -23.79 12.82 -17.33
CA GLN B 175 -22.94 11.62 -17.26
C GLN B 175 -22.56 11.11 -18.66
N ILE B 176 -21.28 10.80 -18.83
CA ILE B 176 -20.83 10.18 -20.08
C ILE B 176 -20.05 8.87 -19.88
N SER B 177 -20.19 7.97 -20.84
CA SER B 177 -19.54 6.67 -20.84
C SER B 177 -18.03 6.81 -20.83
N ASP B 178 -17.32 5.74 -20.45
CA ASP B 178 -15.87 5.72 -20.48
C ASP B 178 -15.37 5.87 -21.92
N TYR B 179 -16.08 5.22 -22.85
CA TYR B 179 -15.81 5.30 -24.29
C TYR B 179 -15.76 6.76 -24.78
N ASP B 180 -16.74 7.55 -24.37
CA ASP B 180 -16.82 8.96 -24.74
C ASP B 180 -15.71 9.80 -24.10
N ILE B 181 -15.41 9.52 -22.84
CA ILE B 181 -14.31 10.18 -22.13
C ILE B 181 -12.99 9.96 -22.89
N MET B 182 -12.72 8.73 -23.29
CA MET B 182 -11.50 8.43 -24.06
C MET B 182 -11.47 9.25 -25.35
N SER B 183 -12.59 9.31 -26.08
CA SER B 183 -12.73 10.21 -27.25
C SER B 183 -12.32 11.64 -26.95
N ALA B 184 -12.84 12.17 -25.84
CA ALA B 184 -12.50 13.54 -25.42
C ALA B 184 -11.03 13.68 -25.04
N MET B 185 -10.52 12.71 -24.29
CA MET B 185 -9.12 12.71 -23.87
C MET B 185 -8.18 12.71 -25.07
N TYR B 186 -8.60 12.02 -26.12
CA TYR B 186 -7.83 11.97 -27.36
C TYR B 186 -7.70 13.39 -27.93
N ALA B 187 -8.80 14.13 -27.92
CA ALA B 187 -8.83 15.49 -28.45
C ALA B 187 -8.14 16.49 -27.53
N THR B 188 -8.34 16.35 -26.22
CA THR B 188 -7.76 17.31 -25.26
C THR B 188 -6.24 17.20 -25.17
N ARG B 189 -5.73 15.97 -25.13
CA ARG B 189 -4.28 15.73 -25.10
C ARG B 189 -3.61 16.36 -26.33
N LYS B 190 -4.16 16.10 -27.51
CA LYS B 190 -3.65 16.61 -28.79
C LYS B 190 -3.60 18.14 -28.80
N ASN B 191 -4.57 18.77 -28.13
CA ASN B 191 -4.67 20.23 -28.07
C ASN B 191 -4.07 20.88 -26.83
N GLY B 192 -3.46 20.08 -25.95
CA GLY B 192 -2.88 20.61 -24.71
C GLY B 192 -3.89 21.21 -23.74
N PHE B 193 -5.16 20.80 -23.88
CA PHE B 193 -6.22 21.25 -22.99
C PHE B 193 -6.04 20.71 -21.57
N THR B 194 -6.57 21.44 -20.59
CA THR B 194 -6.72 20.94 -19.23
C THR B 194 -7.98 20.10 -19.20
N THR B 195 -7.88 18.85 -18.81
CA THR B 195 -9.03 17.95 -18.77
C THR B 195 -9.53 17.79 -17.33
N MET B 196 -10.80 18.11 -17.10
CA MET B 196 -11.36 18.09 -15.76
C MET B 196 -12.44 17.04 -15.65
N LEU B 197 -12.43 16.29 -14.55
CA LEU B 197 -13.47 15.29 -14.29
C LEU B 197 -14.19 15.43 -12.94
N HIS B 198 -15.51 15.31 -12.98
CA HIS B 198 -16.34 15.10 -11.78
C HIS B 198 -16.50 13.57 -11.65
N ALA B 199 -15.78 12.99 -10.70
CA ALA B 199 -15.70 11.54 -10.58
C ALA B 199 -16.60 10.98 -9.47
N GLU B 200 -17.83 10.64 -9.82
CA GLU B 200 -18.70 9.81 -8.98
C GLU B 200 -19.31 8.79 -9.92
N ASN B 201 -19.48 7.55 -9.45
CA ASN B 201 -20.12 6.54 -10.28
C ASN B 201 -21.60 6.81 -10.38
N GLY B 202 -22.02 7.29 -11.54
CA GLY B 202 -23.40 7.67 -11.78
C GLY B 202 -24.43 6.57 -11.65
N ASP B 203 -24.07 5.36 -12.11
CA ASP B 203 -24.95 4.20 -12.01
C ASP B 203 -25.22 3.79 -10.56
N MET B 204 -24.20 3.86 -9.72
CA MET B 204 -24.33 3.51 -8.29
C MET B 204 -25.23 4.51 -7.58
N VAL B 205 -25.02 5.80 -7.86
CA VAL B 205 -25.81 6.87 -7.29
C VAL B 205 -27.30 6.71 -7.66
N LYS B 206 -27.54 6.53 -8.95
CA LYS B 206 -28.89 6.30 -9.49
C LYS B 206 -29.59 5.11 -8.80
N TRP B 207 -28.91 3.97 -8.73
CA TRP B 207 -29.46 2.76 -8.10
C TRP B 207 -29.78 2.98 -6.62
N MET B 208 -28.84 3.55 -5.88
CA MET B 208 -29.01 3.81 -4.46
C MET B 208 -30.07 4.88 -4.13
N ILE B 209 -30.23 5.90 -4.97
CA ILE B 209 -31.32 6.87 -4.78
C ILE B 209 -32.68 6.16 -4.89
N GLU B 210 -32.84 5.33 -5.90
CA GLU B 210 -34.08 4.58 -6.11
C GLU B 210 -34.36 3.65 -4.95
N ALA B 211 -33.31 3.03 -4.42
CA ALA B 211 -33.40 2.14 -3.28
C ALA B 211 -33.88 2.88 -2.02
N LEU B 212 -33.33 4.07 -1.79
CA LEU B 212 -33.69 4.87 -0.62
C LEU B 212 -35.13 5.43 -0.71
N GLU B 213 -35.50 5.95 -1.88
CA GLU B 213 -36.86 6.44 -2.12
C GLU B 213 -37.92 5.35 -1.96
N GLU B 214 -37.61 4.12 -2.40
CA GLU B 214 -38.53 2.99 -2.21
C GLU B 214 -38.78 2.68 -0.74
N GLN B 215 -37.82 3.02 0.11
CA GLN B 215 -37.99 2.90 1.56
C GLN B 215 -38.57 4.17 2.19
N GLY B 216 -38.77 5.20 1.38
CA GLY B 216 -39.25 6.50 1.85
C GLY B 216 -38.18 7.34 2.53
N LEU B 217 -36.92 7.03 2.28
CA LEU B 217 -35.81 7.74 2.91
C LEU B 217 -35.37 8.91 2.05
N THR B 218 -36.15 10.00 2.13
CA THR B 218 -36.12 11.10 1.18
C THR B 218 -35.60 12.44 1.72
N ASP B 219 -35.52 12.56 3.04
CA ASP B 219 -34.98 13.76 3.70
C ASP B 219 -33.58 14.11 3.20
N ALA B 220 -33.22 15.39 3.32
CA ALA B 220 -31.97 15.93 2.81
C ALA B 220 -30.72 15.13 3.23
N TYR B 221 -30.72 14.60 4.47
CA TYR B 221 -29.60 13.80 5.01
C TYR B 221 -29.25 12.57 4.17
N TYR B 222 -30.26 11.97 3.54
CA TYR B 222 -30.07 10.76 2.74
C TYR B 222 -29.40 11.00 1.41
N HIS B 223 -29.15 12.27 1.09
CA HIS B 223 -28.32 12.65 -0.04
C HIS B 223 -26.90 12.09 0.08
N GLY B 224 -26.31 12.27 1.26
CA GLY B 224 -25.00 11.72 1.60
C GLY B 224 -25.01 10.20 1.59
N VAL B 225 -26.06 9.62 2.18
CA VAL B 225 -26.23 8.16 2.25
C VAL B 225 -26.29 7.51 0.86
N SER B 226 -26.87 8.24 -0.10
CA SER B 226 -27.05 7.77 -1.48
C SER B 226 -25.73 7.65 -2.25
N ARG B 227 -24.70 8.33 -1.76
CA ARG B 227 -23.42 8.35 -2.46
C ARG B 227 -22.20 8.40 -1.51
N PRO B 228 -21.93 7.30 -0.77
CA PRO B 228 -20.80 7.20 0.17
C PRO B 228 -19.44 7.33 -0.54
N SER B 229 -18.40 7.65 0.23
CA SER B 229 -17.08 8.01 -0.31
C SER B 229 -16.46 6.97 -1.28
N ILE B 230 -16.82 5.71 -1.09
CA ILE B 230 -16.35 4.57 -1.91
C ILE B 230 -16.80 4.71 -3.39
N VAL B 231 -17.92 5.38 -3.61
CA VAL B 231 -18.43 5.69 -4.95
C VAL B 231 -17.53 6.70 -5.69
N GLU B 232 -17.16 7.78 -4.98
CA GLU B 232 -16.17 8.73 -5.51
C GLU B 232 -14.80 8.05 -5.69
N GLY B 233 -14.47 7.12 -4.80
CA GLY B 233 -13.20 6.38 -4.89
C GLY B 233 -13.09 5.54 -6.14
N GLU B 234 -14.14 4.77 -6.44
CA GLU B 234 -14.23 3.95 -7.65
C GLU B 234 -14.08 4.78 -8.93
N ALA B 235 -14.86 5.86 -9.04
CA ALA B 235 -14.91 6.67 -10.25
C ALA B 235 -13.56 7.35 -10.52
N THR B 236 -12.94 7.91 -9.48
CA THR B 236 -11.60 8.48 -9.56
C THR B 236 -10.59 7.45 -10.04
N ASN B 237 -10.65 6.25 -9.48
CA ASN B 237 -9.76 5.18 -9.91
C ASN B 237 -9.94 4.88 -11.41
N ARG B 238 -11.20 4.80 -11.84
CA ARG B 238 -11.53 4.51 -13.25
C ARG B 238 -11.01 5.62 -14.17
N ALA B 239 -11.21 6.86 -13.75
CA ALA B 239 -10.76 8.02 -14.49
C ALA B 239 -9.23 8.08 -14.63
N ILE B 240 -8.52 7.71 -13.55
CA ILE B 240 -7.06 7.66 -13.60
C ILE B 240 -6.61 6.60 -14.62
N THR B 241 -7.18 5.41 -14.53
CA THR B 241 -6.91 4.33 -15.50
C THR B 241 -7.12 4.78 -16.95
N LEU B 242 -8.22 5.51 -17.20
CA LEU B 242 -8.49 6.07 -18.54
C LEU B 242 -7.39 7.07 -18.96
N ALA B 243 -7.03 7.96 -18.04
CA ALA B 243 -5.98 8.96 -18.25
C ALA B 243 -4.64 8.32 -18.55
N THR B 244 -4.33 7.25 -17.83
CA THR B 244 -3.08 6.51 -17.99
C THR B 244 -3.00 5.89 -19.38
N THR B 245 -4.04 5.16 -19.79
CA THR B 245 -4.09 4.57 -21.13
C THR B 245 -4.01 5.61 -22.24
N MET B 246 -4.55 6.80 -21.96
CA MET B 246 -4.59 7.88 -22.94
C MET B 246 -3.43 8.89 -22.79
N ASP B 247 -2.53 8.64 -21.83
CA ASP B 247 -1.43 9.55 -21.48
C ASP B 247 -1.89 11.01 -21.42
N THR B 248 -3.02 11.23 -20.75
CA THR B 248 -3.63 12.56 -20.70
C THR B 248 -3.62 13.11 -19.28
N PRO B 249 -2.99 14.30 -19.10
CA PRO B 249 -3.05 14.96 -17.80
C PRO B 249 -4.51 15.13 -17.39
N ILE B 250 -4.80 14.94 -16.11
CA ILE B 250 -6.17 14.97 -15.60
CA ILE B 250 -6.17 14.98 -15.60
C ILE B 250 -6.27 15.72 -14.27
N LEU B 251 -7.31 16.53 -14.13
CA LEU B 251 -7.62 17.20 -12.88
C LEU B 251 -8.98 16.74 -12.36
N PHE B 252 -9.00 16.31 -11.10
CA PHE B 252 -10.25 15.99 -10.40
C PHE B 252 -10.79 17.15 -9.60
N VAL B 253 -12.04 17.50 -9.87
CA VAL B 253 -12.69 18.64 -9.19
C VAL B 253 -13.31 18.18 -7.88
N HIS B 254 -13.49 19.15 -6.97
CA HIS B 254 -14.12 18.96 -5.67
C HIS B 254 -14.03 17.54 -5.09
N VAL B 255 -12.81 17.16 -4.71
CA VAL B 255 -12.54 15.84 -4.13
C VAL B 255 -12.80 15.86 -2.62
N SER B 256 -13.52 14.86 -2.12
CA SER B 256 -13.93 14.83 -0.72
C SER B 256 -13.84 13.45 -0.08
N SER B 257 -13.42 12.45 -0.84
CA SER B 257 -13.36 11.07 -0.40
C SER B 257 -11.91 10.65 -0.11
N PRO B 258 -11.67 10.03 1.05
CA PRO B 258 -10.34 9.48 1.41
C PRO B 258 -9.84 8.48 0.37
N GLN B 259 -10.74 7.62 -0.14
CA GLN B 259 -10.39 6.60 -1.14
C GLN B 259 -9.93 7.22 -2.45
N ALA B 260 -10.54 8.34 -2.82
CA ALA B 260 -10.18 9.08 -4.00
C ALA B 260 -8.83 9.77 -3.81
N ALA B 261 -8.63 10.39 -2.64
CA ALA B 261 -7.34 10.98 -2.30
C ALA B 261 -6.20 9.96 -2.29
N GLU B 262 -6.49 8.74 -1.84
CA GLU B 262 -5.49 7.68 -1.85
C GLU B 262 -5.05 7.32 -3.27
N VAL B 263 -5.99 6.99 -4.14
CA VAL B 263 -5.63 6.62 -5.52
C VAL B 263 -4.99 7.78 -6.30
N ILE B 264 -5.41 9.02 -6.00
CA ILE B 264 -4.80 10.22 -6.57
C ILE B 264 -3.34 10.36 -6.11
N LYS B 265 -3.09 10.15 -4.82
CA LYS B 265 -1.73 10.19 -4.28
C LYS B 265 -0.81 9.12 -4.89
N GLN B 266 -1.31 7.90 -5.05
CA GLN B 266 -0.52 6.83 -5.67
C GLN B 266 -0.07 7.17 -7.08
N ALA B 267 -0.97 7.76 -7.85
CA ALA B 267 -0.69 8.17 -9.23
C ALA B 267 0.39 9.25 -9.28
N GLN B 268 0.27 10.26 -8.43
CA GLN B 268 1.24 11.33 -8.31
C GLN B 268 2.63 10.83 -7.89
N THR B 269 2.65 9.87 -6.95
CA THR B 269 3.87 9.21 -6.51
C THR B 269 4.55 8.50 -7.68
N LYS B 270 3.75 7.87 -8.55
CA LYS B 270 4.24 7.23 -9.78
C LYS B 270 4.72 8.24 -10.82
N GLY B 271 4.37 9.51 -10.65
CA GLY B 271 4.78 10.57 -11.56
C GLY B 271 3.76 10.87 -12.65
N LEU B 272 2.56 10.32 -12.54
CA LEU B 272 1.51 10.61 -13.52
C LEU B 272 0.99 12.02 -13.32
N LYS B 273 0.55 12.63 -14.41
CA LYS B 273 0.01 13.98 -14.36
C LYS B 273 -1.44 13.93 -13.89
N VAL B 274 -1.62 13.76 -12.60
CA VAL B 274 -2.94 13.76 -11.99
C VAL B 274 -2.98 14.91 -11.00
N TYR B 275 -3.89 15.84 -11.21
CA TYR B 275 -4.09 16.97 -10.31
C TYR B 275 -5.45 16.86 -9.63
N ALA B 276 -5.62 17.60 -8.54
CA ALA B 276 -6.85 17.54 -7.79
C ALA B 276 -7.17 18.86 -7.13
N GLU B 277 -8.48 19.14 -7.04
CA GLU B 277 -9.01 20.31 -6.39
C GLU B 277 -9.92 19.86 -5.27
N THR B 278 -9.84 20.53 -4.12
CA THR B 278 -10.82 20.35 -3.04
C THR B 278 -11.42 21.69 -2.66
N CYS B 279 -12.38 21.64 -1.74
CA CYS B 279 -13.16 22.80 -1.34
C CYS B 279 -13.20 22.92 0.18
N PRO B 280 -13.20 24.15 0.71
CA PRO B 280 -13.21 24.41 2.15
C PRO B 280 -14.28 23.62 2.93
N GLN B 281 -15.50 23.54 2.40
CA GLN B 281 -16.60 22.82 3.04
C GLN B 281 -16.28 21.34 3.33
N TYR B 282 -15.39 20.74 2.55
CA TYR B 282 -15.00 19.35 2.78
C TYR B 282 -13.97 19.22 3.92
N ALA B 283 -13.33 20.32 4.26
CA ALA B 283 -12.39 20.39 5.39
C ALA B 283 -13.06 20.83 6.68
N LEU B 284 -14.16 21.55 6.55
CA LEU B 284 -14.72 22.33 7.67
C LEU B 284 -16.06 21.84 8.15
N LEU B 285 -16.79 21.17 7.26
CA LEU B 285 -18.14 20.71 7.56
C LEU B 285 -18.23 19.19 7.56
N SER B 286 -19.10 18.65 8.43
CA SER B 286 -19.42 17.23 8.45
C SER B 286 -20.93 17.07 8.25
N ASP B 287 -21.37 15.89 7.82
CA ASP B 287 -22.78 15.73 7.41
C ASP B 287 -23.81 15.76 8.54
N ALA B 288 -23.35 15.90 9.78
CA ALA B 288 -24.25 16.12 10.92
C ALA B 288 -25.02 17.45 10.77
N ILE B 289 -24.45 18.39 10.03
CA ILE B 289 -25.11 19.68 9.77
C ILE B 289 -26.29 19.56 8.80
N THR B 290 -26.45 18.39 8.19
CA THR B 290 -27.54 18.16 7.23
C THR B 290 -28.81 17.61 7.90
N ARG B 291 -28.75 17.38 9.21
CA ARG B 291 -29.90 16.91 10.00
C ARG B 291 -29.83 17.39 11.45
N CYS B 292 -31.00 17.44 12.09
CA CYS B 292 -31.12 17.99 13.44
C CYS B 292 -30.36 17.19 14.50
N HIS B 293 -29.81 17.94 15.47
CA HIS B 293 -29.10 17.38 16.62
C HIS B 293 -30.07 16.61 17.52
N GLY B 302 -12.32 18.89 17.11
CA GLY B 302 -12.30 18.74 15.66
C GLY B 302 -11.42 19.76 14.94
N VAL B 303 -11.12 19.46 13.68
CA VAL B 303 -10.24 20.28 12.84
C VAL B 303 -10.98 21.32 11.99
N GLY B 304 -12.31 21.27 12.05
CA GLY B 304 -13.13 22.21 11.31
C GLY B 304 -13.86 23.17 12.22
N ILE B 305 -15.05 23.58 11.79
CA ILE B 305 -15.82 24.54 12.54
C ILE B 305 -16.74 23.86 13.55
N ASP B 306 -16.84 24.50 14.72
CA ASP B 306 -17.79 24.10 15.74
C ASP B 306 -19.17 24.29 15.12
N LEU B 307 -19.82 23.17 14.82
CA LEU B 307 -21.10 23.18 14.10
C LEU B 307 -22.24 23.84 14.89
N SER B 308 -22.15 23.81 16.22
CA SER B 308 -23.17 24.44 17.04
C SER B 308 -23.13 25.97 16.98
N SER B 309 -22.04 26.53 16.44
CA SER B 309 -21.89 27.98 16.34
C SER B 309 -22.46 28.56 15.02
N ILE B 310 -22.79 27.68 14.08
CA ILE B 310 -23.48 28.06 12.84
C ILE B 310 -24.93 28.41 13.16
N SER B 311 -25.39 29.55 12.64
CA SER B 311 -26.78 29.96 12.87
C SER B 311 -27.70 29.55 11.70
N GLU B 312 -29.00 29.45 12.01
CA GLU B 312 -30.05 29.01 11.08
C GLU B 312 -29.69 27.70 10.37
N SER B 313 -29.51 26.68 11.21
CA SER B 313 -29.17 25.34 10.78
C SER B 313 -30.20 24.39 11.42
N PRO B 314 -30.15 23.08 11.10
CA PRO B 314 -31.02 22.09 11.74
C PRO B 314 -30.94 22.08 13.28
N PHE B 315 -29.80 22.54 13.80
CA PHE B 315 -29.52 22.60 15.22
C PHE B 315 -30.31 23.71 15.88
N THR B 316 -30.30 24.89 15.25
CA THR B 316 -31.00 26.08 15.76
C THR B 316 -32.49 26.06 15.42
N ASN B 317 -32.82 25.43 14.29
CA ASN B 317 -34.19 25.39 13.78
C ASN B 317 -34.74 23.96 13.55
N PRO B 318 -34.83 23.15 14.62
CA PRO B 318 -35.22 21.73 14.46
C PRO B 318 -36.58 21.51 13.77
N ASP B 319 -37.50 22.47 13.92
CA ASP B 319 -38.84 22.41 13.31
C ASP B 319 -38.81 22.41 11.78
N ASP B 320 -37.85 23.14 11.20
CA ASP B 320 -37.77 23.24 9.75
C ASP B 320 -37.03 22.04 9.17
N ARG B 321 -37.81 21.12 8.62
CA ARG B 321 -37.29 19.83 8.18
C ARG B 321 -36.52 19.92 6.87
N PHE B 322 -36.67 21.04 6.16
CA PHE B 322 -36.05 21.22 4.86
C PHE B 322 -34.77 22.08 4.90
N ILE B 323 -34.40 22.55 6.09
CA ILE B 323 -33.24 23.45 6.27
C ILE B 323 -31.87 22.80 6.00
N GLY B 324 -31.85 21.47 5.99
CA GLY B 324 -30.66 20.71 5.62
C GLY B 324 -30.22 20.93 4.18
N SER B 325 -31.17 21.33 3.35
CA SER B 325 -30.94 21.62 1.93
C SER B 325 -29.91 22.73 1.71
N LYS B 326 -29.75 23.60 2.71
CA LYS B 326 -28.69 24.62 2.70
C LYS B 326 -27.29 24.04 2.52
N TYR B 327 -27.08 22.81 2.98
CA TYR B 327 -25.74 22.19 2.91
C TYR B 327 -25.68 20.99 1.96
N ILE B 328 -26.68 20.87 1.08
CA ILE B 328 -26.67 19.81 0.07
C ILE B 328 -25.83 20.21 -1.14
N CYS B 329 -24.76 19.45 -1.38
CA CYS B 329 -23.92 19.67 -2.54
C CYS B 329 -23.40 18.35 -3.11
N SER B 330 -22.66 18.42 -4.21
CA SER B 330 -22.13 17.22 -4.87
C SER B 330 -20.65 17.34 -5.24
N PRO B 331 -19.81 16.43 -4.71
CA PRO B 331 -20.16 15.33 -3.81
C PRO B 331 -20.61 15.85 -2.43
N PRO B 332 -21.33 15.01 -1.67
CA PRO B 332 -21.85 15.51 -0.41
C PRO B 332 -20.76 15.82 0.62
N ILE B 333 -21.13 16.68 1.56
CA ILE B 333 -20.41 16.87 2.81
C ILE B 333 -20.39 15.52 3.56
N ARG B 334 -19.20 15.13 4.01
CA ARG B 334 -18.96 13.76 4.45
C ARG B 334 -19.12 13.56 5.96
N PRO B 335 -19.23 12.29 6.41
CA PRO B 335 -19.43 12.02 7.84
C PRO B 335 -18.24 12.54 8.67
N GLU B 336 -18.43 12.66 9.99
CA GLU B 336 -17.33 13.05 10.89
C GLU B 336 -16.15 12.06 10.81
N GLY B 337 -14.95 12.61 10.84
CA GLY B 337 -13.72 11.82 10.79
C GLY B 337 -13.01 11.84 9.44
N THR B 338 -13.69 12.35 8.43
CA THR B 338 -13.17 12.45 7.06
C THR B 338 -12.34 13.73 6.84
N GLN B 339 -12.69 14.79 7.57
CA GLN B 339 -12.22 16.15 7.29
C GLN B 339 -10.73 16.35 7.48
N LYS B 340 -10.13 15.58 8.38
CA LYS B 340 -8.69 15.71 8.66
C LYS B 340 -7.87 15.21 7.47
N SER B 341 -8.39 14.21 6.75
CA SER B 341 -7.74 13.72 5.53
C SER B 341 -7.72 14.75 4.38
N ILE B 342 -8.61 15.72 4.45
CA ILE B 342 -8.62 16.81 3.47
C ILE B 342 -7.48 17.82 3.73
N TRP B 343 -7.32 18.24 4.99
CA TRP B 343 -6.21 19.10 5.39
C TRP B 343 -4.88 18.44 5.09
N LYS B 344 -4.75 17.16 5.46
CA LYS B 344 -3.49 16.45 5.20
C LYS B 344 -3.17 16.44 3.69
N GLY B 345 -4.19 16.19 2.85
CA GLY B 345 -4.06 16.24 1.39
C GLY B 345 -3.66 17.61 0.87
N MET B 346 -4.17 18.66 1.51
CA MET B 346 -3.79 20.03 1.16
C MET B 346 -2.32 20.30 1.47
N ASN B 347 -1.82 19.74 2.56
CA ASN B 347 -0.43 19.91 2.97
C ASN B 347 0.56 18.99 2.27
N ASN B 348 0.16 17.75 2.00
CA ASN B 348 1.09 16.77 1.47
C ASN B 348 1.24 16.75 -0.06
N GLY B 349 0.55 17.67 -0.74
CA GLY B 349 0.66 17.78 -2.20
C GLY B 349 -0.39 17.09 -3.07
N THR B 350 -1.35 16.40 -2.44
CA THR B 350 -2.48 15.74 -3.12
C THR B 350 -3.39 16.74 -3.82
N PHE B 351 -3.77 17.80 -3.10
CA PHE B 351 -4.57 18.86 -3.68
C PHE B 351 -3.68 19.99 -4.18
N THR B 352 -3.64 20.10 -5.49
CA THR B 352 -2.91 21.13 -6.21
C THR B 352 -3.55 22.49 -5.98
N ILE B 353 -4.89 22.51 -5.98
CA ILE B 353 -5.65 23.75 -5.86
C ILE B 353 -6.86 23.62 -4.93
N VAL B 354 -7.40 24.75 -4.50
CA VAL B 354 -8.62 24.84 -3.70
C VAL B 354 -9.64 25.78 -4.39
N GLY B 355 -10.83 25.25 -4.67
CA GLY B 355 -11.91 26.06 -5.24
C GLY B 355 -13.10 26.10 -4.31
N SER B 356 -14.14 26.87 -4.64
CA SER B 356 -15.33 26.93 -3.80
C SER B 356 -16.49 26.01 -4.25
N ASP B 357 -16.54 25.68 -5.53
CA ASP B 357 -17.73 25.06 -6.13
C ASP B 357 -18.96 25.89 -5.81
N HIS B 358 -18.80 27.19 -6.06
CA HIS B 358 -19.80 28.20 -5.74
C HIS B 358 -21.06 28.00 -6.59
N CYS B 359 -22.20 27.77 -5.93
CA CYS B 359 -23.45 27.56 -6.64
C CYS B 359 -24.63 27.87 -5.75
N SER B 360 -25.30 28.97 -6.09
CA SER B 360 -26.16 29.65 -5.15
C SER B 360 -27.64 29.53 -5.50
N TYR B 361 -28.42 29.09 -4.50
CA TYR B 361 -29.87 29.01 -4.59
C TYR B 361 -30.44 29.55 -3.28
N ASN B 362 -31.52 30.33 -3.36
CA ASN B 362 -32.10 30.92 -2.16
C ASN B 362 -32.77 29.90 -1.26
N TYR B 363 -32.82 30.21 0.03
CA TYR B 363 -33.56 29.40 0.98
C TYR B 363 -34.76 30.15 1.56
N TYR B 364 -34.65 31.48 1.66
CA TYR B 364 -35.67 32.30 2.35
C TYR B 364 -36.74 32.91 1.44
N GLU B 365 -36.62 32.62 0.14
CA GLU B 365 -37.75 32.77 -0.78
C GLU B 365 -38.00 31.41 -1.42
N LYS B 366 -39.28 31.05 -1.51
CA LYS B 366 -39.72 29.71 -1.86
C LYS B 366 -40.34 29.62 -3.27
N THR B 367 -40.53 30.76 -3.92
CA THR B 367 -41.35 30.84 -5.13
C THR B 367 -40.54 30.75 -6.43
N SER B 368 -39.32 31.27 -6.43
CA SER B 368 -38.61 31.52 -7.68
C SER B 368 -37.98 30.25 -8.23
N THR B 369 -37.68 30.28 -9.53
CA THR B 369 -37.01 29.17 -10.21
C THR B 369 -35.60 28.92 -9.67
N ALA B 370 -35.07 29.87 -8.88
CA ALA B 370 -33.73 29.77 -8.32
C ALA B 370 -33.73 29.49 -6.81
N SER B 371 -34.82 28.91 -6.32
CA SER B 371 -34.92 28.53 -4.91
C SER B 371 -34.50 27.09 -4.66
N LYS B 372 -34.13 26.79 -3.42
CA LYS B 372 -33.96 25.40 -3.00
C LYS B 372 -35.32 24.68 -2.98
N HIS B 373 -36.37 25.45 -2.65
CA HIS B 373 -37.74 24.95 -2.52
C HIS B 373 -38.37 24.60 -3.88
N ARG B 374 -37.58 24.80 -4.94
CA ARG B 374 -37.82 24.25 -6.28
C ARG B 374 -38.03 22.72 -6.21
N ALA B 375 -37.52 22.09 -5.15
CA ALA B 375 -37.72 20.67 -4.87
C ALA B 375 -39.19 20.33 -4.56
N PHE B 376 -39.96 21.35 -4.16
CA PHE B 376 -41.40 21.20 -3.94
C PHE B 376 -42.15 21.74 -5.15
N ASP B 377 -42.65 20.81 -5.97
CA ASP B 377 -43.35 21.13 -7.21
C ASP B 377 -44.40 20.03 -7.46
N PRO B 378 -45.53 20.07 -6.71
CA PRO B 378 -46.47 18.94 -6.66
C PRO B 378 -47.10 18.58 -8.01
N GLU B 379 -47.60 19.57 -8.74
CA GLU B 379 -48.26 19.33 -10.01
C GLU B 379 -47.26 18.79 -11.06
N ASN B 380 -45.99 18.80 -10.67
CA ASN B 380 -44.88 18.34 -11.51
C ASN B 380 -44.19 17.09 -10.94
N ASN B 381 -44.88 16.42 -10.01
CA ASN B 381 -44.40 15.22 -9.31
C ASN B 381 -43.07 15.35 -8.55
N LYS B 382 -42.94 16.45 -7.82
CA LYS B 382 -41.80 16.70 -6.93
C LYS B 382 -42.32 17.13 -5.56
N ASN B 383 -41.90 16.43 -4.51
CA ASN B 383 -42.45 16.66 -3.18
C ASN B 383 -41.39 16.90 -2.10
N GLY B 384 -40.24 17.44 -2.51
CA GLY B 384 -39.19 17.86 -1.58
C GLY B 384 -38.11 16.84 -1.34
N GLU B 385 -38.18 15.72 -2.06
CA GLU B 385 -37.19 14.64 -1.99
C GLU B 385 -35.80 15.17 -2.30
N PHE B 386 -34.78 14.60 -1.63
CA PHE B 386 -33.40 15.08 -1.80
C PHE B 386 -32.95 15.13 -3.27
N ARG B 387 -33.42 14.16 -4.05
CA ARG B 387 -33.17 14.08 -5.48
C ARG B 387 -33.48 15.40 -6.20
N TYR B 388 -34.56 16.06 -5.79
CA TYR B 388 -35.02 17.28 -6.44
C TYR B 388 -34.43 18.57 -5.86
N ILE B 389 -33.60 18.45 -4.83
CA ILE B 389 -32.97 19.62 -4.22
C ILE B 389 -31.78 20.09 -5.06
N PRO B 390 -31.82 21.35 -5.57
CA PRO B 390 -30.69 21.91 -6.28
C PRO B 390 -29.41 21.85 -5.45
N ASN B 391 -28.38 21.27 -6.04
CA ASN B 391 -27.12 21.03 -5.35
C ASN B 391 -26.17 22.24 -5.44
N GLY B 392 -25.69 22.68 -4.28
CA GLY B 392 -24.72 23.75 -4.25
C GLY B 392 -24.74 24.61 -3.00
N LEU B 393 -23.58 25.19 -2.71
CA LEU B 393 -23.41 26.15 -1.61
C LEU B 393 -22.76 27.41 -2.18
N PRO B 394 -23.15 28.59 -1.66
CA PRO B 394 -22.36 29.79 -1.90
C PRO B 394 -21.03 29.67 -1.16
N GLY B 395 -19.93 29.99 -1.84
CA GLY B 395 -18.62 29.91 -1.18
C GLY B 395 -17.51 30.78 -1.74
N VAL B 396 -17.79 31.52 -2.81
CA VAL B 396 -16.74 32.30 -3.50
C VAL B 396 -16.15 33.41 -2.61
N CYS B 397 -16.95 33.94 -1.69
CA CYS B 397 -16.48 34.98 -0.80
C CYS B 397 -15.63 34.43 0.35
N THR B 398 -16.13 33.37 1.00
CA THR B 398 -15.53 32.87 2.23
C THR B 398 -14.31 31.98 2.03
N ARG B 399 -14.05 31.56 0.79
CA ARG B 399 -12.95 30.62 0.47
C ARG B 399 -11.60 31.04 1.06
N MET B 400 -11.13 32.24 0.74
CA MET B 400 -9.82 32.71 1.21
C MET B 400 -9.75 32.97 2.71
N PRO B 401 -10.72 33.73 3.27
CA PRO B 401 -10.66 33.96 4.71
C PRO B 401 -10.76 32.67 5.54
N LEU B 402 -11.59 31.70 5.12
CA LEU B 402 -11.69 30.42 5.84
C LEU B 402 -10.37 29.66 5.86
N LEU B 403 -9.61 29.72 4.77
CA LEU B 403 -8.30 29.08 4.70
C LEU B 403 -7.27 29.85 5.52
N TYR B 404 -7.34 31.18 5.48
CA TYR B 404 -6.46 32.01 6.32
C TYR B 404 -6.61 31.64 7.80
N ASP B 405 -7.85 31.66 8.28
CA ASP B 405 -8.18 31.40 9.68
C ASP B 405 -7.96 29.91 10.05
N TYR B 406 -8.86 29.04 9.60
CA TYR B 406 -8.80 27.61 9.98
C TYR B 406 -7.60 26.87 9.41
N GLY B 407 -7.08 27.36 8.28
CA GLY B 407 -5.87 26.79 7.69
C GLY B 407 -4.60 27.29 8.35
N TYR B 408 -4.25 28.53 8.08
CA TYR B 408 -2.99 29.09 8.57
C TYR B 408 -2.95 29.37 10.08
N LEU B 409 -3.87 30.19 10.58
CA LEU B 409 -3.86 30.62 11.99
C LEU B 409 -4.11 29.48 12.98
N ARG B 410 -4.95 28.54 12.58
CA ARG B 410 -5.32 27.44 13.49
C ARG B 410 -4.41 26.24 13.31
N GLY B 411 -3.49 26.33 12.36
CA GLY B 411 -2.41 25.35 12.21
C GLY B 411 -2.69 24.13 11.33
N ASN B 412 -3.84 24.12 10.66
CA ASN B 412 -4.22 22.99 9.81
C ASN B 412 -3.45 22.96 8.49
N LEU B 413 -2.97 24.14 8.09
CA LEU B 413 -2.06 24.28 6.97
C LEU B 413 -0.67 24.64 7.52
N THR B 414 0.39 24.13 6.90
CA THR B 414 1.76 24.33 7.38
C THR B 414 2.24 25.78 7.40
N SER B 415 1.88 26.54 6.38
CA SER B 415 2.31 27.95 6.27
C SER B 415 1.43 28.77 5.31
N MET B 416 1.66 30.08 5.31
CA MET B 416 1.06 31.03 4.37
C MET B 416 1.51 30.77 2.93
N MET B 417 2.69 30.18 2.76
CA MET B 417 3.20 29.86 1.44
C MET B 417 2.39 28.77 0.77
N LYS B 418 1.93 27.81 1.57
CA LYS B 418 1.10 26.71 1.09
C LYS B 418 -0.30 27.23 0.77
N LEU B 419 -0.77 28.18 1.55
CA LEU B 419 -2.04 28.84 1.30
C LEU B 419 -2.03 29.53 -0.07
N VAL B 420 -1.05 30.40 -0.29
CA VAL B 420 -0.89 31.10 -1.56
C VAL B 420 -0.74 30.11 -2.74
N GLU B 421 0.10 29.09 -2.58
CA GLU B 421 0.30 28.06 -3.59
C GLU B 421 -1.03 27.49 -4.11
N ILE B 422 -1.90 27.05 -3.20
CA ILE B 422 -3.11 26.33 -3.59
C ILE B 422 -4.30 27.24 -3.96
N GLN B 423 -4.30 28.46 -3.40
CA GLN B 423 -5.41 29.39 -3.52
C GLN B 423 -5.23 30.38 -4.67
N CYS B 424 -3.98 30.62 -5.04
CA CYS B 424 -3.64 31.69 -5.97
C CYS B 424 -2.77 31.20 -7.14
N THR B 425 -1.56 30.71 -6.81
CA THR B 425 -0.53 30.43 -7.81
C THR B 425 -0.78 29.18 -8.64
N ASN B 426 -1.09 28.07 -8.00
CA ASN B 426 -1.37 26.85 -8.74
C ASN B 426 -2.61 26.90 -9.65
N PRO B 427 -3.74 27.50 -9.18
CA PRO B 427 -4.88 27.76 -10.09
C PRO B 427 -4.52 28.51 -11.38
N ALA B 428 -3.64 29.51 -11.27
CA ALA B 428 -3.18 30.28 -12.43
C ALA B 428 -2.35 29.39 -13.37
N LYS B 429 -1.47 28.58 -12.78
CA LYS B 429 -0.58 27.71 -13.55
C LYS B 429 -1.34 26.61 -14.28
N VAL B 430 -2.30 26.00 -13.60
CA VAL B 430 -2.99 24.86 -14.18
C VAL B 430 -4.07 25.25 -15.18
N TYR B 431 -4.59 26.47 -15.07
CA TYR B 431 -5.59 26.96 -16.01
C TYR B 431 -5.10 28.02 -17.00
N GLY B 432 -3.78 28.08 -17.19
CA GLY B 432 -3.18 28.89 -18.26
C GLY B 432 -3.28 30.40 -18.12
N MET B 433 -3.32 30.88 -16.88
CA MET B 433 -3.41 32.31 -16.59
C MET B 433 -2.09 32.80 -16.00
N TYR B 434 -1.09 31.93 -16.02
CA TYR B 434 0.21 32.24 -15.45
C TYR B 434 1.18 32.67 -16.56
N PRO B 435 2.02 33.70 -16.33
CA PRO B 435 2.22 34.51 -15.13
C PRO B 435 1.40 35.79 -14.94
N GLN B 436 0.51 36.11 -15.89
CA GLN B 436 -0.39 37.28 -15.76
C GLN B 436 -1.10 37.33 -14.39
N LYS B 437 -1.49 36.16 -13.93
CA LYS B 437 -2.27 36.00 -12.73
C LYS B 437 -1.53 35.11 -11.75
N GLY B 438 -1.80 35.27 -10.45
CA GLY B 438 -1.42 34.28 -9.44
C GLY B 438 -0.21 34.58 -8.57
N SER B 439 0.56 35.61 -8.93
CA SER B 439 1.76 35.97 -8.19
C SER B 439 1.99 37.48 -8.12
N ILE B 440 3.18 37.84 -7.64
CA ILE B 440 3.56 39.24 -7.50
C ILE B 440 4.92 39.43 -8.20
N LEU B 441 4.86 39.56 -9.53
CA LEU B 441 6.06 39.65 -10.39
C LEU B 441 6.12 40.99 -11.11
N PRO B 442 7.11 41.84 -10.75
CA PRO B 442 7.25 43.17 -11.34
C PRO B 442 7.32 43.15 -12.86
N GLY B 443 6.50 44.00 -13.49
CA GLY B 443 6.45 44.09 -14.94
C GLY B 443 5.69 42.98 -15.64
N VAL B 444 5.21 42.00 -14.88
CA VAL B 444 4.53 40.84 -15.45
C VAL B 444 3.12 40.64 -14.86
N SER B 445 3.01 40.71 -13.54
CA SER B 445 1.75 40.45 -12.86
C SER B 445 0.75 41.58 -12.97
N ASP B 446 -0.48 41.25 -13.37
CA ASP B 446 -1.64 42.08 -13.08
C ASP B 446 -1.61 42.36 -11.59
N ALA B 447 -1.74 43.63 -11.20
CA ALA B 447 -1.69 44.00 -9.79
C ALA B 447 -2.98 43.57 -9.08
N ASP B 448 -3.11 42.27 -8.90
CA ASP B 448 -4.24 41.66 -8.18
C ASP B 448 -3.74 41.23 -6.81
N LEU B 449 -4.08 41.99 -5.77
CA LEU B 449 -3.45 41.84 -4.45
C LEU B 449 -4.45 41.98 -3.33
N VAL B 450 -4.19 41.27 -2.24
CA VAL B 450 -4.98 41.40 -1.03
C VAL B 450 -4.08 41.82 0.14
N ILE B 451 -4.53 42.84 0.86
CA ILE B 451 -3.91 43.25 2.10
C ILE B 451 -4.85 42.86 3.25
N TRP B 452 -4.35 42.02 4.15
CA TRP B 452 -5.09 41.51 5.30
C TRP B 452 -4.95 42.47 6.48
N TYR B 453 -5.60 42.15 7.59
CA TYR B 453 -5.42 42.87 8.86
C TYR B 453 -4.23 42.26 9.59
N PRO B 454 -3.55 43.07 10.43
CA PRO B 454 -2.47 42.49 11.25
C PRO B 454 -2.98 41.46 12.28
N ASP B 455 -2.19 40.41 12.50
CA ASP B 455 -2.58 39.31 13.39
C ASP B 455 -2.28 39.54 14.87
N ASP B 456 -1.15 40.19 15.17
CA ASP B 456 -0.65 40.24 16.54
C ASP B 456 -0.94 41.57 17.21
N SER B 457 -1.77 42.40 16.56
CA SER B 457 -2.01 43.77 16.98
C SER B 457 -3.06 43.89 18.07
N LYS B 458 -2.86 44.84 18.97
CA LYS B 458 -3.86 45.18 19.99
C LYS B 458 -4.78 46.30 19.50
N LYS B 459 -4.43 46.87 18.35
CA LYS B 459 -5.20 47.93 17.69
C LYS B 459 -6.60 47.45 17.32
N GLU B 460 -7.58 48.34 17.42
CA GLU B 460 -8.98 48.05 17.08
C GLU B 460 -9.31 48.46 15.65
N TYR B 461 -9.97 47.55 14.93
CA TYR B 461 -10.44 47.82 13.58
C TYR B 461 -11.95 47.62 13.50
N ASN B 462 -12.70 48.71 13.59
CA ASN B 462 -14.17 48.69 13.57
C ASN B 462 -14.75 48.01 12.35
N SER B 463 -13.96 48.00 11.28
CA SER B 463 -14.39 47.51 9.98
C SER B 463 -14.07 46.03 9.80
N LYS B 464 -13.18 45.53 10.66
CA LYS B 464 -12.80 44.11 10.66
C LYS B 464 -13.91 43.27 11.27
N PRO B 465 -14.52 42.38 10.47
CA PRO B 465 -15.64 41.57 10.94
C PRO B 465 -15.21 40.49 11.92
N LYS B 466 -16.06 40.24 12.93
CA LYS B 466 -15.79 39.19 13.90
C LYS B 466 -16.45 37.88 13.48
N LEU B 467 -17.56 37.99 12.76
CA LEU B 467 -18.38 36.86 12.36
C LEU B 467 -18.71 36.92 10.88
N ILE B 468 -18.99 35.76 10.29
CA ILE B 468 -19.52 35.67 8.94
C ILE B 468 -21.03 35.88 8.98
N THR B 469 -21.49 36.86 8.19
CA THR B 469 -22.91 37.15 7.98
C THR B 469 -23.21 37.16 6.48
N ASN B 470 -24.48 37.07 6.13
CA ASN B 470 -24.91 37.13 4.73
C ASN B 470 -24.60 38.46 4.05
N LYS B 471 -24.79 39.56 4.79
CA LYS B 471 -24.47 40.91 4.29
C LYS B 471 -22.98 41.07 3.90
N LEU B 472 -22.09 40.47 4.69
CA LEU B 472 -20.67 40.47 4.43
C LEU B 472 -20.30 39.84 3.07
N MET B 473 -21.15 38.93 2.59
CA MET B 473 -20.88 38.18 1.36
C MET B 473 -20.98 39.03 0.09
N GLU B 474 -21.75 40.12 0.16
CA GLU B 474 -21.95 41.02 -0.97
C GLU B 474 -22.47 40.29 -2.22
N HIS B 475 -23.24 39.21 -2.01
CA HIS B 475 -23.76 38.41 -3.13
C HIS B 475 -25.27 38.56 -3.29
N ASN B 476 -25.86 37.84 -4.25
CA ASN B 476 -27.30 37.89 -4.48
C ASN B 476 -28.09 36.78 -3.75
N CYS B 477 -27.38 35.87 -3.08
CA CYS B 477 -28.03 34.81 -2.27
C CYS B 477 -28.61 35.36 -0.96
N ASP B 478 -29.61 34.69 -0.40
CA ASP B 478 -30.19 35.12 0.88
C ASP B 478 -29.65 34.35 2.09
N TYR B 479 -28.64 33.50 1.87
CA TYR B 479 -27.97 32.81 2.98
C TYR B 479 -26.52 32.47 2.65
N THR B 480 -25.73 32.25 3.69
CA THR B 480 -24.42 31.62 3.59
C THR B 480 -24.34 30.48 4.61
N PRO B 481 -23.82 29.31 4.20
CA PRO B 481 -23.75 28.18 5.14
C PRO B 481 -22.87 28.40 6.39
N PHE B 482 -21.92 29.33 6.32
CA PHE B 482 -21.06 29.62 7.47
C PHE B 482 -21.58 30.77 8.36
N GLU B 483 -22.86 31.12 8.20
CA GLU B 483 -23.51 32.19 8.97
C GLU B 483 -23.28 32.01 10.48
N GLY B 484 -22.83 33.06 11.14
CA GLY B 484 -22.69 33.09 12.59
C GLY B 484 -21.35 32.67 13.17
N ILE B 485 -20.46 32.10 12.36
CA ILE B 485 -19.20 31.59 12.90
C ILE B 485 -18.14 32.68 12.99
N GLU B 486 -17.22 32.51 13.95
CA GLU B 486 -16.12 33.44 14.18
C GLU B 486 -15.11 33.35 13.03
N ILE B 487 -14.70 34.51 12.55
CA ILE B 487 -13.67 34.58 11.51
C ILE B 487 -12.56 35.53 11.99
N LYS B 488 -11.30 35.09 11.89
CA LYS B 488 -10.19 35.74 12.59
C LYS B 488 -9.40 36.75 11.75
N ASN B 489 -9.66 36.77 10.46
CA ASN B 489 -9.10 37.78 9.56
C ASN B 489 -9.99 37.92 8.32
N TRP B 490 -9.91 39.09 7.68
CA TRP B 490 -10.68 39.37 6.49
C TRP B 490 -9.81 40.26 5.60
N PRO B 491 -10.01 40.20 4.29
CA PRO B 491 -9.36 41.22 3.47
C PRO B 491 -9.70 42.64 3.95
N ARG B 492 -8.68 43.47 4.08
CA ARG B 492 -8.85 44.86 4.45
C ARG B 492 -8.79 45.71 3.17
N TYR B 493 -8.01 45.27 2.18
CA TYR B 493 -7.96 45.85 0.85
C TYR B 493 -7.94 44.75 -0.17
N THR B 494 -8.83 44.83 -1.16
CA THR B 494 -8.71 43.98 -2.35
C THR B 494 -8.40 44.89 -3.55
N ILE B 495 -7.24 44.66 -4.16
CA ILE B 495 -6.77 45.44 -5.29
C ILE B 495 -6.93 44.60 -6.57
N VAL B 496 -7.65 45.14 -7.53
CA VAL B 496 -7.88 44.45 -8.81
C VAL B 496 -7.31 45.31 -9.93
N LYS B 497 -6.30 44.77 -10.61
CA LYS B 497 -5.62 45.45 -11.72
C LYS B 497 -5.22 46.88 -11.35
N GLY B 498 -4.56 47.02 -10.20
CA GLY B 498 -4.03 48.28 -9.72
C GLY B 498 -4.98 49.18 -8.97
N LYS B 499 -6.27 48.80 -8.91
CA LYS B 499 -7.29 49.65 -8.35
C LYS B 499 -7.97 49.00 -7.15
N ILE B 500 -8.23 49.81 -6.12
CA ILE B 500 -8.91 49.38 -4.89
C ILE B 500 -10.40 49.19 -5.17
N VAL B 501 -10.85 47.94 -5.18
CA VAL B 501 -12.25 47.65 -5.47
C VAL B 501 -12.98 47.32 -4.18
N TYR B 502 -12.21 47.01 -3.13
CA TYR B 502 -12.75 46.72 -1.80
C TYR B 502 -11.84 47.30 -0.72
N LYS B 503 -12.40 48.13 0.14
CA LYS B 503 -11.67 48.64 1.30
C LYS B 503 -12.53 48.70 2.57
N GLU B 504 -12.07 47.96 3.57
CA GLU B 504 -12.63 47.99 4.93
C GLU B 504 -14.15 47.84 4.96
N GLY B 505 -14.64 46.81 4.28
CA GLY B 505 -16.06 46.49 4.27
C GLY B 505 -16.83 47.04 3.08
N GLU B 506 -16.23 47.99 2.37
CA GLU B 506 -16.90 48.70 1.28
C GLU B 506 -16.41 48.27 -0.11
N ILE B 507 -17.36 47.99 -0.98
CA ILE B 507 -17.09 47.77 -2.40
C ILE B 507 -17.07 49.12 -3.12
N LEU B 508 -16.02 49.37 -3.90
CA LEU B 508 -15.94 50.61 -4.68
C LEU B 508 -16.27 50.37 -6.15
N LYS B 509 -17.56 50.41 -6.48
CA LYS B 509 -18.08 50.08 -7.81
C LYS B 509 -17.48 50.89 -8.97
N GLU B 510 -17.11 52.15 -8.72
CA GLU B 510 -16.48 53.00 -9.73
C GLU B 510 -15.16 52.41 -10.24
N ASN B 511 -14.52 51.58 -9.40
CA ASN B 511 -13.27 50.93 -9.76
C ASN B 511 -13.46 49.52 -10.35
N ALA B 512 -14.71 49.10 -10.55
CA ALA B 512 -15.01 47.84 -11.22
C ALA B 512 -14.70 47.91 -12.72
N ASP B 513 -13.77 47.08 -13.18
CA ASP B 513 -13.34 47.10 -14.58
C ASP B 513 -12.98 45.71 -15.09
N GLY B 514 -13.59 44.68 -14.52
CA GLY B 514 -13.33 43.30 -14.91
C GLY B 514 -13.65 42.98 -16.36
N LYS B 515 -12.91 42.04 -16.93
CA LYS B 515 -13.08 41.65 -18.34
C LYS B 515 -13.01 40.13 -18.50
N TYR B 516 -13.60 39.64 -19.58
CA TYR B 516 -13.39 38.26 -19.95
C TYR B 516 -11.91 38.01 -20.22
N LEU B 517 -11.42 36.87 -19.73
CA LEU B 517 -10.02 36.53 -19.83
C LEU B 517 -9.75 35.38 -20.82
N LYS B 518 -9.07 35.67 -21.91
CA LYS B 518 -8.55 34.60 -22.78
C LYS B 518 -7.36 33.97 -22.10
N ARG B 519 -7.34 32.64 -22.05
CA ARG B 519 -6.29 31.91 -21.34
C ARG B 519 -5.40 31.14 -22.33
N GLY B 520 -4.17 30.85 -21.91
CA GLY B 520 -3.27 30.03 -22.70
C GLY B 520 -3.37 28.55 -22.34
N LYS B 521 -2.47 27.78 -22.94
CA LYS B 521 -2.30 26.38 -22.65
C LYS B 521 -1.45 26.28 -21.38
N SER B 522 -1.84 25.40 -20.47
CA SER B 522 -1.08 25.20 -19.25
C SER B 522 0.22 24.40 -19.51
N PHE B 523 1.31 24.85 -18.89
CA PHE B 523 2.59 24.13 -18.96
C PHE B 523 2.56 22.83 -18.13
N MET B 524 1.60 22.76 -17.21
CA MET B 524 1.43 21.60 -16.36
C MET B 524 0.67 20.46 -17.05
N CYS B 525 0.05 20.77 -18.18
CA CYS B 525 -0.80 19.81 -18.86
C CYS B 525 -0.26 19.32 -20.21
N THR B 526 1.05 19.46 -20.41
CA THR B 526 1.76 18.79 -21.49
C THR B 526 1.87 17.31 -21.07
N PRO B 527 1.88 16.39 -22.06
CA PRO B 527 1.83 14.97 -21.69
C PRO B 527 3.16 14.43 -21.19
N LYS B 528 3.10 13.42 -20.32
CA LYS B 528 4.29 12.71 -19.83
C LYS B 528 4.99 11.96 -20.95
N ASN B 529 4.25 11.63 -22.02
CA ASN B 529 4.74 10.75 -23.09
C ASN B 529 5.05 9.33 -22.61
N GLU B 530 4.20 8.84 -21.72
CA GLU B 530 4.38 7.53 -21.12
C GLU B 530 3.16 6.69 -21.48
N TRP B 531 3.40 5.47 -21.94
CA TRP B 531 2.32 4.62 -22.41
C TRP B 531 2.34 3.23 -21.78
N VAL B 532 1.15 2.64 -21.74
CA VAL B 532 0.89 1.31 -21.19
C VAL B 532 1.26 0.22 -22.21
N THR B 533 0.99 0.48 -23.49
CA THR B 533 1.34 -0.45 -24.56
C THR B 533 2.17 0.25 -25.64
N GLU B 534 2.39 -0.45 -26.76
CA GLU B 534 3.08 0.08 -27.92
C GLU B 534 2.21 1.01 -28.78
N TRP B 535 0.89 1.02 -28.55
CA TRP B 535 -0.02 1.88 -29.30
C TRP B 535 0.26 3.37 -29.05
N ARG B 536 0.24 4.14 -30.14
CA ARG B 536 0.35 5.60 -30.08
C ARG B 536 -0.74 6.20 -30.97
N PRO B 537 -1.27 7.38 -30.57
CA PRO B 537 -2.18 8.14 -31.42
C PRO B 537 -1.55 8.48 -32.76
N LYS B 538 -2.35 8.37 -33.84
CA LYS B 538 -1.90 8.67 -35.20
C LYS B 538 -0.98 9.89 -35.35
N TYR B 539 -1.24 10.95 -34.59
CA TYR B 539 -0.52 12.21 -34.77
C TYR B 539 0.85 12.31 -34.10
N GLU B 540 1.27 11.28 -33.38
CA GLU B 540 2.45 11.37 -32.50
C GLU B 540 3.76 11.77 -33.19
N PRO C 1 -12.95 -57.78 21.28
CA PRO C 1 -13.07 -56.74 20.26
C PRO C 1 -11.70 -56.42 19.67
N ILE C 2 -11.70 -55.73 18.53
CA ILE C 2 -10.47 -55.46 17.78
C ILE C 2 -10.02 -54.02 17.91
N TYR C 3 -10.93 -53.15 18.35
CA TYR C 3 -10.60 -51.76 18.63
C TYR C 3 -10.79 -51.44 20.10
N ASP C 4 -9.88 -50.62 20.63
CA ASP C 4 -9.95 -50.14 22.00
C ASP C 4 -11.15 -49.19 22.17
N LEU C 5 -11.40 -48.39 21.14
CA LEU C 5 -12.34 -47.25 21.22
C LEU C 5 -13.06 -46.99 19.90
N ILE C 6 -14.37 -46.79 19.98
CA ILE C 6 -15.20 -46.43 18.83
C ILE C 6 -15.97 -45.15 19.15
N ILE C 7 -15.83 -44.13 18.30
CA ILE C 7 -16.60 -42.90 18.45
C ILE C 7 -17.69 -42.81 17.39
N LYS C 8 -18.94 -42.87 17.85
CA LYS C 8 -20.11 -42.91 16.96
C LYS C 8 -20.87 -41.60 16.96
N ASN C 9 -21.69 -41.42 15.92
CA ASN C 9 -22.68 -40.33 15.81
C ASN C 9 -22.12 -38.91 15.92
N GLY C 10 -20.83 -38.74 15.62
CA GLY C 10 -20.21 -37.42 15.68
C GLY C 10 -19.87 -36.85 14.33
N ILE C 11 -19.45 -35.60 14.33
CA ILE C 11 -19.07 -34.92 13.11
C ILE C 11 -17.57 -34.56 13.14
N ILE C 12 -16.83 -35.19 12.25
CA ILE C 12 -15.41 -35.00 12.15
C ILE C 12 -15.10 -33.65 11.49
N CYS C 13 -14.28 -32.84 12.15
CA CYS C 13 -13.78 -31.60 11.54
C CYS C 13 -12.28 -31.67 11.44
N THR C 14 -11.79 -31.38 10.24
CA THR C 14 -10.36 -31.27 9.98
C THR C 14 -10.08 -29.85 9.50
N ALA C 15 -8.84 -29.59 9.09
CA ALA C 15 -8.46 -28.28 8.59
C ALA C 15 -9.09 -27.99 7.24
N SER C 16 -9.64 -29.00 6.59
CA SER C 16 -10.22 -28.80 5.25
C SER C 16 -11.56 -29.48 5.01
N ASP C 17 -12.05 -30.29 5.97
CA ASP C 17 -13.32 -31.02 5.81
C ASP C 17 -14.17 -31.01 7.07
N ILE C 18 -15.49 -30.99 6.88
CA ILE C 18 -16.45 -31.22 7.95
C ILE C 18 -17.44 -32.26 7.43
N TYR C 19 -17.59 -33.38 8.16
CA TYR C 19 -18.48 -34.46 7.75
C TYR C 19 -18.82 -35.43 8.87
N ALA C 20 -20.00 -36.04 8.76
CA ALA C 20 -20.44 -37.07 9.69
C ALA C 20 -19.83 -38.41 9.32
N ALA C 21 -19.05 -38.96 10.25
CA ALA C 21 -18.45 -40.29 10.11
C ALA C 21 -18.01 -40.78 11.47
N GLU C 22 -17.62 -42.05 11.54
CA GLU C 22 -17.22 -42.69 12.79
C GLU C 22 -15.74 -43.07 12.79
N ILE C 23 -15.16 -43.16 13.99
CA ILE C 23 -13.73 -43.42 14.16
C ILE C 23 -13.47 -44.64 15.06
N ALA C 24 -12.61 -45.53 14.59
CA ALA C 24 -12.06 -46.62 15.42
C ALA C 24 -10.61 -46.30 15.87
N VAL C 25 -10.34 -46.54 17.15
CA VAL C 25 -9.03 -46.29 17.75
C VAL C 25 -8.48 -47.59 18.33
N ASN C 26 -7.18 -47.81 18.12
CA ASN C 26 -6.50 -48.97 18.67
C ASN C 26 -4.99 -48.73 18.79
N ASN C 27 -4.41 -49.23 19.88
CA ASN C 27 -2.96 -49.13 20.14
C ASN C 27 -2.45 -47.69 20.10
N GLY C 28 -3.25 -46.77 20.62
CA GLY C 28 -2.88 -45.35 20.74
C GLY C 28 -3.05 -44.51 19.47
N LYS C 29 -3.61 -45.12 18.43
CA LYS C 29 -3.68 -44.50 17.13
C LYS C 29 -5.07 -44.62 16.48
N VAL C 30 -5.39 -43.63 15.63
CA VAL C 30 -6.55 -43.70 14.75
C VAL C 30 -6.32 -44.85 13.78
N GLN C 31 -7.28 -45.76 13.66
CA GLN C 31 -7.11 -46.93 12.78
C GLN C 31 -8.04 -46.93 11.57
N LEU C 32 -9.14 -46.21 11.67
CA LEU C 32 -10.24 -46.33 10.72
C LEU C 32 -11.19 -45.13 10.76
N ILE C 33 -11.56 -44.62 9.59
CA ILE C 33 -12.75 -43.80 9.45
C ILE C 33 -13.74 -44.47 8.49
N ALA C 34 -14.99 -44.64 8.94
CA ALA C 34 -16.07 -45.20 8.12
C ALA C 34 -17.44 -44.59 8.47
N ALA C 35 -18.45 -44.80 7.61
CA ALA C 35 -19.80 -44.26 7.84
C ALA C 35 -20.41 -44.74 9.14
N SER C 36 -20.15 -46.03 9.42
CA SER C 36 -20.71 -46.72 10.57
C SER C 36 -19.78 -47.85 10.95
N ILE C 37 -19.54 -48.00 12.25
CA ILE C 37 -18.72 -49.08 12.77
C ILE C 37 -19.53 -49.85 13.81
N ASP C 38 -19.58 -51.17 13.63
CA ASP C 38 -20.25 -52.09 14.54
C ASP C 38 -19.72 -51.90 15.98
N PRO C 39 -20.58 -51.43 16.90
CA PRO C 39 -20.17 -51.17 18.29
C PRO C 39 -19.67 -52.41 19.04
N SER C 40 -19.99 -53.61 18.55
CA SER C 40 -19.43 -54.84 19.14
C SER C 40 -17.94 -55.04 18.84
N LEU C 41 -17.40 -54.26 17.89
CA LEU C 41 -15.99 -54.35 17.50
C LEU C 41 -15.03 -53.53 18.38
N GLY C 42 -15.60 -52.75 19.29
CA GLY C 42 -14.80 -51.89 20.17
C GLY C 42 -15.00 -52.25 21.62
N SER C 43 -13.96 -52.06 22.43
CA SER C 43 -14.04 -52.31 23.86
C SER C 43 -14.86 -51.23 24.56
N GLU C 44 -14.72 -50.00 24.07
CA GLU C 44 -15.50 -48.88 24.56
C GLU C 44 -16.07 -48.06 23.39
N VAL C 45 -17.34 -47.68 23.53
CA VAL C 45 -18.06 -46.93 22.54
C VAL C 45 -18.49 -45.59 23.13
N ILE C 46 -18.13 -44.52 22.43
CA ILE C 46 -18.57 -43.17 22.78
C ILE C 46 -19.63 -42.71 21.76
N ASP C 47 -20.80 -42.31 22.27
CA ASP C 47 -21.85 -41.67 21.49
C ASP C 47 -21.65 -40.16 21.57
N ALA C 48 -21.22 -39.56 20.47
CA ALA C 48 -20.91 -38.12 20.42
C ALA C 48 -22.16 -37.23 20.33
N GLU C 49 -23.32 -37.86 20.06
CA GLU C 49 -24.63 -37.19 20.03
C GLU C 49 -24.73 -36.00 19.06
N GLY C 50 -24.12 -36.13 17.88
CA GLY C 50 -24.18 -35.09 16.86
C GLY C 50 -23.15 -33.97 17.00
N ALA C 51 -22.27 -34.10 17.99
CA ALA C 51 -21.28 -33.08 18.29
C ALA C 51 -20.05 -33.17 17.38
N PHE C 52 -19.30 -32.07 17.32
CA PHE C 52 -18.06 -32.02 16.57
C PHE C 52 -17.00 -32.84 17.25
N ILE C 53 -16.19 -33.51 16.44
CA ILE C 53 -14.99 -34.20 16.89
C ILE C 53 -13.85 -33.44 16.24
N THR C 54 -12.93 -32.92 17.03
CA THR C 54 -11.75 -32.26 16.48
C THR C 54 -10.48 -33.03 16.85
N PRO C 55 -9.38 -32.82 16.10
CA PRO C 55 -8.11 -33.35 16.60
C PRO C 55 -7.83 -32.64 17.92
N GLY C 56 -6.90 -33.16 18.71
CA GLY C 56 -6.54 -32.47 19.94
C GLY C 56 -5.79 -31.19 19.61
N GLY C 57 -5.97 -30.17 20.44
CA GLY C 57 -5.26 -28.92 20.27
C GLY C 57 -3.78 -29.10 20.53
N ILE C 58 -2.94 -28.32 19.85
CA ILE C 58 -1.51 -28.34 20.07
C ILE C 58 -1.07 -26.92 20.37
N ASP C 59 -0.58 -26.72 21.60
CA ASP C 59 -0.18 -25.40 22.07
C ASP C 59 1.32 -25.31 22.14
N ALA C 60 1.90 -24.62 21.17
CA ALA C 60 3.35 -24.59 21.02
C ALA C 60 4.01 -23.39 21.68
N HIS C 61 3.28 -22.75 22.60
CA HIS C 61 3.83 -21.62 23.35
C HIS C 61 3.39 -21.65 24.80
N VAL C 62 3.99 -22.57 25.56
CA VAL C 62 3.65 -22.79 26.97
C VAL C 62 4.89 -22.64 27.84
N HIS C 63 4.81 -21.85 28.90
CA HIS C 63 5.94 -21.68 29.81
C HIS C 63 5.69 -22.43 31.13
N VAL C 64 6.59 -23.35 31.44
CA VAL C 64 6.53 -24.16 32.67
C VAL C 64 7.75 -23.89 33.57
N ASP C 65 7.62 -24.17 34.85
CA ASP C 65 8.75 -24.04 35.77
C ASP C 65 9.92 -24.91 35.30
N GLU C 66 11.06 -24.26 35.08
CA GLU C 66 12.26 -24.96 34.60
C GLU C 66 13.49 -24.66 35.48
N PRO C 67 14.46 -25.60 35.53
CA PRO C 67 15.57 -25.54 36.51
C PRO C 67 16.42 -24.26 36.47
N LEU C 68 16.60 -23.68 35.28
CA LEU C 68 17.38 -22.43 35.16
C LEU C 68 16.60 -21.19 35.58
N LYS C 69 15.29 -21.35 35.79
CA LYS C 69 14.38 -20.30 36.24
C LYS C 69 14.58 -18.98 35.48
N LEU C 70 14.56 -19.06 34.16
CA LEU C 70 14.75 -17.88 33.30
C LEU C 70 13.66 -16.81 33.55
N LEU C 71 12.42 -17.27 33.70
CA LEU C 71 11.28 -16.39 33.98
C LEU C 71 11.00 -16.31 35.48
N GLY C 72 12.04 -16.47 36.30
CA GLY C 72 11.86 -16.68 37.74
C GLY C 72 11.06 -17.94 37.99
N ASP C 73 10.52 -18.07 39.21
CA ASP C 73 9.66 -19.19 39.55
C ASP C 73 8.29 -19.06 38.89
N VAL C 74 7.88 -20.11 38.18
CA VAL C 74 6.54 -20.22 37.58
C VAL C 74 5.75 -21.24 38.40
N VAL C 75 4.44 -21.04 38.59
CA VAL C 75 3.65 -21.93 39.46
C VAL C 75 3.37 -23.34 38.90
N ASP C 76 3.26 -23.44 37.57
CA ASP C 76 2.96 -24.71 36.92
C ASP C 76 4.23 -25.51 36.59
N THR C 77 4.27 -26.75 37.05
CA THR C 77 5.21 -27.74 36.52
C THR C 77 4.66 -28.26 35.19
N MET C 78 5.38 -29.19 34.56
CA MET C 78 4.89 -29.84 33.36
C MET C 78 3.67 -30.71 33.68
N GLU C 79 3.62 -31.30 34.88
CA GLU C 79 2.43 -32.01 35.38
C GLU C 79 1.20 -31.10 35.35
N HIS C 80 1.33 -29.92 35.94
CA HIS C 80 0.19 -29.01 36.07
C HIS C 80 -0.28 -28.47 34.73
N ALA C 81 0.67 -28.08 33.87
CA ALA C 81 0.36 -27.54 32.54
C ALA C 81 -0.34 -28.54 31.63
N THR C 82 0.16 -29.78 31.60
CA THR C 82 -0.47 -30.84 30.80
C THR C 82 -1.85 -31.25 31.35
N ARG C 83 -2.01 -31.22 32.67
CA ARG C 83 -3.32 -31.47 33.28
C ARG C 83 -4.34 -30.43 32.81
N SER C 84 -3.91 -29.18 32.85
CA SER C 84 -4.72 -28.03 32.47
C SER C 84 -5.00 -28.05 30.97
N ALA C 85 -3.97 -28.33 30.18
CA ALA C 85 -4.09 -28.46 28.73
C ALA C 85 -5.21 -29.41 28.38
N VAL C 86 -5.13 -30.61 28.95
CA VAL C 86 -6.09 -31.69 28.68
C VAL C 86 -7.54 -31.35 29.07
N ALA C 87 -7.72 -30.63 30.17
CA ALA C 87 -9.05 -30.20 30.62
C ALA C 87 -9.66 -29.18 29.66
N GLY C 88 -8.83 -28.63 28.78
CA GLY C 88 -9.29 -27.63 27.84
C GLY C 88 -9.15 -28.06 26.40
N GLY C 89 -8.97 -29.37 26.18
CA GLY C 89 -8.88 -29.94 24.85
C GLY C 89 -7.53 -29.90 24.13
N THR C 90 -6.48 -29.42 24.81
CA THR C 90 -5.14 -29.39 24.23
C THR C 90 -4.43 -30.69 24.62
N THR C 91 -3.85 -31.38 23.63
CA THR C 91 -3.30 -32.72 23.87
C THR C 91 -1.79 -32.82 23.54
N THR C 92 -1.20 -31.71 23.09
CA THR C 92 0.24 -31.62 22.99
C THR C 92 0.65 -30.21 23.31
N VAL C 93 1.63 -30.07 24.20
CA VAL C 93 2.18 -28.76 24.53
C VAL C 93 3.67 -28.73 24.20
N VAL C 94 4.16 -27.54 23.80
CA VAL C 94 5.58 -27.35 23.55
C VAL C 94 6.08 -26.21 24.42
N ALA C 95 7.01 -26.54 25.31
CA ALA C 95 7.57 -25.57 26.23
C ALA C 95 8.98 -25.17 25.79
N PHE C 96 9.70 -24.52 26.69
CA PHE C 96 10.98 -23.89 26.33
C PHE C 96 12.15 -24.38 27.15
N SER C 97 13.21 -24.78 26.44
CA SER C 97 14.49 -25.11 27.03
C SER C 97 15.43 -23.91 27.02
N THR C 98 15.89 -23.49 28.21
CA THR C 98 16.81 -22.35 28.29
C THR C 98 18.24 -22.78 28.09
N GLN C 99 18.92 -22.13 27.16
CA GLN C 99 20.36 -22.26 26.97
C GLN C 99 21.07 -22.09 28.31
N ASP C 100 21.91 -23.07 28.66
CA ASP C 100 22.71 -23.02 29.88
C ASP C 100 24.13 -22.58 29.53
N VAL C 101 24.45 -21.35 29.90
CA VAL C 101 25.74 -20.73 29.57
C VAL C 101 26.97 -21.35 30.28
N SER C 102 26.72 -22.13 31.33
CA SER C 102 27.77 -22.84 32.05
C SER C 102 28.29 -24.05 31.26
N LYS C 103 27.49 -24.52 30.30
CA LYS C 103 27.91 -25.58 29.38
C LYS C 103 28.59 -24.96 28.17
N LYS C 104 29.65 -25.62 27.71
CA LYS C 104 30.35 -25.23 26.47
C LYS C 104 30.56 -26.45 25.58
N GLY C 105 31.16 -26.22 24.41
CA GLY C 105 31.48 -27.29 23.47
C GLY C 105 30.29 -27.70 22.61
N PRO C 106 30.50 -28.72 21.75
CA PRO C 106 29.52 -29.30 20.83
C PRO C 106 28.19 -29.72 21.47
N SER C 107 28.22 -30.17 22.72
CA SER C 107 27.03 -30.69 23.39
C SER C 107 26.27 -29.66 24.24
N ALA C 108 26.74 -28.41 24.23
CA ALA C 108 26.20 -27.36 25.12
C ALA C 108 24.68 -27.17 25.08
N LEU C 109 24.08 -27.26 23.90
CA LEU C 109 22.64 -27.04 23.77
C LEU C 109 21.82 -28.30 24.03
N ALA C 110 22.33 -29.45 23.60
CA ALA C 110 21.77 -30.75 23.97
C ALA C 110 21.72 -30.92 25.50
N GLU C 111 22.80 -30.53 26.16
CA GLU C 111 22.89 -30.53 27.62
C GLU C 111 21.83 -29.65 28.30
N SER C 112 21.57 -28.49 27.72
CA SER C 112 20.50 -27.60 28.17
C SER C 112 19.09 -28.24 28.07
N VAL C 113 18.85 -29.00 27.01
CA VAL C 113 17.58 -29.71 26.81
C VAL C 113 17.47 -30.85 27.84
N LYS C 114 18.59 -31.56 28.04
CA LYS C 114 18.69 -32.66 28.98
C LYS C 114 18.22 -32.29 30.39
N LEU C 115 18.46 -31.05 30.82
CA LEU C 115 18.06 -30.60 32.16
C LEU C 115 16.53 -30.62 32.33
N ASP C 116 15.84 -30.21 31.28
CA ASP C 116 14.36 -30.17 31.28
C ASP C 116 13.77 -31.56 31.19
N VAL C 117 14.22 -32.34 30.21
CA VAL C 117 13.71 -33.69 29.99
C VAL C 117 13.86 -34.55 31.24
N ASP C 118 15.04 -34.48 31.88
CA ASP C 118 15.27 -35.20 33.13
C ASP C 118 14.40 -34.72 34.29
N GLU C 119 14.19 -33.41 34.41
CA GLU C 119 13.32 -32.84 35.44
C GLU C 119 11.86 -33.30 35.29
N TYR C 120 11.37 -33.34 34.05
CA TYR C 120 9.97 -33.64 33.81
C TYR C 120 9.69 -35.14 33.77
N SER C 121 10.74 -35.95 33.64
CA SER C 121 10.55 -37.40 33.52
C SER C 121 10.06 -38.04 34.83
N GLU C 122 10.20 -37.29 35.93
CA GLU C 122 9.78 -37.73 37.26
C GLU C 122 8.31 -37.37 37.55
N GLN C 123 7.75 -36.49 36.73
CA GLN C 123 6.40 -35.97 36.92
C GLN C 123 5.34 -36.81 36.19
N THR C 124 4.09 -36.70 36.65
CA THR C 124 2.97 -37.27 35.95
C THR C 124 2.58 -36.34 34.81
N LEU C 125 2.63 -36.86 33.59
CA LEU C 125 2.28 -36.08 32.41
C LEU C 125 0.98 -36.58 31.80
N TYR C 126 0.06 -35.65 31.57
CA TYR C 126 -1.29 -35.95 31.13
C TYR C 126 -1.38 -36.01 29.61
N CYS C 127 -0.41 -35.36 28.96
CA CYS C 127 -0.24 -35.44 27.51
C CYS C 127 1.25 -35.31 27.13
N ASP C 128 1.56 -35.49 25.86
CA ASP C 128 2.92 -35.37 25.36
C ASP C 128 3.39 -33.93 25.35
N TYR C 129 4.71 -33.73 25.44
CA TYR C 129 5.28 -32.39 25.35
C TYR C 129 6.56 -32.40 24.53
N GLY C 130 6.81 -31.29 23.83
CA GLY C 130 8.07 -31.09 23.14
C GLY C 130 8.75 -29.88 23.75
N LEU C 131 9.94 -29.57 23.24
CA LEU C 131 10.70 -28.41 23.70
C LEU C 131 11.25 -27.54 22.55
N HIS C 132 11.08 -26.22 22.69
CA HIS C 132 11.82 -25.25 21.90
C HIS C 132 13.12 -24.94 22.61
N LEU C 133 14.14 -24.50 21.88
CA LEU C 133 15.35 -23.98 22.53
C LEU C 133 15.36 -22.44 22.53
N ILE C 134 15.67 -21.86 23.69
CA ILE C 134 15.83 -20.41 23.80
C ILE C 134 17.31 -20.02 23.70
N LEU C 135 17.63 -19.13 22.77
CA LEU C 135 18.99 -18.65 22.55
C LEU C 135 19.14 -17.19 22.91
N PHE C 136 20.11 -16.87 23.77
CA PHE C 136 20.36 -15.50 24.17
C PHE C 136 21.85 -15.15 24.26
N GLN C 137 22.72 -16.15 24.11
CA GLN C 137 24.16 -15.92 24.08
C GLN C 137 24.80 -16.50 22.82
N ILE C 138 25.17 -15.60 21.91
CA ILE C 138 25.75 -15.97 20.63
C ILE C 138 27.22 -15.52 20.61
N GLU C 139 28.11 -16.45 20.22
CA GLU C 139 29.55 -16.20 20.18
C GLU C 139 29.89 -15.25 19.04
N LYS C 140 30.97 -14.48 19.20
CA LYS C 140 31.43 -13.51 18.20
C LYS C 140 32.94 -13.70 18.00
N PRO C 141 33.46 -13.44 16.78
CA PRO C 141 32.80 -12.90 15.59
C PRO C 141 31.95 -13.91 14.80
N SER C 142 31.09 -13.37 13.94
CA SER C 142 30.14 -14.12 13.10
C SER C 142 30.62 -15.46 12.52
N VAL C 143 31.74 -15.45 11.80
CA VAL C 143 32.18 -16.63 11.05
C VAL C 143 32.45 -17.85 11.94
N GLU C 144 33.00 -17.60 13.13
CA GLU C 144 33.09 -18.64 14.18
C GLU C 144 31.70 -18.92 14.78
N ALA C 145 31.09 -17.88 15.32
CA ALA C 145 29.72 -17.88 15.87
C ALA C 145 28.70 -18.75 15.14
N ARG C 146 28.54 -18.49 13.85
CA ARG C 146 27.64 -19.27 12.98
C ARG C 146 28.07 -20.75 12.82
N GLU C 147 29.38 -21.03 12.92
CA GLU C 147 29.94 -22.36 12.60
C GLU C 147 30.07 -23.41 13.72
N LEU C 148 30.22 -22.96 14.97
CA LEU C 148 30.22 -23.87 16.11
C LEU C 148 28.79 -24.07 16.58
N LEU C 149 27.97 -23.05 16.31
CA LEU C 149 26.55 -23.06 16.57
C LEU C 149 25.84 -24.12 15.71
N ASP C 150 26.40 -24.40 14.53
CA ASP C 150 25.87 -25.40 13.62
C ASP C 150 26.01 -26.81 14.20
N VAL C 151 27.19 -27.13 14.73
CA VAL C 151 27.50 -28.39 15.42
C VAL C 151 26.65 -28.58 16.68
N GLN C 152 26.38 -27.48 17.38
CA GLN C 152 25.54 -27.49 18.57
C GLN C 152 24.05 -27.74 18.28
N LEU C 153 23.57 -27.21 17.17
CA LEU C 153 22.18 -27.39 16.76
C LEU C 153 21.92 -28.83 16.31
N GLN C 154 22.86 -29.36 15.54
CA GLN C 154 22.84 -30.75 15.11
C GLN C 154 22.72 -31.68 16.31
N ALA C 155 23.49 -31.39 17.35
CA ALA C 155 23.55 -32.21 18.54
C ALA C 155 22.23 -32.18 19.31
N ALA C 156 21.64 -31.00 19.43
CA ALA C 156 20.33 -30.86 20.09
C ALA C 156 19.22 -31.55 19.28
N TYR C 157 19.29 -31.45 17.96
CA TYR C 157 18.37 -32.19 17.09
C TYR C 157 18.58 -33.70 17.19
N ASN C 158 19.83 -34.15 17.03
CA ASN C 158 20.15 -35.57 16.99
C ASN C 158 19.90 -36.29 18.31
N ASP C 159 20.28 -35.66 19.41
CA ASP C 159 20.07 -36.22 20.75
C ASP C 159 18.61 -36.19 21.21
N TYR C 160 17.91 -35.09 20.93
CA TYR C 160 16.63 -34.79 21.57
C TYR C 160 15.50 -34.35 20.64
N GLY C 161 15.76 -34.29 19.33
CA GLY C 161 14.74 -33.88 18.37
C GLY C 161 14.18 -32.48 18.60
N VAL C 162 15.07 -31.57 18.98
CA VAL C 162 14.72 -30.17 19.08
C VAL C 162 15.02 -29.56 17.72
N SER C 163 14.00 -28.97 17.10
CA SER C 163 14.11 -28.45 15.74
C SER C 163 13.61 -26.99 15.61
N SER C 164 13.47 -26.31 16.74
CA SER C 164 13.09 -24.91 16.73
C SER C 164 13.91 -24.10 17.71
N VAL C 165 14.22 -22.87 17.34
CA VAL C 165 15.03 -21.98 18.16
C VAL C 165 14.31 -20.65 18.36
N MET C 167 14.34 -16.71 19.81
CA MET C 167 15.14 -15.56 20.16
C MET C 167 14.32 -14.30 20.49
N PHE C 168 14.94 -13.40 21.23
CA PHE C 168 14.28 -12.18 21.72
C PHE C 168 14.96 -10.95 21.15
N MET C 169 14.17 -9.96 20.77
CA MET C 169 14.68 -8.65 20.39
C MET C 169 14.42 -7.63 21.51
N THR C 170 13.93 -8.12 22.65
CA THR C 170 13.66 -7.30 23.84
C THR C 170 13.99 -8.06 25.14
N TYR C 171 13.83 -7.39 26.27
CA TYR C 171 14.15 -7.93 27.61
C TYR C 171 15.64 -7.92 27.92
N PRO C 172 16.04 -7.25 29.01
CA PRO C 172 17.45 -7.27 29.44
C PRO C 172 17.93 -8.68 29.80
N GLY C 173 19.02 -9.10 29.16
CA GLY C 173 19.58 -10.43 29.37
C GLY C 173 19.16 -11.44 28.33
N LEU C 174 18.11 -11.10 27.58
CA LEU C 174 17.61 -11.96 26.52
C LEU C 174 17.75 -11.32 25.15
N GLN C 175 17.56 -10.00 25.10
CA GLN C 175 17.69 -9.25 23.86
C GLN C 175 19.01 -9.55 23.16
N ILE C 176 18.95 -9.81 21.86
CA ILE C 176 20.19 -9.91 21.07
C ILE C 176 20.21 -8.98 19.88
N SER C 177 21.42 -8.55 19.52
CA SER C 177 21.66 -7.69 18.37
C SER C 177 21.23 -8.33 17.04
N ASP C 178 21.12 -7.50 16.01
CA ASP C 178 20.80 -7.98 14.66
C ASP C 178 21.91 -8.86 14.13
N TYR C 179 23.14 -8.49 14.47
CA TYR C 179 24.34 -9.21 14.05
C TYR C 179 24.29 -10.65 14.57
N ASP C 180 23.91 -10.81 15.83
CA ASP C 180 23.79 -12.13 16.45
C ASP C 180 22.64 -12.97 15.89
N ILE C 181 21.51 -12.31 15.63
CA ILE C 181 20.37 -12.94 14.96
C ILE C 181 20.77 -13.52 13.58
N MET C 182 21.46 -12.71 12.79
CA MET C 182 21.99 -13.17 11.49
C MET C 182 22.86 -14.41 11.64
N SER C 183 23.78 -14.40 12.60
CA SER C 183 24.59 -15.60 12.95
C SER C 183 23.72 -16.84 13.24
N ALA C 184 22.68 -16.66 14.05
CA ALA C 184 21.72 -17.73 14.36
C ALA C 184 20.95 -18.22 13.13
N MET C 185 20.52 -17.27 12.29
CA MET C 185 19.75 -17.60 11.10
C MET C 185 20.59 -18.40 10.15
N TYR C 186 21.90 -18.09 10.14
CA TYR C 186 22.84 -18.81 9.31
C TYR C 186 22.85 -20.28 9.69
N ALA C 187 22.93 -20.53 11.00
CA ALA C 187 22.92 -21.88 11.58
C ALA C 187 21.56 -22.60 11.43
N THR C 188 20.46 -21.89 11.69
CA THR C 188 19.13 -22.52 11.65
C THR C 188 18.69 -22.89 10.23
N ARG C 189 18.93 -22.00 9.27
CA ARG C 189 18.62 -22.28 7.87
C ARG C 189 19.34 -23.52 7.36
N LYS C 190 20.64 -23.59 7.65
CA LYS C 190 21.51 -24.72 7.28
C LYS C 190 20.99 -26.05 7.86
N ASN C 191 20.44 -25.98 9.07
CA ASN C 191 19.91 -27.18 9.75
C ASN C 191 18.39 -27.38 9.61
N GLY C 192 17.73 -26.55 8.81
CA GLY C 192 16.30 -26.68 8.60
C GLY C 192 15.48 -26.48 9.87
N PHE C 193 16.04 -25.75 10.84
CA PHE C 193 15.35 -25.43 12.10
C PHE C 193 14.24 -24.42 11.86
N THR C 194 13.21 -24.45 12.71
CA THR C 194 12.20 -23.43 12.72
C THR C 194 12.73 -22.27 13.57
N THR C 195 12.79 -21.08 12.99
CA THR C 195 13.35 -19.92 13.68
C THR C 195 12.21 -19.04 14.23
N MET C 196 12.22 -18.81 15.53
CA MET C 196 11.15 -18.05 16.20
C MET C 196 11.67 -16.74 16.76
N LEU C 197 10.93 -15.65 16.55
CA LEU C 197 11.31 -14.36 17.11
C LEU C 197 10.22 -13.68 17.93
N HIS C 198 10.63 -13.15 19.08
CA HIS C 198 9.84 -12.20 19.84
C HIS C 198 10.27 -10.83 19.36
N ALA C 199 9.43 -10.20 18.54
CA ALA C 199 9.80 -8.93 17.91
C ALA C 199 9.19 -7.69 18.59
N GLU C 200 9.93 -7.11 19.52
CA GLU C 200 9.67 -5.77 20.03
C GLU C 200 11.02 -5.07 20.12
N ASN C 201 11.07 -3.77 19.81
CA ASN C 201 12.33 -3.02 19.90
C ASN C 201 12.73 -2.79 21.36
N GLY C 202 13.70 -3.57 21.82
CA GLY C 202 14.14 -3.53 23.22
C GLY C 202 14.66 -2.18 23.71
N ASP C 203 15.38 -1.47 22.84
CA ASP C 203 15.92 -0.14 23.13
C ASP C 203 14.83 0.89 23.38
N MET C 204 13.78 0.83 22.56
CA MET C 204 12.64 1.75 22.68
C MET C 204 11.87 1.50 23.99
N VAL C 205 11.64 0.22 24.29
CA VAL C 205 10.94 -0.21 25.51
C VAL C 205 11.69 0.31 26.76
N LYS C 206 13.00 0.02 26.78
CA LYS C 206 13.90 0.45 27.84
C LYS C 206 13.86 1.97 28.08
N TRP C 207 14.04 2.75 27.00
CA TRP C 207 14.02 4.21 27.09
C TRP C 207 12.67 4.73 27.60
N MET C 208 11.57 4.24 27.02
CA MET C 208 10.22 4.62 27.44
C MET C 208 9.84 4.24 28.88
N ILE C 209 10.32 3.10 29.38
CA ILE C 209 10.08 2.72 30.79
C ILE C 209 10.77 3.71 31.71
N GLU C 210 12.01 4.07 31.39
CA GLU C 210 12.78 5.04 32.17
C GLU C 210 12.11 6.40 32.14
N ALA C 211 11.57 6.78 30.99
CA ALA C 211 10.87 8.06 30.87
C ALA C 211 9.58 8.11 31.71
N LEU C 212 8.85 7.00 31.75
CA LEU C 212 7.61 6.88 32.53
C LEU C 212 7.86 6.88 34.04
N GLU C 213 8.85 6.09 34.47
CA GLU C 213 9.24 6.02 35.89
C GLU C 213 9.71 7.37 36.43
N GLU C 214 10.45 8.11 35.58
CA GLU C 214 10.89 9.46 35.88
C GLU C 214 9.73 10.39 36.22
N GLN C 215 8.58 10.16 35.59
CA GLN C 215 7.37 10.93 35.87
C GLN C 215 6.51 10.29 36.95
N GLY C 216 6.97 9.17 37.49
CA GLY C 216 6.25 8.41 38.50
C GLY C 216 5.04 7.66 37.96
N LEU C 217 5.06 7.36 36.66
CA LEU C 217 3.95 6.66 36.01
C LEU C 217 4.22 5.16 36.02
N THR C 218 4.03 4.56 37.19
CA THR C 218 4.49 3.19 37.46
C THR C 218 3.41 2.12 37.61
N ASP C 219 2.14 2.53 37.68
CA ASP C 219 1.04 1.57 37.80
C ASP C 219 0.96 0.61 36.60
N ALA C 220 0.33 -0.53 36.82
CA ALA C 220 0.24 -1.63 35.86
C ALA C 220 -0.16 -1.21 34.44
N TYR C 221 -1.07 -0.24 34.36
CA TYR C 221 -1.59 0.25 33.08
C TYR C 221 -0.49 0.84 32.18
N TYR C 222 0.54 1.42 32.79
CA TYR C 222 1.63 2.05 32.03
C TYR C 222 2.58 1.06 31.35
N HIS C 223 2.37 -0.24 31.59
CA HIS C 223 3.11 -1.26 30.88
C HIS C 223 2.78 -1.21 29.39
N GLY C 224 1.48 -1.07 29.07
CA GLY C 224 1.05 -0.91 27.68
C GLY C 224 1.60 0.36 27.07
N VAL C 225 1.48 1.46 27.82
CA VAL C 225 1.97 2.77 27.40
C VAL C 225 3.47 2.75 27.09
N SER C 226 4.24 1.95 27.83
CA SER C 226 5.68 1.87 27.62
C SER C 226 6.10 1.20 26.30
N ARG C 227 5.16 0.51 25.64
CA ARG C 227 5.45 -0.25 24.44
C ARG C 227 4.27 -0.33 23.42
N PRO C 228 3.87 0.82 22.84
CA PRO C 228 2.80 0.90 21.83
C PRO C 228 3.07 0.01 20.60
N SER C 229 2.00 -0.30 19.87
CA SER C 229 2.04 -1.21 18.72
C SER C 229 3.13 -0.93 17.69
N ILE C 230 3.47 0.34 17.54
CA ILE C 230 4.49 0.81 16.58
C ILE C 230 5.87 0.19 16.86
N VAL C 231 6.12 -0.14 18.12
CA VAL C 231 7.38 -0.75 18.55
C VAL C 231 7.45 -2.21 18.09
N GLU C 232 6.35 -2.94 18.26
CA GLU C 232 6.25 -4.31 17.72
C GLU C 232 6.32 -4.30 16.19
N GLY C 233 5.71 -3.28 15.57
CA GLY C 233 5.73 -3.10 14.11
C GLY C 233 7.13 -2.93 13.56
N GLU C 234 7.91 -2.02 14.15
CA GLU C 234 9.28 -1.80 13.73
C GLU C 234 10.15 -3.05 13.87
N ALA C 235 10.05 -3.75 15.00
CA ALA C 235 10.90 -4.90 15.25
C ALA C 235 10.59 -6.04 14.28
N THR C 236 9.31 -6.32 14.08
CA THR C 236 8.86 -7.29 13.08
C THR C 236 9.38 -6.96 11.68
N ASN C 237 9.28 -5.69 11.28
CA ASN C 237 9.80 -5.24 10.01
C ASN C 237 11.30 -5.53 9.88
N ARG C 238 12.04 -5.20 10.92
CA ARG C 238 13.49 -5.43 10.98
C ARG C 238 13.82 -6.92 10.87
N ALA C 239 13.09 -7.73 11.63
CA ALA C 239 13.21 -9.18 11.62
C ALA C 239 12.95 -9.79 10.24
N ILE C 240 11.91 -9.28 9.55
CA ILE C 240 11.61 -9.75 8.19
C ILE C 240 12.78 -9.41 7.25
N THR C 241 13.25 -8.16 7.28
CA THR C 241 14.44 -7.76 6.51
C THR C 241 15.64 -8.69 6.74
N LEU C 242 15.92 -9.02 8.01
CA LEU C 242 16.99 -9.97 8.35
C LEU C 242 16.74 -11.35 7.77
N ALA C 243 15.50 -11.84 7.91
CA ALA C 243 15.07 -13.11 7.32
C ALA C 243 15.26 -13.15 5.81
N THR C 244 14.92 -12.05 5.14
CA THR C 244 14.99 -11.94 3.67
C THR C 244 16.45 -12.00 3.20
N THR C 245 17.31 -11.19 3.82
CA THR C 245 18.76 -11.20 3.54
C THR C 245 19.38 -12.58 3.74
N MET C 246 18.88 -13.30 4.73
CA MET C 246 19.42 -14.61 5.08
C MET C 246 18.63 -15.78 4.46
N ASP C 247 17.62 -15.47 3.66
CA ASP C 247 16.69 -16.46 3.09
C ASP C 247 16.30 -17.54 4.11
N THR C 248 15.90 -17.09 5.29
CA THR C 248 15.54 -18.00 6.37
C THR C 248 14.07 -17.88 6.70
N PRO C 249 13.35 -19.01 6.68
CA PRO C 249 11.97 -19.01 7.14
C PRO C 249 11.90 -18.53 8.59
N ILE C 250 10.86 -17.77 8.91
CA ILE C 250 10.77 -17.14 10.23
C ILE C 250 9.33 -17.16 10.75
N LEU C 251 9.18 -17.46 12.04
CA LEU C 251 7.90 -17.40 12.74
C LEU C 251 7.95 -16.32 13.82
N PHE C 252 6.95 -15.45 13.82
CA PHE C 252 6.77 -14.45 14.88
C PHE C 252 5.77 -14.94 15.90
N VAL C 253 6.18 -14.94 17.15
CA VAL C 253 5.32 -15.42 18.22
C VAL C 253 4.49 -14.28 18.78
N HIS C 254 3.39 -14.64 19.43
CA HIS C 254 2.42 -13.72 20.03
C HIS C 254 2.37 -12.32 19.43
N VAL C 255 1.85 -12.23 18.19
CA VAL C 255 1.69 -10.97 17.46
C VAL C 255 0.39 -10.28 17.86
N SER C 256 0.45 -8.98 18.17
CA SER C 256 -0.70 -8.26 18.73
C SER C 256 -0.88 -6.87 18.13
N SER C 257 0.07 -6.45 17.29
CA SER C 257 0.12 -5.12 16.68
C SER C 257 -0.39 -5.15 15.24
N PRO C 258 -1.30 -4.21 14.86
CA PRO C 258 -1.75 -4.07 13.48
C PRO C 258 -0.59 -3.83 12.50
N GLN C 259 0.37 -2.98 12.90
CA GLN C 259 1.53 -2.66 12.06
C GLN C 259 2.38 -3.87 11.73
N ALA C 260 2.49 -4.78 12.70
CA ALA C 260 3.26 -6.00 12.58
C ALA C 260 2.49 -6.95 11.68
N ALA C 261 1.18 -7.01 11.85
CA ALA C 261 0.32 -7.82 10.99
C ALA C 261 0.36 -7.35 9.53
N GLU C 262 0.42 -6.03 9.34
CA GLU C 262 0.56 -5.43 8.01
C GLU C 262 1.85 -5.89 7.31
N VAL C 263 3.01 -5.63 7.92
CA VAL C 263 4.29 -6.06 7.32
C VAL C 263 4.41 -7.57 7.14
N ILE C 264 3.81 -8.34 8.05
CA ILE C 264 3.77 -9.80 7.95
C ILE C 264 2.97 -10.24 6.73
N LYS C 265 1.81 -9.60 6.53
CA LYS C 265 0.97 -9.86 5.35
C LYS C 265 1.67 -9.53 4.04
N GLN C 266 2.37 -8.39 4.00
CA GLN C 266 3.07 -7.97 2.78
C GLN C 266 4.08 -9.02 2.35
N ALA C 267 4.82 -9.54 3.32
CA ALA C 267 5.87 -10.54 3.06
C ALA C 267 5.28 -11.84 2.53
N GLN C 268 4.19 -12.29 3.17
CA GLN C 268 3.46 -13.48 2.75
C GLN C 268 2.91 -13.35 1.32
N THR C 269 2.35 -12.17 1.01
CA THR C 269 1.87 -11.87 -0.33
C THR C 269 3.00 -11.97 -1.36
N LYS C 270 4.21 -11.54 -0.97
CA LYS C 270 5.41 -11.67 -1.82
C LYS C 270 5.88 -13.12 -1.95
N GLY C 271 5.38 -13.99 -1.08
CA GLY C 271 5.75 -15.41 -1.10
C GLY C 271 6.91 -15.78 -0.19
N LEU C 272 7.36 -14.85 0.64
CA LEU C 272 8.43 -15.12 1.58
C LEU C 272 7.89 -16.04 2.69
N LYS C 273 8.76 -16.87 3.24
CA LYS C 273 8.34 -17.79 4.28
C LYS C 273 8.36 -17.10 5.65
N VAL C 274 7.28 -16.36 5.91
CA VAL C 274 7.06 -15.67 7.17
C VAL C 274 5.77 -16.20 7.77
N TYR C 275 5.91 -16.76 8.97
CA TYR C 275 4.79 -17.34 9.70
C TYR C 275 4.53 -16.49 10.94
N ALA C 276 3.32 -16.58 11.48
CA ALA C 276 2.95 -15.81 12.67
C ALA C 276 2.01 -16.57 13.58
N GLU C 277 2.15 -16.31 14.87
CA GLU C 277 1.34 -16.86 15.92
C GLU C 277 0.65 -15.71 16.67
N THR C 278 -0.64 -15.86 16.94
CA THR C 278 -1.31 -14.96 17.86
C THR C 278 -1.95 -15.72 19.02
N CYS C 279 -2.49 -14.97 19.98
CA CYS C 279 -3.06 -15.53 21.18
C CYS C 279 -4.47 -14.98 21.41
N PRO C 280 -5.36 -15.79 22.02
CA PRO C 280 -6.75 -15.42 22.29
C PRO C 280 -6.91 -14.08 22.99
N GLN C 281 -6.10 -13.83 24.02
CA GLN C 281 -6.14 -12.56 24.77
C GLN C 281 -5.99 -11.30 23.89
N TYR C 282 -5.32 -11.44 22.75
CA TYR C 282 -5.14 -10.31 21.83
C TYR C 282 -6.37 -10.04 20.97
N ALA C 283 -7.25 -11.04 20.90
CA ALA C 283 -8.52 -10.94 20.18
C ALA C 283 -9.68 -10.62 21.11
N LEU C 284 -9.53 -10.95 22.39
CA LEU C 284 -10.67 -10.93 23.33
C LEU C 284 -10.60 -9.83 24.39
N LEU C 285 -9.38 -9.40 24.72
CA LEU C 285 -9.18 -8.41 25.77
C LEU C 285 -8.61 -7.10 25.21
N SER C 286 -8.98 -5.99 25.87
CA SER C 286 -8.43 -4.67 25.58
C SER C 286 -7.81 -4.11 26.87
N ASP C 287 -6.92 -3.12 26.74
CA ASP C 287 -6.12 -2.60 27.86
C ASP C 287 -6.92 -1.91 28.97
N ALA C 288 -8.20 -1.66 28.73
CA ALA C 288 -9.09 -1.09 29.75
C ALA C 288 -9.20 -2.01 30.98
N ILE C 289 -9.00 -3.31 30.76
CA ILE C 289 -8.99 -4.32 31.83
C ILE C 289 -7.81 -4.16 32.80
N THR C 290 -6.81 -3.36 32.40
CA THR C 290 -5.60 -3.19 33.20
C THR C 290 -5.70 -2.05 34.21
N ARG C 291 -6.82 -1.32 34.19
CA ARG C 291 -7.11 -0.30 35.22
C ARG C 291 -8.60 0.05 35.30
N CYS C 292 -8.92 0.99 36.19
CA CYS C 292 -10.29 1.56 36.27
C CYS C 292 -10.29 2.94 36.92
N GLY C 302 -20.28 -11.86 18.27
CA GLY C 302 -19.69 -10.87 19.17
C GLY C 302 -18.17 -10.90 19.14
N VAL C 303 -17.57 -9.73 18.86
CA VAL C 303 -16.12 -9.61 18.61
C VAL C 303 -15.20 -9.80 19.83
N GLY C 304 -15.57 -9.20 20.97
CA GLY C 304 -14.78 -9.29 22.19
C GLY C 304 -15.55 -9.80 23.41
N ILE C 305 -14.82 -10.11 24.47
CA ILE C 305 -15.42 -10.40 25.77
C ILE C 305 -15.98 -9.11 26.37
N ASP C 306 -17.21 -9.17 26.85
CA ASP C 306 -17.79 -8.11 27.66
C ASP C 306 -16.95 -8.00 28.93
N LEU C 307 -16.10 -6.97 28.99
CA LEU C 307 -15.14 -6.79 30.09
C LEU C 307 -15.78 -6.67 31.49
N SER C 308 -17.00 -6.17 31.54
CA SER C 308 -17.70 -5.98 32.81
C SER C 308 -18.19 -7.31 33.40
N SER C 309 -18.15 -8.38 32.60
CA SER C 309 -18.61 -9.69 33.05
C SER C 309 -17.48 -10.51 33.70
N ILE C 310 -16.23 -10.05 33.52
CA ILE C 310 -15.07 -10.69 34.13
C ILE C 310 -15.04 -10.36 35.61
N SER C 311 -14.87 -11.36 36.45
CA SER C 311 -14.88 -11.10 37.90
C SER C 311 -13.46 -10.99 38.47
N GLU C 312 -13.35 -10.32 39.62
CA GLU C 312 -12.08 -10.06 40.30
C GLU C 312 -11.10 -9.28 39.39
N SER C 313 -11.57 -8.16 38.88
CA SER C 313 -10.77 -7.28 38.02
C SER C 313 -10.80 -5.86 38.61
N PRO C 314 -10.09 -4.90 37.96
CA PRO C 314 -10.14 -3.51 38.45
C PRO C 314 -11.54 -2.91 38.49
N PHE C 315 -12.45 -3.43 37.67
CA PHE C 315 -13.84 -2.96 37.64
C PHE C 315 -14.60 -3.40 38.89
N THR C 316 -14.43 -4.67 39.27
CA THR C 316 -15.12 -5.25 40.43
C THR C 316 -14.43 -4.88 41.73
N ASN C 317 -13.10 -4.70 41.67
CA ASN C 317 -12.28 -4.41 42.85
C ASN C 317 -11.44 -3.12 42.73
N PRO C 318 -12.11 -1.95 42.66
CA PRO C 318 -11.41 -0.68 42.39
C PRO C 318 -10.35 -0.31 43.42
N ASP C 319 -10.55 -0.75 44.66
CA ASP C 319 -9.62 -0.44 45.77
C ASP C 319 -8.27 -1.14 45.64
N ASP C 320 -8.25 -2.31 45.00
CA ASP C 320 -7.02 -3.08 44.81
C ASP C 320 -6.27 -2.53 43.60
N ARG C 321 -5.26 -1.69 43.87
CA ARG C 321 -4.54 -0.97 42.83
C ARG C 321 -3.62 -1.85 41.99
N PHE C 322 -3.28 -3.03 42.53
CA PHE C 322 -2.31 -3.91 41.89
C PHE C 322 -2.97 -5.05 41.11
N ILE C 323 -4.30 -5.10 41.10
CA ILE C 323 -5.05 -6.18 40.43
C ILE C 323 -4.94 -6.20 38.89
N GLY C 324 -4.49 -5.07 38.32
CA GLY C 324 -4.20 -4.98 36.89
C GLY C 324 -3.07 -5.91 36.45
N SER C 325 -2.21 -6.28 37.40
CA SER C 325 -1.08 -7.17 37.17
C SER C 325 -1.52 -8.55 36.66
N LYS C 326 -2.74 -8.94 37.00
CA LYS C 326 -3.36 -10.16 36.44
C LYS C 326 -3.37 -10.21 34.93
N TYR C 327 -3.39 -9.04 34.28
CA TYR C 327 -3.49 -8.98 32.82
C TYR C 327 -2.23 -8.40 32.14
N ILE C 328 -1.15 -8.32 32.89
CA ILE C 328 0.14 -7.85 32.37
C ILE C 328 0.86 -8.98 31.64
N CYS C 329 1.10 -8.79 30.34
CA CYS C 329 1.88 -9.73 29.55
C CYS C 329 2.68 -8.99 28.50
N SER C 330 3.46 -9.74 27.72
CA SER C 330 4.31 -9.18 26.67
C SER C 330 4.21 -9.98 25.36
N PRO C 331 3.83 -9.30 24.27
CA PRO C 331 3.52 -7.86 24.22
C PRO C 331 2.23 -7.57 24.99
N PRO C 332 1.98 -6.29 25.32
CA PRO C 332 0.80 -5.98 26.15
C PRO C 332 -0.52 -6.19 25.42
N ILE C 333 -1.58 -6.38 26.21
CA ILE C 333 -2.94 -6.32 25.72
C ILE C 333 -3.17 -4.90 25.22
N ARG C 334 -3.72 -4.78 24.01
CA ARG C 334 -3.73 -3.50 23.29
C ARG C 334 -5.00 -2.68 23.57
N PRO C 335 -4.97 -1.38 23.24
CA PRO C 335 -6.15 -0.55 23.45
C PRO C 335 -7.35 -1.00 22.61
N GLU C 336 -8.53 -0.46 22.93
CA GLU C 336 -9.76 -0.77 22.22
C GLU C 336 -9.66 -0.42 20.73
N GLY C 337 -10.20 -1.30 19.89
CA GLY C 337 -10.20 -1.07 18.44
C GLY C 337 -9.18 -1.88 17.68
N THR C 338 -8.24 -2.50 18.40
CA THR C 338 -7.19 -3.33 17.81
C THR C 338 -7.63 -4.78 17.57
N GLN C 339 -8.54 -5.25 18.43
CA GLN C 339 -8.87 -6.68 18.51
C GLN C 339 -9.53 -7.27 17.27
N LYS C 340 -10.21 -6.43 16.49
CA LYS C 340 -10.85 -6.88 15.24
C LYS C 340 -9.81 -7.26 14.20
N SER C 341 -8.69 -6.54 14.16
CA SER C 341 -7.59 -6.87 13.24
C SER C 341 -6.93 -8.22 13.54
N ILE C 342 -7.07 -8.70 14.77
CA ILE C 342 -6.55 -10.01 15.12
C ILE C 342 -7.41 -11.13 14.52
N TRP C 343 -8.73 -11.07 14.69
CA TRP C 343 -9.65 -12.02 14.06
C TRP C 343 -9.50 -12.01 12.53
N LYS C 344 -9.41 -10.83 11.94
CA LYS C 344 -9.24 -10.69 10.50
C LYS C 344 -7.99 -11.43 10.04
N GLY C 345 -6.89 -11.23 10.76
CA GLY C 345 -5.62 -11.93 10.49
C GLY C 345 -5.72 -13.44 10.65
N MET C 346 -6.50 -13.89 11.62
CA MET C 346 -6.76 -15.32 11.82
C MET C 346 -7.53 -15.93 10.64
N ASN C 347 -8.45 -15.14 10.07
CA ASN C 347 -9.24 -15.58 8.93
C ASN C 347 -8.55 -15.46 7.57
N ASN C 348 -7.77 -14.38 7.38
CA ASN C 348 -7.18 -14.07 6.08
C ASN C 348 -5.83 -14.74 5.80
N GLY C 349 -5.35 -15.57 6.72
CA GLY C 349 -4.07 -16.29 6.53
C GLY C 349 -2.79 -15.68 7.12
N THR C 350 -2.90 -14.53 7.79
CA THR C 350 -1.76 -13.88 8.45
C THR C 350 -1.23 -14.68 9.64
N PHE C 351 -2.15 -15.16 10.47
CA PHE C 351 -1.78 -16.03 11.57
C PHE C 351 -1.94 -17.50 11.20
N THR C 352 -0.79 -18.14 11.07
CA THR C 352 -0.64 -19.52 10.73
C THR C 352 -1.14 -20.39 11.89
N ILE C 353 -0.81 -19.98 13.13
CA ILE C 353 -1.17 -20.73 14.34
C ILE C 353 -1.65 -19.81 15.47
N VAL C 354 -2.30 -20.41 16.47
CA VAL C 354 -2.72 -19.72 17.70
C VAL C 354 -2.18 -20.48 18.92
N GLY C 355 -1.42 -19.77 19.75
CA GLY C 355 -0.87 -20.31 21.00
C GLY C 355 -1.39 -19.52 22.19
N SER C 356 -1.10 -19.96 23.41
CA SER C 356 -1.62 -19.27 24.58
C SER C 356 -0.62 -18.30 25.23
N ASP C 357 0.67 -18.54 25.05
CA ASP C 357 1.70 -17.79 25.79
C ASP C 357 1.43 -17.99 27.28
N HIS C 358 1.16 -19.24 27.65
CA HIS C 358 0.78 -19.63 29.00
C HIS C 358 1.94 -19.41 29.98
N CYS C 359 1.72 -18.53 30.95
CA CYS C 359 2.76 -18.21 31.93
C CYS C 359 2.14 -17.75 33.25
N SER C 360 2.24 -18.62 34.26
CA SER C 360 1.41 -18.50 35.45
C SER C 360 2.13 -18.02 36.71
N TYR C 361 1.56 -17.00 37.32
CA TYR C 361 2.02 -16.47 38.60
C TYR C 361 0.81 -16.20 39.45
N ASN C 362 0.89 -16.55 40.73
CA ASN C 362 -0.24 -16.34 41.64
C ASN C 362 -0.54 -14.87 41.92
N TYR C 363 -1.81 -14.59 42.20
CA TYR C 363 -2.21 -13.28 42.65
C TYR C 363 -2.69 -13.26 44.11
N TYR C 364 -3.27 -14.38 44.57
CA TYR C 364 -3.90 -14.42 45.89
C TYR C 364 -3.01 -14.95 47.02
N GLU C 365 -1.77 -15.30 46.67
CA GLU C 365 -0.71 -15.42 47.67
C GLU C 365 0.42 -14.48 47.27
N LYS C 366 0.94 -13.75 48.25
CA LYS C 366 1.85 -12.62 48.00
C LYS C 366 3.30 -12.91 48.38
N THR C 367 3.54 -14.06 49.02
CA THR C 367 4.84 -14.29 49.66
C THR C 367 5.84 -15.12 48.83
N SER C 368 5.33 -15.99 47.95
CA SER C 368 6.21 -16.92 47.24
C SER C 368 6.95 -16.29 46.06
N THR C 369 8.05 -16.93 45.66
CA THR C 369 8.88 -16.49 44.54
C THR C 369 8.13 -16.55 43.21
N ALA C 370 6.97 -17.21 43.23
CA ALA C 370 6.14 -17.36 42.02
C ALA C 370 4.86 -16.48 42.05
N SER C 371 4.88 -15.44 42.88
CA SER C 371 3.76 -14.49 42.95
C SER C 371 3.94 -13.32 41.99
N LYS C 372 2.82 -12.67 41.64
CA LYS C 372 2.84 -11.37 40.96
C LYS C 372 3.42 -10.31 41.90
N HIS C 373 3.13 -10.45 43.19
CA HIS C 373 3.54 -9.51 44.24
C HIS C 373 5.05 -9.55 44.53
N ARG C 374 5.75 -10.42 43.79
CA ARG C 374 7.21 -10.42 43.64
C ARG C 374 7.71 -9.03 43.20
N ALA C 375 6.82 -8.24 42.60
CA ALA C 375 7.07 -6.84 42.25
C ALA C 375 7.29 -5.94 43.46
N PHE C 376 6.78 -6.36 44.62
CA PHE C 376 7.01 -5.68 45.90
C PHE C 376 8.13 -6.38 46.68
N ASP C 377 9.31 -5.76 46.68
CA ASP C 377 10.50 -6.30 47.31
C ASP C 377 11.35 -5.11 47.79
N PRO C 378 10.95 -4.46 48.91
CA PRO C 378 11.54 -3.19 49.33
C PRO C 378 13.06 -3.29 49.52
N GLU C 379 13.50 -4.42 50.10
CA GLU C 379 14.91 -4.70 50.38
C GLU C 379 15.73 -4.93 49.11
N ASN C 380 15.03 -5.17 48.00
CA ASN C 380 15.67 -5.37 46.72
C ASN C 380 15.36 -4.20 45.77
N ASN C 381 15.03 -3.03 46.34
CA ASN C 381 14.69 -1.83 45.58
C ASN C 381 13.59 -2.04 44.52
N LYS C 382 12.52 -2.73 44.93
CA LYS C 382 11.34 -2.97 44.10
C LYS C 382 10.11 -2.56 44.90
N ASN C 383 9.30 -1.67 44.33
CA ASN C 383 8.13 -1.17 45.06
C ASN C 383 6.81 -1.26 44.29
N GLY C 384 6.70 -2.30 43.45
CA GLY C 384 5.44 -2.58 42.75
C GLY C 384 5.31 -2.02 41.35
N GLU C 385 6.37 -1.35 40.88
CA GLU C 385 6.43 -0.75 39.54
C GLU C 385 6.17 -1.80 38.47
N PHE C 386 5.49 -1.41 37.39
CA PHE C 386 5.12 -2.35 36.34
C PHE C 386 6.32 -3.15 35.83
N ARG C 387 7.46 -2.47 35.74
CA ARG C 387 8.76 -3.05 35.37
C ARG C 387 9.02 -4.38 36.08
N TYR C 388 8.73 -4.40 37.38
CA TYR C 388 9.00 -5.53 38.24
C TYR C 388 7.89 -6.60 38.29
N ILE C 389 6.75 -6.34 37.63
CA ILE C 389 5.66 -7.32 37.58
C ILE C 389 6.00 -8.45 36.62
N PRO C 390 6.03 -9.70 37.13
CA PRO C 390 6.22 -10.86 36.25
C PRO C 390 5.16 -10.89 35.16
N ASN C 391 5.62 -11.01 33.91
CA ASN C 391 4.74 -10.98 32.75
C ASN C 391 4.16 -12.34 32.42
N GLY C 392 2.85 -12.39 32.23
CA GLY C 392 2.20 -13.61 31.78
C GLY C 392 0.79 -13.81 32.28
N LEU C 393 0.03 -14.60 31.54
CA LEU C 393 -1.30 -15.04 31.93
C LEU C 393 -1.41 -16.54 31.75
N PRO C 394 -2.21 -17.21 32.60
CA PRO C 394 -2.56 -18.60 32.34
C PRO C 394 -3.53 -18.64 31.17
N GLY C 395 -3.29 -19.53 30.21
CA GLY C 395 -4.15 -19.63 29.05
C GLY C 395 -4.24 -20.97 28.35
N VAL C 396 -3.47 -21.95 28.81
CA VAL C 396 -3.39 -23.27 28.15
C VAL C 396 -4.73 -24.03 28.13
N CYS C 397 -5.52 -23.84 29.18
CA CYS C 397 -6.81 -24.52 29.28
C CYS C 397 -7.87 -23.86 28.40
N THR C 398 -7.96 -22.54 28.45
CA THR C 398 -9.07 -21.79 27.84
C THR C 398 -8.91 -21.56 26.33
N ARG C 399 -7.71 -21.81 25.81
CA ARG C 399 -7.39 -21.49 24.42
C ARG C 399 -8.39 -22.07 23.40
N MET C 400 -8.64 -23.37 23.47
CA MET C 400 -9.56 -24.05 22.55
C MET C 400 -11.03 -23.65 22.73
N PRO C 401 -11.56 -23.72 23.97
CA PRO C 401 -12.95 -23.29 24.17
C PRO C 401 -13.22 -21.84 23.75
N LEU C 402 -12.30 -20.92 24.06
CA LEU C 402 -12.48 -19.52 23.69
C LEU C 402 -12.59 -19.32 22.18
N LEU C 403 -11.80 -20.10 21.43
CA LEU C 403 -11.87 -20.03 19.97
C LEU C 403 -13.15 -20.66 19.43
N TYR C 404 -13.55 -21.78 20.02
CA TYR C 404 -14.79 -22.46 19.67
C TYR C 404 -15.95 -21.49 19.81
N ASP C 405 -16.06 -20.88 20.98
CA ASP C 405 -17.18 -19.98 21.31
C ASP C 405 -17.09 -18.66 20.56
N TYR C 406 -16.10 -17.83 20.94
CA TYR C 406 -15.98 -16.48 20.42
C TYR C 406 -15.57 -16.45 18.95
N GLY C 407 -14.82 -17.47 18.54
CA GLY C 407 -14.41 -17.62 17.14
C GLY C 407 -15.49 -18.23 16.27
N TYR C 408 -15.76 -19.52 16.44
CA TYR C 408 -16.69 -20.22 15.57
C TYR C 408 -18.16 -19.88 15.80
N LEU C 409 -18.66 -20.04 17.02
CA LEU C 409 -20.08 -19.83 17.32
C LEU C 409 -20.55 -18.38 17.19
N ARG C 410 -19.69 -17.45 17.57
CA ARG C 410 -20.08 -16.03 17.51
C ARG C 410 -19.73 -15.37 16.18
N GLY C 411 -19.13 -16.14 15.27
CA GLY C 411 -18.94 -15.73 13.88
C GLY C 411 -17.65 -15.01 13.53
N ASN C 412 -16.73 -14.89 14.47
CA ASN C 412 -15.49 -14.14 14.26
C ASN C 412 -14.46 -14.90 13.43
N LEU C 413 -14.58 -16.23 13.43
CA LEU C 413 -13.87 -17.11 12.50
C LEU C 413 -14.86 -17.67 11.50
N THR C 414 -14.40 -17.87 10.26
CA THR C 414 -15.26 -18.30 9.15
C THR C 414 -15.88 -19.69 9.31
N SER C 415 -15.13 -20.63 9.90
CA SER C 415 -15.59 -22.00 10.06
C SER C 415 -14.81 -22.78 11.11
N MET C 416 -15.30 -23.99 11.43
CA MET C 416 -14.59 -24.97 12.27
C MET C 416 -13.31 -25.46 11.63
N MET C 417 -13.27 -25.46 10.30
CA MET C 417 -12.10 -25.88 9.55
C MET C 417 -10.92 -24.95 9.77
N LYS C 418 -11.20 -23.66 9.87
CA LYS C 418 -10.19 -22.64 10.16
C LYS C 418 -9.70 -22.79 11.59
N LEU C 419 -10.63 -23.10 12.50
CA LEU C 419 -10.30 -23.33 13.91
C LEU C 419 -9.30 -24.46 14.04
N VAL C 420 -9.64 -25.61 13.48
CA VAL C 420 -8.76 -26.79 13.45
C VAL C 420 -7.40 -26.47 12.82
N GLU C 421 -7.42 -25.83 11.65
CA GLU C 421 -6.20 -25.43 10.95
C GLU C 421 -5.20 -24.73 11.86
N ILE C 422 -5.66 -23.70 12.59
CA ILE C 422 -4.76 -22.83 13.36
C ILE C 422 -4.44 -23.32 14.76
N GLN C 423 -5.36 -24.12 15.33
CA GLN C 423 -5.25 -24.60 16.69
C GLN C 423 -4.59 -25.97 16.78
N CYS C 424 -4.69 -26.75 15.71
CA CYS C 424 -4.25 -28.16 15.74
C CYS C 424 -3.26 -28.51 14.62
N THR C 425 -3.69 -28.37 13.37
CA THR C 425 -2.96 -28.91 12.23
C THR C 425 -1.71 -28.11 11.83
N ASN C 426 -1.82 -26.78 11.73
CA ASN C 426 -0.64 -25.95 11.41
C ASN C 426 0.46 -25.97 12.48
N PRO C 427 0.10 -25.91 13.79
CA PRO C 427 1.13 -26.08 14.85
C PRO C 427 1.96 -27.37 14.69
N ALA C 428 1.28 -28.47 14.36
CA ALA C 428 1.95 -29.75 14.09
C ALA C 428 2.93 -29.63 12.92
N LYS C 429 2.46 -29.03 11.83
CA LYS C 429 3.22 -28.92 10.59
C LYS C 429 4.43 -28.02 10.72
N VAL C 430 4.23 -26.92 11.45
CA VAL C 430 5.28 -25.91 11.57
C VAL C 430 6.37 -26.33 12.58
N TYR C 431 6.00 -27.16 13.54
CA TYR C 431 6.96 -27.61 14.54
C TYR C 431 7.39 -29.08 14.44
N GLY C 432 7.23 -29.66 13.26
CA GLY C 432 7.74 -30.99 12.97
C GLY C 432 7.10 -32.16 13.69
N MET C 433 5.83 -32.03 14.08
CA MET C 433 5.09 -33.11 14.74
C MET C 433 4.06 -33.74 13.79
N TYR C 434 4.11 -33.34 12.53
CA TYR C 434 3.19 -33.83 11.52
C TYR C 434 3.82 -34.98 10.72
N PRO C 435 3.04 -36.04 10.42
CA PRO C 435 1.62 -36.28 10.70
C PRO C 435 1.24 -37.01 12.00
N GLN C 436 2.21 -37.33 12.86
CA GLN C 436 1.92 -38.02 14.13
C GLN C 436 0.86 -37.26 14.91
N LYS C 437 0.93 -35.94 14.86
CA LYS C 437 0.02 -35.07 15.61
C LYS C 437 -0.70 -34.10 14.67
N GLY C 438 -1.85 -33.60 15.12
CA GLY C 438 -2.55 -32.52 14.43
C GLY C 438 -3.76 -32.84 13.55
N SER C 439 -3.91 -34.11 13.16
CA SER C 439 -5.06 -34.52 12.36
C SER C 439 -5.69 -35.83 12.81
N ILE C 440 -6.56 -36.36 11.94
CA ILE C 440 -7.26 -37.62 12.15
C ILE C 440 -7.01 -38.52 10.93
N LEU C 441 -5.84 -39.17 10.93
CA LEU C 441 -5.39 -39.96 9.79
C LEU C 441 -5.21 -41.43 10.20
N PRO C 442 -6.02 -42.33 9.64
CA PRO C 442 -6.00 -43.74 10.05
C PRO C 442 -4.64 -44.40 9.83
N GLY C 443 -4.16 -45.10 10.85
CA GLY C 443 -2.86 -45.78 10.82
C GLY C 443 -1.67 -44.84 10.93
N VAL C 444 -1.91 -43.55 11.06
CA VAL C 444 -0.82 -42.58 11.15
C VAL C 444 -0.94 -41.67 12.40
N SER C 445 -2.12 -41.14 12.65
CA SER C 445 -2.33 -40.21 13.76
C SER C 445 -2.36 -40.88 15.14
N ASP C 446 -1.57 -40.34 16.07
CA ASP C 446 -1.81 -40.56 17.48
C ASP C 446 -3.28 -40.21 17.69
N ALA C 447 -3.99 -41.08 18.40
CA ALA C 447 -5.41 -40.85 18.66
C ALA C 447 -5.60 -39.75 19.72
N ASP C 448 -5.27 -38.52 19.33
CA ASP C 448 -5.47 -37.35 20.17
C ASP C 448 -6.69 -36.58 19.66
N LEU C 449 -7.80 -36.67 20.39
CA LEU C 449 -9.10 -36.22 19.89
C LEU C 449 -9.91 -35.51 20.97
N VAL C 450 -10.75 -34.57 20.54
CA VAL C 450 -11.65 -33.90 21.46
C VAL C 450 -13.08 -34.08 20.96
N ILE C 451 -13.97 -34.49 21.86
CA ILE C 451 -15.40 -34.53 21.56
C ILE C 451 -16.06 -33.43 22.37
N TRP C 452 -16.71 -32.51 21.66
CA TRP C 452 -17.41 -31.37 22.26
C TRP C 452 -18.84 -31.77 22.63
N TYR C 453 -19.57 -30.84 23.21
CA TYR C 453 -20.99 -30.98 23.45
C TYR C 453 -21.79 -30.57 22.19
N PRO C 454 -23.01 -31.13 22.01
CA PRO C 454 -23.85 -30.68 20.90
C PRO C 454 -24.28 -29.20 21.05
N ASP C 455 -24.32 -28.48 19.92
CA ASP C 455 -24.62 -27.05 19.90
C ASP C 455 -26.13 -26.72 19.85
N ASP C 456 -26.90 -27.50 19.08
CA ASP C 456 -28.31 -27.15 18.87
C ASP C 456 -29.28 -27.96 19.71
N SER C 457 -28.75 -28.66 20.72
CA SER C 457 -29.54 -29.55 21.56
C SER C 457 -30.33 -28.82 22.65
N LYS C 458 -31.51 -29.33 22.95
CA LYS C 458 -32.30 -28.88 24.10
C LYS C 458 -32.03 -29.74 25.35
N LYS C 459 -31.24 -30.80 25.17
CA LYS C 459 -30.86 -31.72 26.26
C LYS C 459 -29.95 -31.00 27.25
N GLU C 460 -30.06 -31.41 28.52
CA GLU C 460 -29.31 -30.80 29.61
C GLU C 460 -28.06 -31.61 29.95
N TYR C 461 -26.94 -30.92 30.11
CA TYR C 461 -25.69 -31.55 30.51
C TYR C 461 -25.17 -30.87 31.77
N ASN C 462 -25.46 -31.48 32.92
CA ASN C 462 -25.04 -30.95 34.23
C ASN C 462 -23.54 -30.74 34.36
N SER C 463 -22.77 -31.43 33.52
CA SER C 463 -21.31 -31.39 33.58
C SER C 463 -20.74 -30.32 32.67
N LYS C 464 -21.59 -29.83 31.76
CA LYS C 464 -21.18 -28.79 30.82
C LYS C 464 -21.18 -27.44 31.54
N PRO C 465 -20.01 -26.80 31.65
CA PRO C 465 -19.90 -25.55 32.42
C PRO C 465 -20.53 -24.38 31.66
N LYS C 466 -21.17 -23.48 32.41
CA LYS C 466 -21.73 -22.25 31.83
C LYS C 466 -20.72 -21.10 31.85
N LEU C 467 -19.84 -21.11 32.86
CA LEU C 467 -18.89 -20.04 33.08
C LEU C 467 -17.49 -20.58 33.27
N ILE C 468 -16.48 -19.75 32.97
CA ILE C 468 -15.09 -20.06 33.28
C ILE C 468 -14.81 -19.72 34.73
N THR C 469 -14.27 -20.71 35.45
CA THR C 469 -13.83 -20.53 36.83
C THR C 469 -12.41 -21.08 36.97
N ASN C 470 -11.75 -20.72 38.06
CA ASN C 470 -10.40 -21.20 38.33
C ASN C 470 -10.31 -22.70 38.53
N LYS C 471 -11.30 -23.25 39.24
CA LYS C 471 -11.41 -24.68 39.48
C LYS C 471 -11.49 -25.51 38.17
N LEU C 472 -12.23 -25.00 37.19
CA LEU C 472 -12.33 -25.61 35.86
C LEU C 472 -10.99 -25.74 35.13
N MET C 473 -10.04 -24.88 35.49
CA MET C 473 -8.74 -24.81 34.82
C MET C 473 -7.83 -26.00 35.12
N GLU C 474 -8.04 -26.63 36.28
CA GLU C 474 -7.29 -27.82 36.72
C GLU C 474 -5.76 -27.55 36.74
N HIS C 475 -5.40 -26.31 37.04
CA HIS C 475 -4.00 -25.90 37.02
C HIS C 475 -3.49 -25.58 38.44
N ASN C 476 -2.23 -25.15 38.54
CA ASN C 476 -1.69 -24.79 39.87
C ASN C 476 -1.80 -23.30 40.21
N CYS C 477 -2.26 -22.49 39.26
CA CYS C 477 -2.45 -21.05 39.52
C CYS C 477 -3.70 -20.78 40.37
N ASP C 478 -3.72 -19.64 41.06
CA ASP C 478 -4.86 -19.28 41.90
C ASP C 478 -5.87 -18.35 41.22
N TYR C 479 -5.66 -18.07 39.93
CA TYR C 479 -6.57 -17.23 39.14
C TYR C 479 -6.49 -17.55 37.65
N THR C 480 -7.58 -17.23 36.95
CA THR C 480 -7.62 -17.16 35.47
C THR C 480 -8.17 -15.79 35.06
N PRO C 481 -7.54 -15.15 34.04
CA PRO C 481 -8.02 -13.83 33.58
C PRO C 481 -9.46 -13.82 33.06
N PHE C 482 -9.96 -14.97 32.60
CA PHE C 482 -11.32 -15.04 32.04
C PHE C 482 -12.38 -15.47 33.07
N GLU C 483 -12.04 -15.38 34.36
CA GLU C 483 -12.93 -15.75 35.47
C GLU C 483 -14.29 -15.05 35.35
N GLY C 484 -15.36 -15.83 35.43
CA GLY C 484 -16.72 -15.30 35.46
C GLY C 484 -17.43 -15.15 34.12
N ILE C 485 -16.71 -15.31 33.01
CA ILE C 485 -17.33 -15.10 31.69
C ILE C 485 -18.10 -16.34 31.22
N GLU C 486 -19.16 -16.11 30.44
CA GLU C 486 -19.94 -17.19 29.83
C GLU C 486 -19.11 -17.92 28.77
N ILE C 487 -19.16 -19.25 28.80
CA ILE C 487 -18.51 -20.09 27.77
C ILE C 487 -19.55 -21.06 27.22
N LYS C 488 -19.66 -21.12 25.90
CA LYS C 488 -20.80 -21.78 25.24
C LYS C 488 -20.57 -23.23 24.85
N ASN C 489 -19.31 -23.69 24.93
CA ASN C 489 -18.98 -25.11 24.79
C ASN C 489 -17.67 -25.43 25.51
N TRP C 490 -17.53 -26.70 25.87
CA TRP C 490 -16.33 -27.18 26.55
C TRP C 490 -16.07 -28.61 26.07
N PRO C 491 -14.79 -29.04 26.07
CA PRO C 491 -14.56 -30.46 25.80
C PRO C 491 -15.38 -31.36 26.71
N ARG C 492 -16.05 -32.33 26.12
CA ARG C 492 -16.84 -33.32 26.84
C ARG C 492 -15.97 -34.55 27.09
N TYR C 493 -15.17 -34.91 26.08
CA TYR C 493 -14.13 -35.92 26.23
C TYR C 493 -12.84 -35.38 25.61
N THR C 494 -11.73 -35.57 26.32
CA THR C 494 -10.40 -35.35 25.75
C THR C 494 -9.70 -36.73 25.74
N ILE C 495 -9.35 -37.18 24.53
CA ILE C 495 -8.71 -38.47 24.32
C ILE C 495 -7.24 -38.24 23.95
N VAL C 496 -6.33 -38.82 24.73
CA VAL C 496 -4.90 -38.68 24.47
C VAL C 496 -4.31 -40.06 24.25
N LYS C 497 -3.73 -40.24 23.07
CA LYS C 497 -3.15 -41.53 22.64
C LYS C 497 -4.10 -42.72 22.88
N GLY C 498 -5.35 -42.55 22.46
CA GLY C 498 -6.36 -43.59 22.54
C GLY C 498 -7.10 -43.72 23.86
N LYS C 499 -6.70 -42.95 24.86
CA LYS C 499 -7.24 -43.09 26.22
C LYS C 499 -7.97 -41.83 26.66
N ILE C 500 -9.12 -42.01 27.31
CA ILE C 500 -9.88 -40.90 27.89
C ILE C 500 -9.16 -40.37 29.13
N VAL C 501 -8.60 -39.16 29.02
CA VAL C 501 -7.89 -38.55 30.14
C VAL C 501 -8.76 -37.48 30.79
N TYR C 502 -9.80 -37.04 30.08
CA TYR C 502 -10.78 -36.07 30.58
C TYR C 502 -12.18 -36.42 30.12
N LYS C 503 -13.09 -36.58 31.08
CA LYS C 503 -14.48 -36.89 30.80
C LYS C 503 -15.45 -36.09 31.68
N GLU C 504 -16.21 -35.20 31.03
CA GLU C 504 -17.32 -34.48 31.66
C GLU C 504 -16.96 -33.83 32.98
N GLY C 505 -15.84 -33.09 32.98
CA GLY C 505 -15.39 -32.32 34.12
C GLY C 505 -14.32 -32.99 34.96
N GLU C 506 -14.12 -34.29 34.71
CA GLU C 506 -13.17 -35.08 35.49
C GLU C 506 -11.90 -35.45 34.71
N ILE C 507 -10.75 -35.26 35.36
CA ILE C 507 -9.48 -35.75 34.90
C ILE C 507 -9.30 -37.21 35.37
N LEU C 508 -8.95 -38.11 34.46
CA LEU C 508 -8.69 -39.50 34.83
C LEU C 508 -7.18 -39.78 34.86
N LYS C 509 -6.58 -39.50 36.01
CA LYS C 509 -5.13 -39.60 36.24
C LYS C 509 -4.50 -40.96 35.88
N GLU C 510 -5.24 -42.05 36.11
CA GLU C 510 -4.77 -43.39 35.76
C GLU C 510 -4.44 -43.55 34.27
N ASN C 511 -5.05 -42.71 33.45
CA ASN C 511 -4.86 -42.74 32.00
C ASN C 511 -3.80 -41.75 31.52
N ALA C 512 -3.16 -41.05 32.45
CA ALA C 512 -2.05 -40.13 32.13
C ALA C 512 -0.80 -40.90 31.74
N ASP C 513 -0.37 -40.74 30.49
CA ASP C 513 0.80 -41.45 30.00
C ASP C 513 1.65 -40.61 29.02
N GLY C 514 1.66 -39.30 29.23
CA GLY C 514 2.40 -38.37 28.39
C GLY C 514 3.91 -38.58 28.42
N LYS C 515 4.56 -38.31 27.28
CA LYS C 515 6.00 -38.50 27.16
C LYS C 515 6.64 -37.31 26.47
N TYR C 516 7.95 -37.16 26.65
CA TYR C 516 8.68 -36.19 25.85
C TYR C 516 8.61 -36.58 24.38
N LEU C 517 8.44 -35.57 23.53
CA LEU C 517 8.30 -35.78 22.11
C LEU C 517 9.52 -35.29 21.32
N LYS C 518 10.22 -36.22 20.70
CA LYS C 518 11.24 -35.87 19.71
C LYS C 518 10.53 -35.46 18.41
N ARG C 519 10.92 -34.31 17.88
CA ARG C 519 10.27 -33.72 16.69
C ARG C 519 11.20 -33.78 15.46
N GLY C 520 10.59 -33.75 14.27
CA GLY C 520 11.34 -33.73 13.02
C GLY C 520 11.56 -32.31 12.52
N LYS C 521 12.16 -32.21 11.34
CA LYS C 521 12.31 -30.94 10.67
C LYS C 521 10.98 -30.62 9.99
N SER C 522 10.56 -29.36 10.05
CA SER C 522 9.34 -28.94 9.39
C SER C 522 9.52 -28.85 7.88
N PHE C 523 8.52 -29.33 7.13
CA PHE C 523 8.52 -29.17 5.67
C PHE C 523 8.17 -27.73 5.26
N MET C 524 7.56 -26.98 6.17
CA MET C 524 7.25 -25.58 5.93
C MET C 524 8.49 -24.67 6.08
N CYS C 525 9.55 -25.19 6.70
CA CYS C 525 10.70 -24.35 7.01
C CYS C 525 11.95 -24.66 6.18
N THR C 526 11.76 -25.31 5.04
CA THR C 526 12.80 -25.42 4.02
C THR C 526 12.89 -24.05 3.34
N PRO C 527 14.08 -23.66 2.85
CA PRO C 527 14.24 -22.30 2.34
C PRO C 527 13.61 -22.09 0.97
N LYS C 528 13.22 -20.84 0.70
CA LYS C 528 12.71 -20.44 -0.61
C LYS C 528 13.79 -20.48 -1.70
N ASN C 529 15.06 -20.41 -1.30
CA ASN C 529 16.20 -20.28 -2.22
C ASN C 529 16.16 -18.97 -3.01
N GLU C 530 15.79 -17.89 -2.33
CA GLU C 530 15.62 -16.59 -2.95
C GLU C 530 16.55 -15.62 -2.25
N TRP C 531 17.30 -14.85 -3.02
CA TRP C 531 18.28 -13.95 -2.43
C TRP C 531 18.16 -12.53 -2.95
N VAL C 532 18.62 -11.59 -2.13
CA VAL C 532 18.64 -10.16 -2.41
C VAL C 532 19.84 -9.81 -3.28
N THR C 533 20.97 -10.46 -3.02
CA THR C 533 22.19 -10.23 -3.79
C THR C 533 22.73 -11.55 -4.37
N GLU C 534 23.88 -11.47 -5.03
CA GLU C 534 24.58 -12.65 -5.52
C GLU C 534 25.27 -13.48 -4.44
N TRP C 535 25.42 -12.93 -3.23
CA TRP C 535 26.02 -13.67 -2.12
C TRP C 535 25.22 -14.92 -1.76
N ARG C 536 25.95 -16.00 -1.52
CA ARG C 536 25.38 -17.27 -1.06
C ARG C 536 26.23 -17.77 0.11
N PRO C 537 25.61 -18.47 1.08
CA PRO C 537 26.35 -19.13 2.16
C PRO C 537 27.31 -20.17 1.60
N LYS C 538 28.51 -20.26 2.20
CA LYS C 538 29.54 -21.18 1.74
C LYS C 538 29.08 -22.62 1.44
N TYR C 539 28.11 -23.12 2.21
CA TYR C 539 27.65 -24.52 2.08
C TYR C 539 26.71 -24.77 0.91
N GLU C 540 26.34 -23.70 0.19
CA GLU C 540 25.38 -23.79 -0.90
C GLU C 540 26.10 -24.12 -2.20
N PRO D 1 27.43 55.57 -8.77
CA PRO D 1 26.01 55.25 -8.99
C PRO D 1 25.42 54.46 -7.83
N ILE D 2 24.11 54.39 -7.79
CA ILE D 2 23.41 53.97 -6.57
C ILE D 2 23.45 52.47 -6.30
N TYR D 3 23.67 51.68 -7.35
CA TYR D 3 23.81 50.24 -7.22
C TYR D 3 25.18 49.78 -7.67
N ASP D 4 25.72 48.79 -6.96
CA ASP D 4 26.97 48.14 -7.32
C ASP D 4 26.84 47.34 -8.61
N LEU D 5 25.69 46.69 -8.79
CA LEU D 5 25.49 45.73 -9.86
C LEU D 5 24.05 45.70 -10.38
N ILE D 6 23.91 45.70 -11.70
CA ILE D 6 22.62 45.55 -12.37
C ILE D 6 22.68 44.38 -13.35
N ILE D 7 21.73 43.46 -13.22
CA ILE D 7 21.63 42.32 -14.12
C ILE D 7 20.43 42.49 -15.04
N LYS D 8 20.71 42.67 -16.33
CA LYS D 8 19.71 43.00 -17.35
C LYS D 8 19.40 41.82 -18.25
N ASN D 9 18.23 41.86 -18.88
CA ASN D 9 17.85 40.94 -19.97
C ASN D 9 17.86 39.44 -19.62
N GLY D 10 17.71 39.14 -18.34
CA GLY D 10 17.68 37.75 -17.88
C GLY D 10 16.33 37.27 -17.38
N ILE D 11 16.23 35.97 -17.15
CA ILE D 11 14.99 35.33 -16.71
C ILE D 11 15.17 34.84 -15.26
N ILE D 12 14.45 35.46 -14.34
CA ILE D 12 14.55 35.09 -12.94
C ILE D 12 13.75 33.82 -12.69
N CYS D 13 14.41 32.84 -12.06
CA CYS D 13 13.76 31.59 -11.64
CA CYS D 13 13.72 31.63 -11.63
C CYS D 13 13.84 31.48 -10.13
N THR D 14 12.68 31.28 -9.51
CA THR D 14 12.61 31.00 -8.07
C THR D 14 11.98 29.62 -7.90
N ALA D 15 11.70 29.26 -6.65
CA ALA D 15 11.09 27.99 -6.32
C ALA D 15 9.63 27.93 -6.78
N SER D 16 9.05 29.08 -7.13
CA SER D 16 7.63 29.17 -7.48
C SER D 16 7.32 29.98 -8.74
N ASP D 17 8.29 30.70 -9.26
CA ASP D 17 8.08 31.63 -10.36
C ASP D 17 9.20 31.61 -11.40
N ILE D 18 8.83 31.80 -12.66
CA ILE D 18 9.77 32.00 -13.77
C ILE D 18 9.27 33.23 -14.52
N TYR D 19 10.12 34.25 -14.66
CA TYR D 19 9.74 35.48 -15.36
C TYR D 19 10.93 36.36 -15.73
N ALA D 20 10.75 37.12 -16.81
CA ALA D 20 11.73 38.09 -17.28
C ALA D 20 11.62 39.37 -16.47
N ALA D 21 12.71 39.71 -15.78
CA ALA D 21 12.81 40.94 -15.00
C ALA D 21 14.27 41.22 -14.71
N GLU D 22 14.56 42.40 -14.17
CA GLU D 22 15.94 42.81 -13.91
C GLU D 22 16.20 43.05 -12.42
N ILE D 23 17.47 42.96 -12.03
CA ILE D 23 17.83 43.00 -10.61
C ILE D 23 18.92 44.04 -10.35
N ALA D 24 18.73 44.82 -9.29
CA ALA D 24 19.74 45.73 -8.77
C ALA D 24 20.33 45.16 -7.47
N VAL D 25 21.65 45.26 -7.35
CA VAL D 25 22.40 44.75 -6.20
C VAL D 25 23.21 45.88 -5.60
N ASN D 26 23.22 45.92 -4.27
CA ASN D 26 24.01 46.91 -3.52
C ASN D 26 24.29 46.50 -2.09
N ASN D 27 25.52 46.77 -1.64
CA ASN D 27 25.96 46.45 -0.27
C ASN D 27 25.79 44.96 0.07
N GLY D 28 26.04 44.11 -0.92
CA GLY D 28 26.02 42.66 -0.74
C GLY D 28 24.65 42.00 -0.80
N LYS D 29 23.63 42.79 -1.15
CA LYS D 29 22.23 42.35 -1.09
C LYS D 29 21.45 42.70 -2.35
N VAL D 30 20.44 41.86 -2.64
CA VAL D 30 19.41 42.18 -3.63
C VAL D 30 18.66 43.41 -3.12
N GLN D 31 18.52 44.43 -3.96
CA GLN D 31 17.90 45.69 -3.53
C GLN D 31 16.55 45.94 -4.21
N LEU D 32 16.38 45.37 -5.41
CA LEU D 32 15.31 45.76 -6.31
C LEU D 32 15.08 44.70 -7.39
N ILE D 33 13.82 44.37 -7.65
CA ILE D 33 13.44 43.69 -8.90
C ILE D 33 12.43 44.60 -9.64
N ALA D 34 12.70 44.87 -10.92
CA ALA D 34 11.83 45.68 -11.79
C ALA D 34 11.90 45.20 -13.23
N ALA D 35 10.96 45.63 -14.08
CA ALA D 35 10.95 45.26 -15.51
C ALA D 35 12.21 45.71 -16.23
N SER D 36 12.67 46.91 -15.90
CA SER D 36 13.78 47.55 -16.56
C SER D 36 14.46 48.49 -15.56
N ILE D 37 15.78 48.45 -15.51
CA ILE D 37 16.52 49.36 -14.66
C ILE D 37 17.56 50.12 -15.50
N ASP D 38 17.57 51.44 -15.36
CA ASP D 38 18.50 52.30 -16.06
C ASP D 38 19.95 51.88 -15.78
N PRO D 39 20.68 51.41 -16.82
CA PRO D 39 22.06 50.97 -16.65
C PRO D 39 23.02 52.05 -16.11
N SER D 40 22.66 53.33 -16.23
CA SER D 40 23.49 54.38 -15.64
C SER D 40 23.42 54.41 -14.10
N LEU D 41 22.48 53.65 -13.53
CA LEU D 41 22.28 53.60 -12.08
C LEU D 41 23.17 52.59 -11.37
N GLY D 42 23.90 51.78 -12.14
CA GLY D 42 24.76 50.74 -11.60
C GLY D 42 26.20 50.93 -11.97
N SER D 43 27.11 50.50 -11.08
CA SER D 43 28.56 50.57 -11.32
C SER D 43 28.99 49.55 -12.36
N GLU D 44 28.34 48.40 -12.33
CA GLU D 44 28.59 47.31 -13.25
C GLU D 44 27.27 46.73 -13.74
N VAL D 45 27.17 46.54 -15.04
CA VAL D 45 25.97 46.02 -15.67
C VAL D 45 26.30 44.71 -16.37
N ILE D 46 25.53 43.68 -16.04
CA ILE D 46 25.64 42.39 -16.72
C ILE D 46 24.43 42.16 -17.63
N ASP D 47 24.71 41.85 -18.89
CA ASP D 47 23.69 41.47 -19.86
C ASP D 47 23.60 39.95 -19.88
N ALA D 48 22.50 39.43 -19.36
CA ALA D 48 22.33 37.98 -19.22
C ALA D 48 21.95 37.28 -20.54
N GLU D 49 21.62 38.08 -21.55
CA GLU D 49 21.31 37.60 -22.92
C GLU D 49 20.18 36.55 -23.00
N GLY D 50 19.13 36.74 -22.20
CA GLY D 50 17.97 35.85 -22.19
C GLY D 50 18.12 34.58 -21.35
N ALA D 51 19.25 34.46 -20.66
CA ALA D 51 19.51 33.28 -19.84
C ALA D 51 18.79 33.32 -18.48
N PHE D 52 18.65 32.14 -17.88
CA PHE D 52 18.12 32.02 -16.52
C PHE D 52 19.07 32.63 -15.48
N ILE D 53 18.48 33.29 -14.50
CA ILE D 53 19.15 33.74 -13.30
C ILE D 53 18.55 32.91 -12.18
N THR D 54 19.39 32.17 -11.45
CA THR D 54 18.92 31.41 -10.30
C THR D 54 19.55 31.95 -9.03
N PRO D 55 18.94 31.68 -7.85
CA PRO D 55 19.67 31.98 -6.63
C PRO D 55 20.91 31.10 -6.64
N GLY D 56 21.90 31.41 -5.82
CA GLY D 56 23.06 30.54 -5.72
C GLY D 56 22.66 29.22 -5.07
N GLY D 57 23.33 28.14 -5.48
CA GLY D 57 23.07 26.85 -4.88
C GLY D 57 23.55 26.81 -3.45
N ILE D 58 22.90 25.98 -2.63
CA ILE D 58 23.30 25.78 -1.26
C ILE D 58 23.49 24.30 -1.05
N ASP D 59 24.73 23.89 -0.75
CA ASP D 59 25.09 22.47 -0.59
C ASP D 59 25.36 22.17 0.87
N ALA D 60 24.38 21.55 1.51
CA ALA D 60 24.40 21.33 2.95
C ALA D 60 25.01 19.98 3.34
N HIS D 61 25.73 19.36 2.42
CA HIS D 61 26.39 18.10 2.71
C HIS D 61 27.76 18.03 2.07
N VAL D 62 28.72 18.76 2.65
CA VAL D 62 30.09 18.81 2.14
C VAL D 62 31.08 18.41 3.22
N HIS D 63 32.03 17.54 2.86
CA HIS D 63 33.07 17.10 3.81
C HIS D 63 34.41 17.73 3.45
N VAL D 64 34.95 18.47 4.42
CA VAL D 64 36.20 19.19 4.27
C VAL D 64 37.21 18.66 5.29
N ASP D 65 38.49 18.83 5.00
CA ASP D 65 39.54 18.44 5.95
C ASP D 65 39.34 19.18 7.27
N GLU D 66 39.20 18.41 8.35
CA GLU D 66 39.01 18.98 9.71
C GLU D 66 40.00 18.41 10.72
N PRO D 67 40.31 19.19 11.80
CA PRO D 67 41.40 18.88 12.72
C PRO D 67 41.32 17.51 13.39
N LEU D 68 40.10 17.04 13.69
CA LEU D 68 39.94 15.73 14.32
C LEU D 68 40.06 14.56 13.34
N LYS D 69 40.11 14.89 12.05
CA LYS D 69 40.30 13.91 10.97
C LYS D 69 39.42 12.68 11.12
N LEU D 70 38.12 12.91 11.29
CA LEU D 70 37.14 11.83 11.47
C LEU D 70 37.10 10.90 10.26
N LEU D 71 37.15 11.48 9.07
CA LEU D 71 37.16 10.74 7.81
C LEU D 71 38.58 10.53 7.30
N GLY D 72 39.53 10.49 8.23
CA GLY D 72 40.95 10.54 7.90
C GLY D 72 41.27 11.86 7.20
N ASP D 73 42.41 11.91 6.52
CA ASP D 73 42.80 13.08 5.74
C ASP D 73 41.94 13.20 4.47
N VAL D 74 41.33 14.38 4.28
CA VAL D 74 40.55 14.74 3.08
C VAL D 74 41.39 15.76 2.29
N VAL D 75 41.37 15.70 0.96
CA VAL D 75 42.23 16.60 0.14
C VAL D 75 41.81 18.08 0.10
N ASP D 76 40.51 18.34 0.19
CA ASP D 76 39.99 19.71 0.16
C ASP D 76 39.93 20.37 1.54
N THR D 77 40.55 21.54 1.66
CA THR D 77 40.29 22.44 2.79
C THR D 77 39.00 23.21 2.50
N MET D 78 38.60 24.08 3.41
CA MET D 78 37.44 24.94 3.19
C MET D 78 37.71 25.90 2.03
N GLU D 79 38.95 26.36 1.89
CA GLU D 79 39.35 27.19 0.75
C GLU D 79 39.06 26.47 -0.57
N HIS D 80 39.51 25.22 -0.67
CA HIS D 80 39.36 24.44 -1.90
C HIS D 80 37.93 24.13 -2.24
N ALA D 81 37.14 23.72 -1.25
CA ALA D 81 35.75 23.33 -1.46
C ALA D 81 34.86 24.51 -1.84
N THR D 82 35.06 25.67 -1.20
CA THR D 82 34.34 26.88 -1.56
C THR D 82 34.74 27.43 -2.94
N ARG D 83 36.02 27.31 -3.31
CA ARG D 83 36.46 27.66 -4.66
C ARG D 83 35.77 26.80 -5.71
N SER D 84 35.70 25.50 -5.45
CA SER D 84 35.05 24.54 -6.32
C SER D 84 33.54 24.75 -6.39
N ALA D 85 32.95 25.00 -5.22
CA ALA D 85 31.51 25.26 -5.12
C ALA D 85 31.13 26.41 -6.03
N VAL D 86 31.87 27.51 -5.91
CA VAL D 86 31.59 28.75 -6.64
C VAL D 86 31.75 28.60 -8.17
N ALA D 87 32.72 27.81 -8.60
CA ALA D 87 32.90 27.47 -10.03
C ALA D 87 31.74 26.68 -10.59
N GLY D 88 30.92 26.11 -9.73
CA GLY D 88 29.80 25.28 -10.14
C GLY D 88 28.46 25.84 -9.74
N GLY D 89 28.44 27.12 -9.36
CA GLY D 89 27.21 27.82 -9.02
C GLY D 89 26.68 27.66 -7.61
N THR D 90 27.46 27.02 -6.73
CA THR D 90 27.05 26.88 -5.32
C THR D 90 27.71 28.00 -4.50
N THR D 91 26.91 28.70 -3.70
CA THR D 91 27.36 29.93 -3.04
C THR D 91 27.27 29.86 -1.51
N THR D 92 26.78 28.75 -1.00
CA THR D 92 26.85 28.46 0.43
C THR D 92 27.05 26.97 0.59
N VAL D 93 28.06 26.59 1.38
CA VAL D 93 28.26 25.19 1.76
C VAL D 93 28.08 25.02 3.27
N VAL D 94 27.63 23.83 3.67
CA VAL D 94 27.56 23.46 5.08
C VAL D 94 28.38 22.19 5.27
N ALA D 95 29.43 22.28 6.07
CA ALA D 95 30.27 21.15 6.43
C ALA D 95 29.93 20.61 7.81
N PHE D 96 30.82 19.76 8.32
CA PHE D 96 30.54 19.02 9.56
C PHE D 96 31.59 19.25 10.63
N SER D 97 31.11 19.59 11.82
CA SER D 97 31.93 19.70 13.00
C SER D 97 31.86 18.39 13.80
N THR D 98 33.02 17.79 14.04
CA THR D 98 33.11 16.51 14.76
C THR D 98 33.16 16.76 16.26
N GLN D 99 32.23 16.15 16.98
CA GLN D 99 32.24 16.12 18.43
C GLN D 99 33.65 15.69 18.94
N ASP D 100 34.21 16.50 19.84
CA ASP D 100 35.54 16.23 20.43
C ASP D 100 35.35 15.64 21.82
N VAL D 101 35.60 14.34 21.94
CA VAL D 101 35.33 13.58 23.15
C VAL D 101 36.28 13.92 24.31
N SER D 102 37.38 14.62 24.02
CA SER D 102 38.32 15.06 25.04
C SER D 102 37.76 16.24 25.82
N LYS D 103 36.78 16.92 25.25
CA LYS D 103 36.09 18.02 25.93
C LYS D 103 34.87 17.50 26.71
N LYS D 104 34.70 18.03 27.92
CA LYS D 104 33.58 17.67 28.80
C LYS D 104 32.94 18.96 29.32
N GLY D 105 31.74 18.82 29.87
CA GLY D 105 31.02 19.96 30.47
C GLY D 105 30.07 20.62 29.51
N PRO D 106 29.40 21.71 29.96
CA PRO D 106 28.41 22.46 29.18
C PRO D 106 28.92 23.00 27.84
N SER D 107 30.21 23.34 27.77
CA SER D 107 30.78 23.93 26.56
C SER D 107 31.38 22.92 25.57
N ALA D 108 31.27 21.62 25.88
CA ALA D 108 31.90 20.55 25.11
C ALA D 108 31.65 20.57 23.58
N LEU D 109 30.42 20.85 23.18
CA LEU D 109 30.08 20.85 21.77
C LEU D 109 30.39 22.19 21.07
N ALA D 110 30.18 23.30 21.78
CA ALA D 110 30.62 24.62 21.31
C ALA D 110 32.15 24.63 21.04
N GLU D 111 32.91 24.05 21.96
CA GLU D 111 34.35 23.88 21.80
C GLU D 111 34.73 23.07 20.55
N SER D 112 33.93 22.06 20.21
CA SER D 112 34.13 21.25 19.01
C SER D 112 33.94 22.06 17.73
N VAL D 113 32.95 22.96 17.73
CA VAL D 113 32.69 23.85 16.60
C VAL D 113 33.82 24.87 16.48
N LYS D 114 34.26 25.41 17.62
CA LYS D 114 35.37 26.35 17.71
C LYS D 114 36.66 25.88 17.01
N LEU D 115 36.92 24.58 17.04
CA LEU D 115 38.11 24.01 16.39
C LEU D 115 38.09 24.25 14.88
N ASP D 116 36.92 24.03 14.28
CA ASP D 116 36.74 24.20 12.85
C ASP D 116 36.73 25.66 12.43
N VAL D 117 35.91 26.47 13.10
CA VAL D 117 35.83 27.91 12.82
C VAL D 117 37.22 28.57 12.87
N ASP D 118 37.99 28.25 13.92
CA ASP D 118 39.34 28.77 14.07
C ASP D 118 40.28 28.33 12.95
N GLU D 119 40.20 27.06 12.58
CA GLU D 119 41.06 26.57 11.50
C GLU D 119 40.75 27.21 10.15
N TYR D 120 39.46 27.40 9.86
CA TYR D 120 39.05 27.95 8.57
C TYR D 120 39.18 29.47 8.50
N SER D 121 39.34 30.11 9.66
CA SER D 121 39.46 31.57 9.74
CA SER D 121 39.46 31.57 9.75
C SER D 121 40.70 32.10 9.02
N GLU D 122 41.72 31.24 8.92
CA GLU D 122 42.99 31.61 8.30
C GLU D 122 43.02 31.40 6.79
N GLN D 123 42.03 30.69 6.27
CA GLN D 123 41.96 30.33 4.85
C GLN D 123 41.20 31.37 4.01
N THR D 124 41.47 31.38 2.71
CA THR D 124 40.70 32.21 1.79
C THR D 124 39.40 31.49 1.47
N LEU D 125 38.28 32.13 1.79
CA LEU D 125 36.97 31.54 1.52
C LEU D 125 36.26 32.28 0.39
N TYR D 126 35.81 31.51 -0.60
CA TYR D 126 35.23 32.05 -1.81
C TYR D 126 33.73 32.26 -1.64
N CYS D 127 33.14 31.56 -0.68
CA CYS D 127 31.74 31.78 -0.29
C CYS D 127 31.54 31.48 1.21
N ASP D 128 30.35 31.77 1.71
CA ASP D 128 30.03 31.52 3.12
C ASP D 128 29.88 30.03 3.39
N TYR D 129 30.16 29.64 4.63
CA TYR D 129 29.99 28.26 5.08
C TYR D 129 29.36 28.22 6.45
N GLY D 130 28.58 27.16 6.67
CA GLY D 130 28.04 26.85 7.98
C GLY D 130 28.54 25.49 8.44
N LEU D 131 28.14 25.08 9.64
CA LEU D 131 28.56 23.80 10.19
C LEU D 131 27.41 23.02 10.80
N HIS D 132 27.33 21.73 10.46
CA HIS D 132 26.49 20.77 11.19
C HIS D 132 27.34 20.23 12.34
N LEU D 133 26.70 19.73 13.40
CA LEU D 133 27.44 18.99 14.42
C LEU D 133 27.24 17.48 14.22
N ILE D 134 28.33 16.73 14.31
CA ILE D 134 28.28 15.26 14.27
C ILE D 134 28.34 14.70 15.70
N LEU D 135 27.35 13.88 16.05
CA LEU D 135 27.27 13.27 17.37
C LEU D 135 27.44 11.76 17.29
N PHE D 136 28.36 11.22 18.09
CA PHE D 136 28.61 9.77 18.11
C PHE D 136 28.88 9.22 19.52
N GLN D 137 28.99 10.12 20.51
CA GLN D 137 29.13 9.70 21.91
C GLN D 137 28.05 10.32 22.78
N ILE D 138 27.09 9.49 23.18
CA ILE D 138 25.95 9.94 23.98
C ILE D 138 26.05 9.30 25.37
N GLU D 139 25.94 10.13 26.40
CA GLU D 139 26.08 9.68 27.79
C GLU D 139 24.87 8.86 28.20
N LYS D 140 25.04 8.02 29.24
CA LYS D 140 24.00 7.11 29.69
C LYS D 140 23.89 7.09 31.21
N PRO D 141 22.71 6.73 31.76
CA PRO D 141 21.43 6.44 31.12
C PRO D 141 20.72 7.69 30.60
N SER D 142 19.49 7.50 30.11
CA SER D 142 18.70 8.54 29.41
C SER D 142 18.44 9.81 30.23
N VAL D 143 17.87 9.64 31.42
CA VAL D 143 17.60 10.77 32.32
C VAL D 143 18.92 11.30 32.91
N GLU D 144 19.91 11.38 32.04
CA GLU D 144 21.18 12.06 32.25
C GLU D 144 21.67 12.47 30.85
N ALA D 145 21.81 11.45 30.00
CA ALA D 145 22.10 11.58 28.57
C ALA D 145 21.38 12.74 27.88
N ARG D 146 20.05 12.74 27.97
CA ARG D 146 19.20 13.76 27.36
C ARG D 146 19.34 15.16 28.02
N GLU D 147 19.62 15.19 29.33
CA GLU D 147 19.58 16.43 30.12
C GLU D 147 20.77 17.39 30.00
N LEU D 148 22.00 16.89 30.11
CA LEU D 148 23.18 17.75 29.90
C LEU D 148 23.44 17.94 28.41
N LEU D 149 22.83 17.09 27.59
CA LEU D 149 22.85 17.27 26.15
C LEU D 149 22.18 18.61 25.83
N ASP D 150 21.02 18.83 26.44
CA ASP D 150 20.26 20.07 26.34
C ASP D 150 21.16 21.30 26.53
N VAL D 151 21.86 21.39 27.67
CA VAL D 151 22.72 22.57 27.91
C VAL D 151 23.90 22.67 26.93
N GLN D 152 24.37 21.52 26.44
CA GLN D 152 25.43 21.48 25.44
C GLN D 152 24.99 21.95 24.04
N LEU D 153 23.77 21.61 23.65
CA LEU D 153 23.19 22.07 22.38
C LEU D 153 22.90 23.58 22.41
N GLN D 154 22.35 24.04 23.52
CA GLN D 154 22.10 25.46 23.73
C GLN D 154 23.38 26.27 23.50
N ALA D 155 24.47 25.77 24.06
CA ALA D 155 25.75 26.46 24.03
C ALA D 155 26.32 26.48 22.62
N ALA D 156 26.20 25.38 21.88
CA ALA D 156 26.63 25.33 20.49
C ALA D 156 25.80 26.28 19.61
N TYR D 157 24.49 26.35 19.86
CA TYR D 157 23.61 27.31 19.19
C TYR D 157 23.94 28.76 19.59
N ASN D 158 23.98 29.04 20.90
CA ASN D 158 24.19 30.42 21.37
C ASN D 158 25.53 30.99 20.93
N ASP D 159 26.58 30.19 21.05
CA ASP D 159 27.92 30.66 20.76
C ASP D 159 28.23 30.69 19.26
N TYR D 160 27.69 29.73 18.50
CA TYR D 160 28.10 29.52 17.10
C TYR D 160 26.98 29.36 16.08
N GLY D 161 25.72 29.39 16.52
CA GLY D 161 24.57 29.26 15.62
C GLY D 161 24.56 27.93 14.87
N VAL D 162 24.94 26.86 15.57
CA VAL D 162 24.81 25.53 15.03
C VAL D 162 23.43 25.07 15.46
N SER D 163 22.60 24.69 14.49
CA SER D 163 21.22 24.30 14.78
C SER D 163 20.83 22.96 14.12
N SER D 164 21.83 22.18 13.75
CA SER D 164 21.58 20.87 13.15
C SER D 164 22.55 19.85 13.74
N VAL D 165 22.05 18.63 13.97
CA VAL D 165 22.85 17.55 14.52
C VAL D 165 22.80 16.32 13.60
N MET D 167 23.67 12.27 12.98
CA MET D 167 23.99 10.97 13.58
C MET D 167 24.02 9.81 12.58
N PHE D 168 24.73 8.75 12.96
CA PHE D 168 24.95 7.59 12.11
C PHE D 168 24.36 6.33 12.72
N MET D 169 23.77 5.49 11.88
CA MET D 169 23.26 4.18 12.30
C MET D 169 24.18 3.08 11.77
N THR D 170 25.30 3.50 11.16
CA THR D 170 26.31 2.60 10.66
C THR D 170 27.72 3.17 10.85
N TYR D 171 28.70 2.38 10.42
CA TYR D 171 30.14 2.60 10.58
C TYR D 171 30.66 2.49 12.03
N PRO D 172 31.66 1.60 12.23
CA PRO D 172 32.34 1.43 13.51
C PRO D 172 32.91 2.74 14.08
N GLY D 173 32.47 3.10 15.29
CA GLY D 173 32.95 4.29 15.97
C GLY D 173 32.01 5.46 15.82
N LEU D 174 31.10 5.35 14.86
CA LEU D 174 30.10 6.39 14.62
C LEU D 174 28.70 5.88 14.91
N GLN D 175 28.44 4.61 14.56
CA GLN D 175 27.13 3.99 14.77
C GLN D 175 26.66 4.18 16.21
N ILE D 176 25.39 4.58 16.38
CA ILE D 176 24.82 4.65 17.72
C ILE D 176 23.53 3.86 17.85
N SER D 177 23.30 3.31 19.03
CA SER D 177 22.08 2.54 19.32
C SER D 177 20.81 3.38 19.19
N ASP D 178 19.68 2.71 19.10
CA ASP D 178 18.36 3.35 19.09
C ASP D 178 18.11 4.13 20.37
N TYR D 179 18.54 3.56 21.49
CA TYR D 179 18.42 4.17 22.81
C TYR D 179 19.10 5.54 22.83
N ASP D 180 20.31 5.62 22.28
CA ASP D 180 21.07 6.88 22.23
C ASP D 180 20.44 7.91 21.31
N ILE D 181 19.97 7.45 20.15
CA ILE D 181 19.25 8.31 19.20
C ILE D 181 18.04 8.98 19.88
N MET D 182 17.19 8.17 20.53
CA MET D 182 16.07 8.70 21.32
C MET D 182 16.52 9.79 22.31
N SER D 183 17.60 9.52 23.06
CA SER D 183 18.18 10.55 23.94
C SER D 183 18.52 11.85 23.19
N ALA D 184 19.16 11.70 22.04
CA ALA D 184 19.49 12.85 21.17
C ALA D 184 18.24 13.59 20.64
N MET D 185 17.24 12.81 20.21
CA MET D 185 15.98 13.38 19.71
C MET D 185 15.25 14.15 20.80
N TYR D 186 15.37 13.69 22.05
CA TYR D 186 14.80 14.40 23.19
C TYR D 186 15.39 15.80 23.30
N ALA D 187 16.72 15.88 23.17
CA ALA D 187 17.42 17.16 23.27
C ALA D 187 17.17 18.06 22.06
N THR D 188 17.21 17.47 20.86
CA THR D 188 17.08 18.27 19.63
C THR D 188 15.69 18.85 19.43
N ARG D 189 14.66 18.05 19.72
CA ARG D 189 13.27 18.53 19.65
C ARG D 189 13.04 19.72 20.57
N LYS D 190 13.47 19.57 21.83
CA LYS D 190 13.40 20.61 22.86
C LYS D 190 14.11 21.91 22.42
N ASN D 191 15.20 21.78 21.65
CA ASN D 191 15.95 22.94 21.17
C ASN D 191 15.63 23.36 19.73
N GLY D 192 14.64 22.72 19.12
CA GLY D 192 14.26 23.05 17.76
C GLY D 192 15.39 22.86 16.75
N PHE D 193 16.33 21.96 17.08
CA PHE D 193 17.43 21.61 16.17
C PHE D 193 16.93 20.79 15.00
N THR D 194 17.63 20.85 13.89
CA THR D 194 17.37 19.97 12.76
C THR D 194 18.09 18.67 13.07
N THR D 195 17.37 17.56 13.06
CA THR D 195 17.96 16.26 13.35
C THR D 195 18.21 15.51 12.05
N MET D 196 19.47 15.12 11.81
CA MET D 196 19.88 14.45 10.57
C MET D 196 20.31 13.02 10.87
N LEU D 197 19.93 12.09 9.99
CA LEU D 197 20.32 10.68 10.12
C LEU D 197 20.90 10.06 8.84
N HIS D 198 22.01 9.34 9.02
CA HIS D 198 22.54 8.41 8.01
C HIS D 198 21.95 7.04 8.36
N ALA D 199 20.92 6.64 7.60
CA ALA D 199 20.19 5.41 7.89
C ALA D 199 20.62 4.20 7.04
N GLU D 200 21.60 3.44 7.57
CA GLU D 200 21.85 2.07 7.12
C GLU D 200 21.98 1.23 8.37
N ASN D 201 21.50 -0.02 8.32
CA ASN D 201 21.69 -0.96 9.43
C ASN D 201 23.16 -1.38 9.54
N GLY D 202 23.85 -0.82 10.53
CA GLY D 202 25.27 -1.09 10.77
C GLY D 202 25.65 -2.53 11.03
N ASP D 203 24.80 -3.23 11.80
CA ASP D 203 24.98 -4.65 12.11
C ASP D 203 24.95 -5.53 10.87
N MET D 204 24.03 -5.24 9.96
CA MET D 204 23.86 -6.01 8.72
C MET D 204 25.05 -5.80 7.77
N VAL D 205 25.49 -4.55 7.65
CA VAL D 205 26.67 -4.19 6.86
C VAL D 205 27.92 -4.93 7.36
N LYS D 206 28.16 -4.81 8.67
CA LYS D 206 29.26 -5.50 9.35
C LYS D 206 29.26 -7.00 9.07
N TRP D 207 28.14 -7.66 9.33
CA TRP D 207 28.01 -9.10 9.13
C TRP D 207 28.26 -9.49 7.67
N MET D 208 27.64 -8.78 6.74
CA MET D 208 27.82 -9.05 5.31
C MET D 208 29.24 -8.80 4.77
N ILE D 209 29.92 -7.78 5.28
CA ILE D 209 31.33 -7.52 4.91
C ILE D 209 32.20 -8.71 5.31
N GLU D 210 32.02 -9.19 6.55
CA GLU D 210 32.75 -10.34 7.06
C GLU D 210 32.46 -11.60 6.25
N ALA D 211 31.20 -11.78 5.84
CA ALA D 211 30.79 -12.91 5.01
C ALA D 211 31.45 -12.88 3.62
N LEU D 212 31.52 -11.69 3.03
CA LEU D 212 32.15 -11.49 1.73
C LEU D 212 33.66 -11.71 1.74
N GLU D 213 34.32 -11.11 2.73
CA GLU D 213 35.78 -11.28 2.91
C GLU D 213 36.17 -12.73 3.14
N GLU D 214 35.36 -13.46 3.90
CA GLU D 214 35.58 -14.89 4.12
C GLU D 214 35.60 -15.68 2.81
N GLN D 215 34.87 -15.18 1.82
CA GLN D 215 34.85 -15.83 0.51
C GLN D 215 35.88 -15.22 -0.42
N GLY D 216 36.61 -14.22 0.08
CA GLY D 216 37.62 -13.51 -0.70
C GLY D 216 37.03 -12.52 -1.70
N LEU D 217 35.78 -12.11 -1.46
CA LEU D 217 35.10 -11.19 -2.36
C LEU D 217 35.34 -9.75 -1.92
N THR D 218 36.52 -9.25 -2.24
CA THR D 218 37.04 -8.02 -1.66
C THR D 218 37.22 -6.83 -2.62
N ASP D 219 37.05 -7.07 -3.92
CA ASP D 219 37.15 -5.99 -4.91
C ASP D 219 36.08 -4.91 -4.70
N ALA D 220 36.34 -3.71 -5.22
CA ALA D 220 35.51 -2.52 -4.98
C ALA D 220 34.01 -2.73 -5.24
N TYR D 221 33.69 -3.53 -6.25
CA TYR D 221 32.30 -3.83 -6.63
C TYR D 221 31.48 -4.45 -5.48
N TYR D 222 32.14 -5.22 -4.62
CA TYR D 222 31.47 -5.90 -3.52
C TYR D 222 31.08 -4.98 -2.36
N HIS D 223 31.43 -3.70 -2.46
CA HIS D 223 30.98 -2.70 -1.50
C HIS D 223 29.46 -2.50 -1.61
N GLY D 224 28.96 -2.42 -2.84
CA GLY D 224 27.53 -2.39 -3.12
C GLY D 224 26.83 -3.65 -2.65
N VAL D 225 27.39 -4.80 -2.99
CA VAL D 225 26.89 -6.12 -2.58
C VAL D 225 26.76 -6.25 -1.06
N SER D 226 27.70 -5.64 -0.33
CA SER D 226 27.74 -5.71 1.14
C SER D 226 26.56 -5.01 1.82
N ARG D 227 25.87 -4.14 1.09
CA ARG D 227 24.82 -3.29 1.65
C ARG D 227 23.69 -2.94 0.66
N PRO D 228 22.91 -3.95 0.23
CA PRO D 228 21.78 -3.76 -0.70
C PRO D 228 20.72 -2.79 -0.13
N SER D 229 19.91 -2.22 -1.02
CA SER D 229 18.97 -1.16 -0.68
C SER D 229 17.98 -1.50 0.46
N ILE D 230 17.71 -2.80 0.65
CA ILE D 230 16.85 -3.27 1.74
C ILE D 230 17.41 -2.92 3.14
N VAL D 231 18.74 -2.77 3.23
CA VAL D 231 19.42 -2.41 4.46
C VAL D 231 19.17 -0.93 4.80
N GLU D 232 19.28 -0.06 3.79
CA GLU D 232 18.90 1.36 3.91
C GLU D 232 17.40 1.51 4.19
N GLY D 233 16.59 0.66 3.58
CA GLY D 233 15.16 0.65 3.82
C GLY D 233 14.78 0.34 5.25
N GLU D 234 15.33 -0.74 5.80
CA GLU D 234 15.11 -1.09 7.20
C GLU D 234 15.47 0.03 8.19
N ALA D 235 16.66 0.62 8.04
CA ALA D 235 17.14 1.62 8.98
C ALA D 235 16.29 2.86 8.96
N THR D 236 15.98 3.33 7.75
CA THR D 236 15.07 4.47 7.54
C THR D 236 13.73 4.22 8.22
N ASN D 237 13.17 3.03 8.03
CA ASN D 237 11.93 2.67 8.70
C ASN D 237 12.04 2.75 10.23
N ARG D 238 13.15 2.23 10.77
CA ARG D 238 13.40 2.26 12.21
C ARG D 238 13.56 3.70 12.71
N ALA D 239 14.32 4.50 11.97
CA ALA D 239 14.51 5.92 12.29
C ALA D 239 13.21 6.72 12.29
N ILE D 240 12.32 6.42 11.33
CA ILE D 240 11.01 7.06 11.27
C ILE D 240 10.18 6.70 12.51
N THR D 241 10.15 5.42 12.86
CA THR D 241 9.47 4.94 14.08
C THR D 241 9.97 5.68 15.32
N LEU D 242 11.29 5.83 15.42
CA LEU D 242 11.91 6.56 16.54
C LEU D 242 11.47 8.01 16.57
N ALA D 243 11.53 8.68 15.41
CA ALA D 243 11.07 10.05 15.26
C ALA D 243 9.58 10.21 15.62
N THR D 244 8.76 9.23 15.25
CA THR D 244 7.31 9.27 15.49
C THR D 244 7.04 9.24 17.00
N THR D 245 7.66 8.28 17.68
CA THR D 245 7.52 8.12 19.12
C THR D 245 8.02 9.35 19.87
N MET D 246 9.03 10.02 19.31
CA MET D 246 9.64 11.19 19.94
C MET D 246 9.09 12.51 19.40
N ASP D 247 8.12 12.44 18.48
CA ASP D 247 7.55 13.62 17.80
C ASP D 247 8.65 14.63 17.40
N THR D 248 9.67 14.11 16.72
CA THR D 248 10.82 14.91 16.35
C THR D 248 10.97 14.94 14.84
N PRO D 249 10.96 16.16 14.26
CA PRO D 249 11.24 16.30 12.83
C PRO D 249 12.57 15.61 12.48
N ILE D 250 12.64 14.96 11.33
CA ILE D 250 13.81 14.18 10.96
C ILE D 250 14.15 14.37 9.49
N LEU D 251 15.43 14.58 9.20
CA LEU D 251 15.92 14.60 7.83
C LEU D 251 16.86 13.42 7.60
N PHE D 252 16.59 12.68 6.53
CA PHE D 252 17.46 11.61 6.05
C PHE D 252 18.42 12.11 4.97
N VAL D 253 19.71 11.87 5.18
CA VAL D 253 20.72 12.33 4.24
C VAL D 253 21.01 11.26 3.19
N HIS D 254 21.59 11.68 2.07
CA HIS D 254 21.91 10.82 0.93
C HIS D 254 21.11 9.53 0.80
N VAL D 255 19.83 9.66 0.43
CA VAL D 255 18.92 8.53 0.26
C VAL D 255 19.04 8.00 -1.17
N SER D 256 19.16 6.68 -1.29
CA SER D 256 19.44 6.05 -2.59
C SER D 256 18.65 4.77 -2.82
N SER D 257 17.91 4.35 -1.81
CA SER D 257 17.14 3.12 -1.84
C SER D 257 15.65 3.38 -2.11
N PRO D 258 15.05 2.63 -3.06
CA PRO D 258 13.60 2.69 -3.32
C PRO D 258 12.77 2.39 -2.07
N GLN D 259 13.18 1.40 -1.28
CA GLN D 259 12.43 1.03 -0.06
C GLN D 259 12.46 2.12 1.01
N ALA D 260 13.55 2.90 1.00
CA ALA D 260 13.71 4.02 1.91
C ALA D 260 12.82 5.17 1.44
N ALA D 261 12.84 5.45 0.14
CA ALA D 261 11.93 6.43 -0.45
C ALA D 261 10.44 6.09 -0.23
N GLU D 262 10.11 4.81 -0.27
CA GLU D 262 8.74 4.37 -0.03
C GLU D 262 8.28 4.72 1.39
N VAL D 263 9.00 4.25 2.41
CA VAL D 263 8.63 4.54 3.79
C VAL D 263 8.71 6.02 4.14
N ILE D 264 9.61 6.75 3.48
CA ILE D 264 9.70 8.21 3.60
C ILE D 264 8.43 8.88 3.07
N LYS D 265 8.00 8.47 1.89
CA LYS D 265 6.76 8.95 1.24
C LYS D 265 5.51 8.70 2.10
N GLN D 266 5.40 7.48 2.64
CA GLN D 266 4.28 7.08 3.50
C GLN D 266 4.13 8.03 4.69
N ALA D 267 5.26 8.36 5.30
CA ALA D 267 5.30 9.22 6.47
C ALA D 267 4.85 10.63 6.14
N GLN D 268 5.37 11.16 5.03
CA GLN D 268 5.02 12.48 4.54
C GLN D 268 3.54 12.59 4.19
N THR D 269 3.00 11.54 3.57
CA THR D 269 1.56 11.44 3.26
C THR D 269 0.74 11.51 4.54
N LYS D 270 1.23 10.88 5.61
CA LYS D 270 0.57 10.93 6.92
C LYS D 270 0.71 12.31 7.58
N GLY D 271 1.60 13.15 7.06
CA GLY D 271 1.81 14.50 7.58
C GLY D 271 2.94 14.60 8.59
N LEU D 272 3.68 13.51 8.77
CA LEU D 272 4.83 13.51 9.68
C LEU D 272 5.92 14.40 9.12
N LYS D 273 6.68 15.03 10.01
CA LYS D 273 7.77 15.89 9.57
C LYS D 273 9.03 15.08 9.29
N VAL D 274 9.02 14.44 8.12
CA VAL D 274 10.14 13.64 7.63
C VAL D 274 10.63 14.30 6.35
N TYR D 275 11.90 14.67 6.35
CA TYR D 275 12.53 15.31 5.21
C TYR D 275 13.63 14.39 4.69
N ALA D 276 14.04 14.60 3.45
CA ALA D 276 15.01 13.72 2.82
C ALA D 276 15.87 14.48 1.81
N GLU D 277 17.13 14.08 1.76
CA GLU D 277 18.11 14.59 0.84
C GLU D 277 18.57 13.44 -0.06
N THR D 278 18.71 13.72 -1.35
CA THR D 278 19.38 12.80 -2.29
C THR D 278 20.56 13.51 -2.97
N CYS D 279 21.33 12.76 -3.74
CA CYS D 279 22.51 13.27 -4.43
C CYS D 279 22.48 12.88 -5.91
N PRO D 280 23.06 13.74 -6.78
CA PRO D 280 23.08 13.54 -8.22
C PRO D 280 23.57 12.17 -8.66
N GLN D 281 24.64 11.67 -8.02
CA GLN D 281 25.22 10.35 -8.33
C GLN D 281 24.22 9.19 -8.22
N TYR D 282 23.22 9.33 -7.35
CA TYR D 282 22.21 8.30 -7.18
C TYR D 282 21.15 8.32 -8.31
N ALA D 283 21.07 9.44 -9.01
CA ALA D 283 20.19 9.58 -10.18
C ALA D 283 20.91 9.31 -11.50
N LEU D 284 22.23 9.48 -11.50
CA LEU D 284 22.98 9.49 -12.76
C LEU D 284 23.90 8.29 -12.98
N LEU D 285 24.33 7.66 -11.88
CA LEU D 285 25.26 6.54 -11.97
C LEU D 285 24.61 5.25 -11.47
N SER D 286 25.02 4.14 -12.08
CA SER D 286 24.67 2.79 -11.63
C SER D 286 25.94 2.03 -11.28
N ASP D 287 25.82 0.97 -10.50
CA ASP D 287 26.98 0.24 -9.95
C ASP D 287 27.85 -0.50 -10.97
N ALA D 288 27.40 -0.55 -12.23
CA ALA D 288 28.20 -1.11 -13.32
C ALA D 288 29.51 -0.34 -13.52
N ILE D 289 29.51 0.94 -13.15
CA ILE D 289 30.69 1.80 -13.21
C ILE D 289 31.77 1.41 -12.18
N THR D 290 31.40 0.54 -11.23
CA THR D 290 32.33 0.13 -10.17
C THR D 290 33.15 -1.12 -10.54
N ARG D 291 32.89 -1.68 -11.72
CA ARG D 291 33.70 -2.78 -12.26
C ARG D 291 33.58 -2.91 -13.78
N CYS D 292 34.28 -3.88 -14.35
CA CYS D 292 34.21 -4.10 -15.78
C CYS D 292 33.80 -5.53 -16.16
N HIS D 293 32.55 -5.87 -15.88
CA HIS D 293 31.97 -7.13 -16.31
C HIS D 293 31.27 -6.98 -17.67
N GLY D 304 19.90 8.49 -17.72
CA GLY D 304 20.99 9.03 -16.93
C GLY D 304 22.25 9.27 -17.77
N ILE D 305 23.42 9.15 -17.13
CA ILE D 305 24.67 9.34 -17.83
C ILE D 305 25.01 8.08 -18.62
N ASP D 306 25.29 8.25 -19.91
CA ASP D 306 25.89 7.20 -20.73
C ASP D 306 27.23 6.86 -20.08
N LEU D 307 27.30 5.69 -19.44
CA LEU D 307 28.49 5.29 -18.66
C LEU D 307 29.75 5.08 -19.50
N SER D 308 29.55 4.75 -20.77
CA SER D 308 30.66 4.52 -21.69
C SER D 308 31.35 5.82 -22.09
N SER D 309 30.71 6.95 -21.79
CA SER D 309 31.26 8.27 -22.15
C SER D 309 32.15 8.86 -21.04
N ILE D 310 32.13 8.23 -19.87
CA ILE D 310 32.97 8.62 -18.74
C ILE D 310 34.38 8.14 -18.99
N SER D 311 35.37 9.02 -18.82
CA SER D 311 36.76 8.65 -19.06
C SER D 311 37.47 8.23 -17.77
N GLU D 312 38.54 7.45 -17.93
CA GLU D 312 39.34 6.90 -16.81
C GLU D 312 38.48 6.12 -15.81
N SER D 313 37.78 5.11 -16.34
CA SER D 313 36.87 4.27 -15.56
C SER D 313 37.30 2.82 -15.80
N PRO D 314 36.66 1.86 -15.10
CA PRO D 314 36.89 0.43 -15.36
C PRO D 314 36.68 0.02 -16.82
N PHE D 315 35.83 0.76 -17.53
CA PHE D 315 35.54 0.53 -18.95
C PHE D 315 36.73 0.87 -19.84
N THR D 316 37.31 2.04 -19.59
CA THR D 316 38.42 2.56 -20.40
C THR D 316 39.77 1.98 -19.93
N ASN D 317 39.84 1.63 -18.65
CA ASN D 317 41.07 1.09 -18.06
C ASN D 317 40.90 -0.27 -17.36
N PRO D 318 40.57 -1.33 -18.13
CA PRO D 318 40.22 -2.63 -17.55
C PRO D 318 41.36 -3.27 -16.72
N ASP D 319 42.60 -2.95 -17.07
CA ASP D 319 43.76 -3.51 -16.35
C ASP D 319 43.94 -2.97 -14.92
N ASP D 320 43.46 -1.76 -14.67
CA ASP D 320 43.54 -1.15 -13.35
C ASP D 320 42.37 -1.64 -12.49
N ARG D 321 42.67 -2.62 -11.63
CA ARG D 321 41.67 -3.33 -10.84
C ARG D 321 41.09 -2.48 -9.72
N PHE D 322 41.80 -1.42 -9.34
CA PHE D 322 41.42 -0.61 -8.19
C PHE D 322 40.71 0.70 -8.57
N ILE D 323 40.49 0.91 -9.88
CA ILE D 323 39.91 2.16 -10.38
C ILE D 323 38.42 2.32 -10.05
N GLY D 324 37.77 1.22 -9.64
CA GLY D 324 36.39 1.27 -9.14
C GLY D 324 36.24 2.07 -7.86
N SER D 325 37.33 2.19 -7.10
CA SER D 325 37.39 2.96 -5.87
C SER D 325 36.99 4.42 -6.07
N LYS D 326 37.20 4.92 -7.28
CA LYS D 326 36.76 6.28 -7.67
C LYS D 326 35.28 6.53 -7.43
N TYR D 327 34.48 5.46 -7.45
CA TYR D 327 33.01 5.56 -7.37
C TYR D 327 32.46 4.90 -6.12
N ILE D 328 33.33 4.60 -5.16
CA ILE D 328 32.89 4.02 -3.90
C ILE D 328 32.46 5.12 -2.93
N CYS D 329 31.19 5.05 -2.51
CA CYS D 329 30.65 5.96 -1.52
C CYS D 329 29.64 5.24 -0.63
N SER D 330 29.07 5.95 0.33
CA SER D 330 28.10 5.40 1.27
C SER D 330 26.90 6.34 1.44
N PRO D 331 25.68 5.83 1.18
CA PRO D 331 25.43 4.47 0.69
C PRO D 331 25.94 4.28 -0.75
N PRO D 332 26.06 3.02 -1.21
CA PRO D 332 26.69 2.84 -2.51
C PRO D 332 25.80 3.27 -3.68
N ILE D 333 26.45 3.54 -4.81
CA ILE D 333 25.77 3.68 -6.08
C ILE D 333 25.08 2.36 -6.38
N ARG D 334 23.82 2.45 -6.80
CA ARG D 334 22.93 1.29 -6.83
C ARG D 334 22.90 0.61 -8.18
N PRO D 335 22.35 -0.62 -8.26
CA PRO D 335 22.35 -1.30 -9.56
C PRO D 335 21.41 -0.61 -10.55
N GLU D 336 21.51 -1.01 -11.81
CA GLU D 336 20.67 -0.52 -12.89
C GLU D 336 19.18 -0.68 -12.58
N GLY D 337 18.39 0.35 -12.88
CA GLY D 337 16.95 0.30 -12.70
C GLY D 337 16.43 1.06 -11.48
N THR D 338 17.36 1.43 -10.60
CA THR D 338 17.04 2.17 -9.37
C THR D 338 16.93 3.66 -9.62
N GLN D 339 17.68 4.17 -10.60
CA GLN D 339 17.92 5.62 -10.73
C GLN D 339 16.70 6.45 -11.13
N LYS D 340 15.74 5.83 -11.83
CA LYS D 340 14.49 6.48 -12.21
C LYS D 340 13.65 6.83 -10.98
N SER D 341 13.69 5.99 -9.95
CA SER D 341 12.96 6.26 -8.72
C SER D 341 13.52 7.45 -7.94
N ILE D 342 14.79 7.79 -8.19
CA ILE D 342 15.38 8.99 -7.60
C ILE D 342 14.82 10.30 -8.21
N TRP D 343 14.79 10.37 -9.54
CA TRP D 343 14.15 11.49 -10.25
C TRP D 343 12.68 11.62 -9.86
N LYS D 344 11.95 10.51 -9.83
CA LYS D 344 10.54 10.51 -9.43
C LYS D 344 10.38 11.15 -8.06
N GLY D 345 11.22 10.75 -7.11
CA GLY D 345 11.19 11.28 -5.76
C GLY D 345 11.51 12.75 -5.70
N MET D 346 12.44 13.20 -6.56
CA MET D 346 12.78 14.62 -6.66
C MET D 346 11.58 15.44 -7.14
N ASN D 347 10.84 14.90 -8.10
CA ASN D 347 9.65 15.54 -8.65
C ASN D 347 8.41 15.47 -7.75
N ASN D 348 8.19 14.34 -7.10
CA ASN D 348 6.92 14.12 -6.37
C ASN D 348 6.93 14.60 -4.89
N GLY D 349 8.01 15.27 -4.49
CA GLY D 349 8.10 15.82 -3.14
C GLY D 349 8.78 14.99 -2.06
N THR D 350 9.26 13.80 -2.40
CA THR D 350 9.97 12.93 -1.45
C THR D 350 11.31 13.54 -1.00
N PHE D 351 12.06 14.06 -1.96
CA PHE D 351 13.31 14.71 -1.65
C PHE D 351 13.13 16.22 -1.58
N THR D 352 13.24 16.71 -0.35
CA THR D 352 13.12 18.10 -0.04
C THR D 352 14.31 18.87 -0.60
N ILE D 353 15.51 18.26 -0.50
CA ILE D 353 16.75 18.91 -0.91
C ILE D 353 17.68 17.95 -1.68
N VAL D 354 18.65 18.53 -2.39
CA VAL D 354 19.68 17.75 -3.08
C VAL D 354 21.06 18.27 -2.65
N GLY D 355 21.89 17.37 -2.14
CA GLY D 355 23.26 17.70 -1.72
C GLY D 355 24.26 16.88 -2.51
N SER D 356 25.55 17.12 -2.32
CA SER D 356 26.55 16.39 -3.09
C SER D 356 27.17 15.20 -2.36
N ASP D 357 27.19 15.27 -1.02
CA ASP D 357 27.99 14.37 -0.17
C ASP D 357 29.43 14.39 -0.66
N HIS D 358 29.93 15.62 -0.83
CA HIS D 358 31.27 15.90 -1.34
C HIS D 358 32.34 15.42 -0.37
N CYS D 359 33.13 14.45 -0.82
CA CYS D 359 34.21 13.93 -0.01
C CYS D 359 35.34 13.42 -0.88
N SER D 360 36.46 14.14 -0.85
CA SER D 360 37.50 14.00 -1.87
C SER D 360 38.80 13.31 -1.41
N TYR D 361 39.19 12.30 -2.17
CA TYR D 361 40.42 11.57 -1.98
C TYR D 361 41.06 11.35 -3.34
N ASN D 362 42.38 11.50 -3.41
CA ASN D 362 43.10 11.35 -4.66
C ASN D 362 43.15 9.92 -5.17
N TYR D 363 43.24 9.78 -6.49
CA TYR D 363 43.45 8.49 -7.09
C TYR D 363 44.81 8.38 -7.79
N TYR D 364 45.30 9.49 -8.32
CA TYR D 364 46.54 9.46 -9.15
C TYR D 364 47.81 9.75 -8.37
N GLU D 365 47.67 9.91 -7.06
CA GLU D 365 48.79 9.88 -6.15
C GLU D 365 48.45 8.82 -5.10
N LYS D 366 49.42 7.94 -4.81
CA LYS D 366 49.16 6.73 -4.02
C LYS D 366 49.76 6.76 -2.62
N THR D 367 50.56 7.78 -2.33
CA THR D 367 51.40 7.79 -1.13
C THR D 367 50.82 8.53 0.07
N SER D 368 50.00 9.54 -0.18
CA SER D 368 49.54 10.43 0.89
C SER D 368 48.40 9.86 1.72
N THR D 369 48.28 10.36 2.94
CA THR D 369 47.23 9.98 3.88
C THR D 369 45.81 10.26 3.36
N ALA D 370 45.74 11.06 2.29
CA ALA D 370 44.47 11.48 1.68
C ALA D 370 44.22 10.81 0.32
N SER D 371 44.84 9.65 0.10
CA SER D 371 44.66 8.88 -1.13
C SER D 371 43.61 7.77 -0.98
N LYS D 372 43.06 7.33 -2.10
CA LYS D 372 42.21 6.14 -2.12
C LYS D 372 43.04 4.90 -1.82
N HIS D 373 44.30 4.92 -2.29
CA HIS D 373 45.26 3.82 -2.12
C HIS D 373 45.76 3.64 -0.69
N ARG D 374 45.25 4.49 0.20
CA ARG D 374 45.31 4.31 1.65
C ARG D 374 44.77 2.92 2.05
N ALA D 375 43.96 2.33 1.17
CA ALA D 375 43.43 0.97 1.32
C ALA D 375 44.54 -0.09 1.25
N PHE D 376 45.65 0.26 0.62
CA PHE D 376 46.85 -0.59 0.58
C PHE D 376 47.86 -0.12 1.64
N ASP D 377 47.91 -0.86 2.75
CA ASP D 377 48.85 -0.59 3.83
C ASP D 377 49.24 -1.93 4.48
N PRO D 378 50.19 -2.65 3.86
CA PRO D 378 50.52 -4.04 4.21
C PRO D 378 50.98 -4.24 5.66
N GLU D 379 52.00 -3.50 6.09
CA GLU D 379 52.44 -3.59 7.49
C GLU D 379 51.51 -2.81 8.41
N ASN D 380 50.21 -2.94 8.11
CA ASN D 380 49.13 -2.42 8.93
C ASN D 380 47.85 -3.21 8.60
N ASN D 381 48.08 -4.41 8.04
CA ASN D 381 47.04 -5.38 7.70
C ASN D 381 45.89 -4.88 6.81
N LYS D 382 46.25 -4.11 5.78
CA LYS D 382 45.32 -3.61 4.78
C LYS D 382 45.88 -3.94 3.39
N ASN D 383 45.10 -4.66 2.59
CA ASN D 383 45.57 -5.12 1.27
C ASN D 383 44.67 -4.71 0.10
N GLY D 384 43.96 -3.59 0.25
CA GLY D 384 43.15 -3.05 -0.84
C GLY D 384 41.67 -3.43 -0.82
N GLU D 385 41.27 -4.19 0.20
CA GLU D 385 39.88 -4.63 0.38
C GLU D 385 38.93 -3.46 0.41
N PHE D 386 37.73 -3.64 -0.14
CA PHE D 386 36.76 -2.54 -0.23
C PHE D 386 36.53 -1.86 1.12
N ARG D 387 36.55 -2.66 2.19
CA ARG D 387 36.32 -2.12 3.53
C ARG D 387 37.32 -1.01 3.91
N TYR D 388 38.55 -1.11 3.41
CA TYR D 388 39.58 -0.11 3.67
C TYR D 388 39.64 1.06 2.68
N ILE D 389 38.79 1.03 1.65
CA ILE D 389 38.72 2.15 0.68
C ILE D 389 37.97 3.32 1.30
N PRO D 390 38.61 4.51 1.32
CA PRO D 390 37.94 5.71 1.84
C PRO D 390 36.74 6.04 0.97
N ASN D 391 35.59 6.22 1.61
CA ASN D 391 34.33 6.43 0.93
C ASN D 391 34.09 7.89 0.59
N GLY D 392 33.73 8.15 -0.66
CA GLY D 392 33.39 9.51 -1.07
C GLY D 392 33.73 9.81 -2.51
N LEU D 393 32.97 10.75 -3.07
CA LEU D 393 33.22 11.30 -4.39
C LEU D 393 33.23 12.83 -4.28
N PRO D 394 34.06 13.48 -5.11
CA PRO D 394 33.96 14.93 -5.27
C PRO D 394 32.69 15.24 -6.05
N GLY D 395 31.89 16.18 -5.55
CA GLY D 395 30.66 16.56 -6.23
C GLY D 395 30.15 17.98 -6.05
N VAL D 396 30.83 18.78 -5.23
CA VAL D 396 30.36 20.15 -4.90
C VAL D 396 30.25 21.06 -6.13
N CYS D 397 31.14 20.87 -7.10
CA CYS D 397 31.17 21.69 -8.28
C CYS D 397 30.11 21.28 -9.32
N THR D 398 29.96 19.99 -9.54
CA THR D 398 29.09 19.49 -10.61
C THR D 398 27.61 19.41 -10.26
N ARG D 399 27.27 19.56 -8.98
CA ARG D 399 25.89 19.34 -8.50
C ARG D 399 24.84 20.14 -9.26
N MET D 400 25.02 21.46 -9.35
CA MET D 400 24.08 22.35 -10.04
C MET D 400 24.01 22.17 -11.56
N PRO D 401 25.18 22.19 -12.25
CA PRO D 401 25.17 21.90 -13.67
C PRO D 401 24.54 20.56 -14.05
N LEU D 402 24.85 19.49 -13.33
CA LEU D 402 24.26 18.19 -13.63
C LEU D 402 22.73 18.14 -13.53
N LEU D 403 22.18 18.88 -12.58
CA LEU D 403 20.75 18.96 -12.41
C LEU D 403 20.11 19.85 -13.48
N TYR D 404 20.78 20.94 -13.82
CA TYR D 404 20.31 21.82 -14.90
C TYR D 404 20.22 21.02 -16.20
N ASP D 405 21.31 20.35 -16.56
CA ASP D 405 21.39 19.54 -17.78
C ASP D 405 20.47 18.30 -17.75
N TYR D 406 20.84 17.29 -16.96
CA TYR D 406 20.13 16.02 -16.94
C TYR D 406 18.75 16.11 -16.28
N GLY D 407 18.60 17.06 -15.36
CA GLY D 407 17.31 17.31 -14.70
C GLY D 407 16.38 18.13 -15.57
N TYR D 408 16.69 19.42 -15.73
CA TYR D 408 15.77 20.33 -16.42
C TYR D 408 15.75 20.16 -17.95
N LEU D 409 16.91 20.29 -18.60
CA LEU D 409 16.98 20.24 -20.08
C LEU D 409 16.59 18.88 -20.66
N ARG D 410 16.96 17.80 -19.99
CA ARG D 410 16.66 16.47 -20.54
C ARG D 410 15.32 15.92 -20.06
N GLY D 411 14.65 16.66 -19.18
CA GLY D 411 13.24 16.42 -18.87
C GLY D 411 12.97 15.56 -17.64
N ASN D 412 14.03 15.21 -16.91
CA ASN D 412 13.90 14.36 -15.74
C ASN D 412 13.29 15.07 -14.54
N LEU D 413 13.46 16.40 -14.49
CA LEU D 413 12.76 17.27 -13.56
C LEU D 413 11.69 18.03 -14.32
N THR D 414 10.58 18.31 -13.65
CA THR D 414 9.42 18.97 -14.26
C THR D 414 9.67 20.42 -14.70
N SER D 415 10.46 21.15 -13.93
CA SER D 415 10.71 22.57 -14.22
C SER D 415 11.96 23.11 -13.54
N MET D 416 12.37 24.31 -13.94
CA MET D 416 13.43 25.07 -13.31
C MET D 416 13.06 25.50 -11.89
N MET D 417 11.77 25.68 -11.65
CA MET D 417 11.28 26.04 -10.31
C MET D 417 11.52 24.91 -9.32
N LYS D 418 11.38 23.66 -9.76
CA LYS D 418 11.69 22.47 -8.96
C LYS D 418 13.18 22.39 -8.68
N LEU D 419 13.99 22.72 -9.68
CA LEU D 419 15.43 22.73 -9.50
C LEU D 419 15.81 23.69 -8.40
N VAL D 420 15.33 24.93 -8.52
CA VAL D 420 15.62 25.98 -7.55
C VAL D 420 15.15 25.58 -6.15
N GLU D 421 13.91 25.09 -6.08
CA GLU D 421 13.33 24.59 -4.84
C GLU D 421 14.28 23.66 -4.07
N ILE D 422 14.79 22.63 -4.74
CA ILE D 422 15.57 21.58 -4.07
C ILE D 422 17.07 21.87 -3.93
N GLN D 423 17.61 22.70 -4.81
CA GLN D 423 19.03 23.02 -4.85
C GLN D 423 19.39 24.29 -4.07
N CYS D 424 18.41 25.18 -3.89
CA CYS D 424 18.68 26.50 -3.35
C CYS D 424 17.78 26.83 -2.16
N THR D 425 16.48 26.84 -2.37
CA THR D 425 15.54 27.41 -1.43
C THR D 425 15.21 26.50 -0.24
N ASN D 426 14.90 25.23 -0.51
CA ASN D 426 14.63 24.28 0.57
C ASN D 426 15.83 24.05 1.51
N PRO D 427 17.07 23.87 0.98
CA PRO D 427 18.22 23.80 1.88
C PRO D 427 18.37 24.99 2.84
N ALA D 428 18.07 26.21 2.38
CA ALA D 428 18.16 27.37 3.26
C ALA D 428 17.07 27.31 4.35
N LYS D 429 15.86 26.93 3.94
CA LYS D 429 14.72 26.83 4.87
C LYS D 429 14.91 25.77 5.93
N VAL D 430 15.47 24.63 5.52
CA VAL D 430 15.59 23.49 6.39
C VAL D 430 16.78 23.61 7.36
N TYR D 431 17.79 24.37 6.96
CA TYR D 431 18.96 24.57 7.82
C TYR D 431 19.11 25.98 8.39
N GLY D 432 18.01 26.71 8.45
CA GLY D 432 17.96 27.97 9.18
C GLY D 432 18.74 29.13 8.59
N MET D 433 18.95 29.12 7.29
CA MET D 433 19.65 30.20 6.59
C MET D 433 18.67 31.11 5.83
N TYR D 434 17.38 30.85 6.00
CA TYR D 434 16.33 31.54 5.29
C TYR D 434 15.75 32.67 6.16
N PRO D 435 15.51 33.87 5.57
CA PRO D 435 15.58 34.26 4.16
C PRO D 435 16.89 34.86 3.67
N GLN D 436 17.90 34.99 4.53
CA GLN D 436 19.19 35.57 4.12
C GLN D 436 19.75 34.89 2.88
N LYS D 437 19.54 33.58 2.79
CA LYS D 437 20.01 32.77 1.67
C LYS D 437 18.86 32.00 1.03
N GLY D 438 19.09 31.57 -0.23
CA GLY D 438 18.18 30.67 -0.93
C GLY D 438 17.23 31.26 -1.96
N SER D 439 17.06 32.58 -1.93
CA SER D 439 16.10 33.26 -2.81
C SER D 439 16.62 34.55 -3.38
N ILE D 440 15.72 35.29 -4.02
CA ILE D 440 16.00 36.58 -4.60
C ILE D 440 14.94 37.57 -4.08
N LEU D 441 15.19 38.07 -2.88
CA LEU D 441 14.24 38.94 -2.17
C LEU D 441 14.85 40.30 -1.85
N PRO D 442 14.33 41.38 -2.48
CA PRO D 442 14.92 42.71 -2.35
C PRO D 442 14.97 43.19 -0.90
N GLY D 443 16.13 43.71 -0.49
CA GLY D 443 16.36 44.20 0.86
C GLY D 443 16.52 43.11 1.91
N VAL D 444 16.44 41.85 1.50
CA VAL D 444 16.54 40.72 2.42
C VAL D 444 17.64 39.70 2.03
N SER D 445 17.64 39.30 0.75
CA SER D 445 18.57 38.31 0.24
C SER D 445 20.00 38.84 0.14
N ASP D 446 20.96 38.09 0.70
CA ASP D 446 22.33 38.16 0.25
C ASP D 446 22.31 37.99 -1.26
N ALA D 447 23.03 38.86 -1.96
CA ALA D 447 23.09 38.82 -3.41
C ALA D 447 23.93 37.64 -3.89
N ASP D 448 23.44 36.43 -3.62
CA ASP D 448 24.09 35.19 -4.07
C ASP D 448 23.31 34.64 -5.28
N LEU D 449 23.89 34.83 -6.47
CA LEU D 449 23.17 34.59 -7.74
C LEU D 449 24.01 33.92 -8.82
N VAL D 450 23.35 33.14 -9.67
CA VAL D 450 24.02 32.46 -10.78
C VAL D 450 23.37 32.91 -12.08
N ILE D 451 24.21 33.33 -13.02
CA ILE D 451 23.76 33.61 -14.37
C ILE D 451 24.30 32.50 -15.28
N TRP D 452 23.38 31.79 -15.91
CA TRP D 452 23.71 30.69 -16.83
C TRP D 452 23.94 31.22 -18.24
N TYR D 453 24.29 30.31 -19.15
CA TYR D 453 24.36 30.63 -20.58
C TYR D 453 22.98 30.47 -21.23
N PRO D 454 22.72 31.18 -22.34
CA PRO D 454 21.44 30.98 -23.03
C PRO D 454 21.30 29.57 -23.64
N ASP D 455 20.10 29.01 -23.59
CA ASP D 455 19.84 27.64 -24.07
C ASP D 455 19.55 27.55 -25.58
N ASP D 456 18.81 28.51 -26.12
CA ASP D 456 18.31 28.41 -27.50
C ASP D 456 19.16 29.18 -28.52
N SER D 457 20.30 29.68 -28.08
CA SER D 457 21.12 30.57 -28.88
C SER D 457 22.03 29.84 -29.87
N LYS D 458 22.24 30.47 -31.02
CA LYS D 458 23.21 29.99 -32.00
C LYS D 458 24.57 30.65 -31.81
N LYS D 459 24.63 31.61 -30.90
CA LYS D 459 25.85 32.34 -30.55
C LYS D 459 26.87 31.41 -29.91
N GLU D 460 28.15 31.67 -30.17
CA GLU D 460 29.23 30.83 -29.68
C GLU D 460 29.89 31.44 -28.44
N TYR D 461 30.08 30.60 -27.43
CA TYR D 461 30.75 31.04 -26.21
C TYR D 461 31.97 30.14 -25.93
N ASN D 462 33.14 30.66 -26.30
CA ASN D 462 34.40 29.94 -26.15
C ASN D 462 34.69 29.49 -24.73
N SER D 463 34.10 30.18 -23.77
CA SER D 463 34.35 29.91 -22.36
C SER D 463 33.34 28.90 -21.80
N LYS D 464 32.27 28.66 -22.55
CA LYS D 464 31.27 27.67 -22.15
C LYS D 464 31.81 26.26 -22.42
N PRO D 465 31.99 25.45 -21.35
CA PRO D 465 32.57 24.13 -21.50
C PRO D 465 31.59 23.13 -22.15
N LYS D 466 32.12 22.25 -22.98
CA LYS D 466 31.34 21.19 -23.61
C LYS D 466 31.32 19.92 -22.75
N LEU D 467 32.44 19.69 -22.04
CA LEU D 467 32.63 18.49 -21.24
C LEU D 467 33.07 18.83 -19.82
N ILE D 468 32.83 17.89 -18.90
CA ILE D 468 33.37 17.97 -17.55
C ILE D 468 34.80 17.44 -17.55
N THR D 469 35.69 18.26 -16.98
CA THR D 469 37.09 17.89 -16.79
C THR D 469 37.47 18.21 -15.36
N ASN D 470 38.58 17.63 -14.91
CA ASN D 470 39.11 17.90 -13.57
C ASN D 470 39.55 19.35 -13.36
N LYS D 471 40.16 19.94 -14.37
CA LYS D 471 40.56 21.35 -14.33
C LYS D 471 39.37 22.32 -14.12
N LEU D 472 38.23 22.01 -14.73
CA LEU D 472 37.00 22.81 -14.57
C LEU D 472 36.47 22.83 -13.14
N MET D 473 36.85 21.82 -12.36
CA MET D 473 36.33 21.65 -11.01
C MET D 473 36.91 22.64 -10.01
N GLU D 474 38.11 23.17 -10.32
CA GLU D 474 38.79 24.18 -9.49
C GLU D 474 38.99 23.70 -8.04
N HIS D 475 39.20 22.41 -7.88
CA HIS D 475 39.33 21.79 -6.56
C HIS D 475 40.75 21.26 -6.30
N ASN D 476 40.97 20.66 -5.14
CA ASN D 476 42.29 20.10 -4.82
C ASN D 476 42.43 18.61 -5.15
N CYS D 477 41.33 18.00 -5.61
CA CYS D 477 41.34 16.60 -5.98
C CYS D 477 41.99 16.35 -7.35
N ASP D 478 42.50 15.15 -7.58
CA ASP D 478 43.13 14.84 -8.88
C ASP D 478 42.19 14.13 -9.87
N TYR D 479 40.91 13.99 -9.51
CA TYR D 479 39.90 13.40 -10.41
C TYR D 479 38.49 13.88 -10.06
N THR D 480 37.60 13.76 -11.04
CA THR D 480 36.15 13.88 -10.85
C THR D 480 35.47 12.68 -11.51
N PRO D 481 34.47 12.07 -10.84
CA PRO D 481 33.81 10.88 -11.38
C PRO D 481 33.10 11.10 -12.72
N PHE D 482 32.74 12.34 -13.01
CA PHE D 482 32.01 12.66 -14.24
C PHE D 482 32.94 13.10 -15.39
N GLU D 483 34.23 12.81 -15.26
CA GLU D 483 35.23 13.18 -16.27
C GLU D 483 34.83 12.71 -17.68
N GLY D 484 34.86 13.63 -18.63
CA GLY D 484 34.66 13.31 -20.03
C GLY D 484 33.24 13.39 -20.56
N ILE D 485 32.26 13.57 -19.68
CA ILE D 485 30.86 13.59 -20.10
C ILE D 485 30.44 14.96 -20.63
N GLU D 486 29.49 14.94 -21.58
CA GLU D 486 28.90 16.16 -22.12
C GLU D 486 28.08 16.91 -21.08
N ILE D 487 28.30 18.21 -20.98
CA ILE D 487 27.51 19.08 -20.10
C ILE D 487 26.92 20.23 -20.92
N LYS D 488 25.62 20.43 -20.80
CA LYS D 488 24.88 21.31 -21.70
C LYS D 488 24.74 22.78 -21.25
N ASN D 489 25.10 23.05 -20.01
CA ASN D 489 25.17 24.41 -19.50
C ASN D 489 26.10 24.49 -18.29
N TRP D 490 26.64 25.68 -18.05
CA TRP D 490 27.52 25.92 -16.93
C TRP D 490 27.24 27.33 -16.42
N PRO D 491 27.49 27.60 -15.12
CA PRO D 491 27.50 28.99 -14.68
C PRO D 491 28.39 29.86 -15.55
N ARG D 492 27.84 31.01 -15.98
CA ARG D 492 28.57 31.99 -16.74
C ARG D 492 29.09 33.05 -15.77
N TYR D 493 28.27 33.37 -14.78
CA TYR D 493 28.64 34.24 -13.69
C TYR D 493 28.16 33.61 -12.39
N THR D 494 29.04 33.59 -11.39
CA THR D 494 28.62 33.28 -10.02
C THR D 494 28.86 34.53 -9.18
N ILE D 495 27.79 35.05 -8.59
CA ILE D 495 27.84 36.26 -7.77
C ILE D 495 27.66 35.89 -6.30
N VAL D 496 28.64 36.23 -5.47
CA VAL D 496 28.59 35.94 -4.05
C VAL D 496 28.60 37.25 -3.28
N LYS D 497 27.52 37.46 -2.51
CA LYS D 497 27.31 38.69 -1.72
C LYS D 497 27.60 39.96 -2.54
N GLY D 498 27.00 40.03 -3.73
CA GLY D 498 27.11 41.21 -4.59
C GLY D 498 28.33 41.29 -5.50
N LYS D 499 29.27 40.35 -5.34
CA LYS D 499 30.54 40.40 -6.06
C LYS D 499 30.72 39.22 -7.00
N ILE D 500 31.24 39.48 -8.18
CA ILE D 500 31.54 38.44 -9.16
C ILE D 500 32.78 37.67 -8.71
N VAL D 501 32.58 36.41 -8.31
CA VAL D 501 33.70 35.58 -7.88
C VAL D 501 34.09 34.60 -8.97
N TYR D 502 33.18 34.40 -9.94
CA TYR D 502 33.43 33.51 -11.05
C TYR D 502 32.80 34.08 -12.31
N LYS D 503 33.63 34.21 -13.35
CA LYS D 503 33.22 34.78 -14.63
C LYS D 503 33.83 33.98 -15.78
N GLU D 504 32.98 33.28 -16.54
CA GLU D 504 33.37 32.67 -17.83
C GLU D 504 34.63 31.80 -17.73
N GLY D 505 34.63 30.90 -16.74
CA GLY D 505 35.75 29.97 -16.54
C GLY D 505 36.80 30.41 -15.54
N GLU D 506 36.78 31.69 -15.16
CA GLU D 506 37.80 32.24 -14.25
C GLU D 506 37.26 32.55 -12.86
N ILE D 507 38.01 32.13 -11.85
CA ILE D 507 37.76 32.50 -10.45
C ILE D 507 38.45 33.83 -10.17
N LEU D 508 37.74 34.78 -9.58
CA LEU D 508 38.33 36.07 -9.24
C LEU D 508 38.59 36.14 -7.75
N LYS D 509 39.80 35.71 -7.35
CA LYS D 509 40.18 35.56 -5.94
C LYS D 509 40.14 36.85 -5.12
N GLU D 510 40.40 38.00 -5.75
CA GLU D 510 40.31 39.29 -5.05
C GLU D 510 38.89 39.59 -4.52
N ASN D 511 37.88 38.95 -5.10
CA ASN D 511 36.49 39.11 -4.67
C ASN D 511 36.02 38.03 -3.69
N ALA D 512 36.94 37.16 -3.26
CA ALA D 512 36.64 36.13 -2.25
C ALA D 512 36.56 36.74 -0.86
N ASP D 513 35.38 36.66 -0.25
CA ASP D 513 35.13 37.27 1.06
C ASP D 513 34.16 36.43 1.92
N GLY D 514 34.19 35.12 1.73
CA GLY D 514 33.36 34.19 2.50
C GLY D 514 33.61 34.22 4.00
N LYS D 515 32.55 33.98 4.78
CA LYS D 515 32.63 33.97 6.24
C LYS D 515 31.88 32.80 6.83
N TYR D 516 32.20 32.47 8.08
CA TYR D 516 31.42 31.52 8.82
C TYR D 516 30.01 32.06 9.01
N LEU D 517 29.02 31.18 8.87
CA LEU D 517 27.63 31.57 8.94
C LEU D 517 26.98 31.03 10.20
N LYS D 518 26.56 31.92 11.10
CA LYS D 518 25.69 31.53 12.20
C LYS D 518 24.28 31.37 11.64
N ARG D 519 23.62 30.28 12.00
CA ARG D 519 22.31 29.96 11.45
C ARG D 519 21.24 30.01 12.56
N GLY D 520 19.99 30.20 12.16
CA GLY D 520 18.88 30.17 13.10
C GLY D 520 18.21 28.81 13.19
N LYS D 521 17.14 28.75 13.95
CA LYS D 521 16.30 27.56 14.03
C LYS D 521 15.40 27.52 12.80
N SER D 522 15.25 26.34 12.22
CA SER D 522 14.38 26.17 11.07
C SER D 522 12.90 26.19 11.45
N PHE D 523 12.10 26.88 10.65
CA PHE D 523 10.66 26.92 10.84
C PHE D 523 10.01 25.58 10.42
N MET D 524 10.75 24.81 9.64
CA MET D 524 10.29 23.50 9.20
C MET D 524 10.49 22.41 10.25
N CYS D 525 11.32 22.71 11.25
CA CYS D 525 11.68 21.71 12.26
C CYS D 525 11.03 21.95 13.65
N THR D 526 9.98 22.77 13.68
CA THR D 526 9.11 22.86 14.85
C THR D 526 8.27 21.56 14.91
N PRO D 527 7.95 21.06 16.10
CA PRO D 527 7.27 19.75 16.17
C PRO D 527 5.80 19.78 15.73
N LYS D 528 5.32 18.67 15.17
CA LYS D 528 3.90 18.48 14.89
C LYS D 528 3.01 18.51 16.14
N ASN D 529 3.59 18.19 17.31
CA ASN D 529 2.84 18.00 18.55
C ASN D 529 1.85 16.85 18.49
N GLU D 530 2.31 15.76 17.88
CA GLU D 530 1.48 14.59 17.68
C GLU D 530 2.19 13.42 18.34
N TRP D 531 1.44 12.60 19.07
CA TRP D 531 2.04 11.54 19.85
C TRP D 531 1.32 10.21 19.66
N VAL D 532 2.06 9.14 19.90
CA VAL D 532 1.55 7.78 19.80
C VAL D 532 0.83 7.36 21.09
N THR D 533 1.33 7.80 22.24
CA THR D 533 0.70 7.51 23.53
C THR D 533 0.41 8.79 24.29
N GLU D 534 -0.08 8.65 25.51
CA GLU D 534 -0.33 9.79 26.39
C GLU D 534 0.95 10.41 26.99
N TRP D 535 2.08 9.71 26.86
CA TRP D 535 3.35 10.21 27.39
C TRP D 535 3.75 11.52 26.72
N ARG D 536 4.24 12.45 27.52
CA ARG D 536 4.79 13.72 27.06
C ARG D 536 6.12 13.96 27.78
N PRO D 537 7.07 14.62 27.10
CA PRO D 537 8.31 15.03 27.75
C PRO D 537 8.03 16.01 28.88
N LYS D 538 8.79 15.88 29.97
CA LYS D 538 8.61 16.68 31.17
C LYS D 538 8.43 18.19 30.92
N TYR D 539 9.09 18.71 29.89
CA TYR D 539 9.09 20.17 29.63
C TYR D 539 7.78 20.76 29.07
N GLU D 540 6.66 20.05 29.21
CA GLU D 540 5.36 20.61 28.86
C GLU D 540 4.47 20.80 30.08
#